data_5GZG
# 
_entry.id   5GZG 
# 
_audit_conform.dict_name       mmcif_pdbx.dic 
_audit_conform.dict_version    5.387 
_audit_conform.dict_location   http://mmcif.pdb.org/dictionaries/ascii/mmcif_pdbx.dic 
# 
loop_
_database_2.database_id 
_database_2.database_code 
_database_2.pdbx_database_accession 
_database_2.pdbx_DOI 
PDB   5GZG         pdb_00005gzg 10.2210/pdb5gzg/pdb 
WWPDB D_1300001727 ?            ?                   
# 
loop_
_pdbx_audit_revision_history.ordinal 
_pdbx_audit_revision_history.data_content_type 
_pdbx_audit_revision_history.major_revision 
_pdbx_audit_revision_history.minor_revision 
_pdbx_audit_revision_history.revision_date 
1 'Structure model' 1 0 2016-12-21 
2 'Structure model' 1 1 2019-12-25 
3 'Structure model' 2 0 2020-07-29 
4 'Structure model' 2 1 2024-03-20 
# 
loop_
_pdbx_audit_revision_details.ordinal 
_pdbx_audit_revision_details.revision_ordinal 
_pdbx_audit_revision_details.data_content_type 
_pdbx_audit_revision_details.provider 
_pdbx_audit_revision_details.type 
_pdbx_audit_revision_details.description 
_pdbx_audit_revision_details.details 
1 1 'Structure model' repository 'Initial release' ?                          ? 
2 3 'Structure model' repository Remediation       'Carbohydrate remediation' ? 
# 
loop_
_pdbx_audit_revision_group.ordinal 
_pdbx_audit_revision_group.revision_ordinal 
_pdbx_audit_revision_group.data_content_type 
_pdbx_audit_revision_group.group 
1 2 'Structure model' 'Database references'     
2 3 'Structure model' 'Atomic model'            
3 3 'Structure model' 'Data collection'         
4 3 'Structure model' 'Derived calculations'    
5 3 'Structure model' 'Non-polymer description' 
6 3 'Structure model' 'Structure summary'       
7 4 'Structure model' 'Data collection'         
8 4 'Structure model' 'Database references'     
9 4 'Structure model' 'Structure summary'       
# 
loop_
_pdbx_audit_revision_category.ordinal 
_pdbx_audit_revision_category.revision_ordinal 
_pdbx_audit_revision_category.data_content_type 
_pdbx_audit_revision_category.category 
1  2 'Structure model' citation                      
2  2 'Structure model' citation_author               
3  3 'Structure model' atom_site                     
4  3 'Structure model' chem_comp                     
5  3 'Structure model' entity                        
6  3 'Structure model' entity_name_com               
7  3 'Structure model' pdbx_branch_scheme            
8  3 'Structure model' pdbx_chem_comp_identifier     
9  3 'Structure model' pdbx_entity_branch            
10 3 'Structure model' pdbx_entity_branch_descriptor 
11 3 'Structure model' pdbx_entity_branch_link       
12 3 'Structure model' pdbx_entity_branch_list       
13 3 'Structure model' pdbx_entity_nonpoly           
14 3 'Structure model' pdbx_molecule_features        
15 3 'Structure model' pdbx_nonpoly_scheme           
16 3 'Structure model' pdbx_struct_conn_angle        
17 3 'Structure model' struct_conn                   
18 3 'Structure model' struct_conn_type              
19 3 'Structure model' struct_site                   
20 3 'Structure model' struct_site_gen               
21 4 'Structure model' chem_comp                     
22 4 'Structure model' chem_comp_atom                
23 4 'Structure model' chem_comp_bond                
24 4 'Structure model' database_2                    
# 
loop_
_pdbx_audit_revision_item.ordinal 
_pdbx_audit_revision_item.revision_ordinal 
_pdbx_audit_revision_item.data_content_type 
_pdbx_audit_revision_item.item 
1  2 'Structure model' '_citation.page_first'                        
2  2 'Structure model' '_citation.page_last'                         
3  2 'Structure model' '_citation.pdbx_database_id_PubMed'           
4  2 'Structure model' '_citation.title'                             
5  2 'Structure model' '_citation_author.name'                       
6  3 'Structure model' '_atom_site.B_iso_or_equiv'                   
7  3 'Structure model' '_atom_site.Cartn_x'                          
8  3 'Structure model' '_atom_site.Cartn_y'                          
9  3 'Structure model' '_atom_site.Cartn_z'                          
10 3 'Structure model' '_atom_site.auth_asym_id'                     
11 3 'Structure model' '_atom_site.auth_atom_id'                     
12 3 'Structure model' '_atom_site.auth_comp_id'                     
13 3 'Structure model' '_atom_site.auth_seq_id'                      
14 3 'Structure model' '_atom_site.label_atom_id'                    
15 3 'Structure model' '_atom_site.label_comp_id'                    
16 3 'Structure model' '_chem_comp.formula'                          
17 3 'Structure model' '_chem_comp.formula_weight'                   
18 3 'Structure model' '_chem_comp.id'                               
19 3 'Structure model' '_chem_comp.mon_nstd_flag'                    
20 3 'Structure model' '_chem_comp.name'                             
21 3 'Structure model' '_chem_comp.type'                             
22 3 'Structure model' '_entity.formula_weight'                      
23 3 'Structure model' '_entity.pdbx_description'                    
24 3 'Structure model' '_entity.type'                                
25 3 'Structure model' '_pdbx_struct_conn_angle.ptnr1_auth_comp_id'  
26 3 'Structure model' '_pdbx_struct_conn_angle.ptnr1_auth_seq_id'   
27 3 'Structure model' '_pdbx_struct_conn_angle.ptnr1_label_atom_id' 
28 3 'Structure model' '_pdbx_struct_conn_angle.ptnr1_label_comp_id' 
29 3 'Structure model' '_pdbx_struct_conn_angle.ptnr1_label_seq_id'  
30 3 'Structure model' '_pdbx_struct_conn_angle.ptnr2_symmetry'      
31 3 'Structure model' '_pdbx_struct_conn_angle.ptnr3_auth_comp_id'  
32 3 'Structure model' '_pdbx_struct_conn_angle.ptnr3_auth_seq_id'   
33 3 'Structure model' '_pdbx_struct_conn_angle.ptnr3_label_atom_id' 
34 3 'Structure model' '_pdbx_struct_conn_angle.ptnr3_label_comp_id' 
35 3 'Structure model' '_pdbx_struct_conn_angle.ptnr3_label_seq_id'  
36 3 'Structure model' '_pdbx_struct_conn_angle.value'               
37 4 'Structure model' '_chem_comp.pdbx_synonyms'                    
38 4 'Structure model' '_database_2.pdbx_DOI'                        
39 4 'Structure model' '_database_2.pdbx_database_accession'         
# 
_pdbx_database_status.status_code                     REL 
_pdbx_database_status.status_code_sf                  REL 
_pdbx_database_status.status_code_mr                  ? 
_pdbx_database_status.entry_id                        5GZG 
_pdbx_database_status.recvd_initial_deposition_date   2016-09-28 
_pdbx_database_status.SG_entry                        N 
_pdbx_database_status.deposit_site                    PDBJ 
_pdbx_database_status.process_site                    PDBJ 
_pdbx_database_status.status_code_cs                  ? 
_pdbx_database_status.methods_development_category    ? 
_pdbx_database_status.pdb_format_compatible           Y 
_pdbx_database_status.status_code_nmr_data            ? 
# 
loop_
_pdbx_database_related.content_type 
_pdbx_database_related.db_id 
_pdbx_database_related.db_name 
_pdbx_database_related.details 
unspecified 5GZC PDB . 
unspecified 5GZD PDB . 
unspecified 5GZE PDB . 
unspecified 5GZF PDB . 
# 
loop_
_audit_author.name 
_audit_author.pdbx_ordinal 
'Su, J.Y.' 1 
'Si, Y.L.' 2 
# 
_citation.abstract                  ? 
_citation.abstract_id_CAS           ? 
_citation.book_id_ISBN              ? 
_citation.book_publisher            ? 
_citation.book_publisher_city       ? 
_citation.book_title                ? 
_citation.coordinate_linkage        ? 
_citation.country                   CH 
_citation.database_id_Medline       ? 
_citation.details                   ? 
_citation.id                        primary 
_citation.journal_abbrev            'Int J Mol Sci' 
_citation.journal_id_ASTM           ? 
_citation.journal_id_CSD            ? 
_citation.journal_id_ISSN           1422-0067 
_citation.journal_full              ? 
_citation.journal_issue             ? 
_citation.journal_volume            17 
_citation.language                  ? 
_citation.page_first                ? 
_citation.page_last                 ? 
_citation.title                     
'Crystallization of Galectin-8 Linker Reveals Intricate Relationship between the N-terminal Tail and the Linker.' 
_citation.year                      2016 
_citation.database_id_CSD           ? 
_citation.pdbx_database_id_DOI      10.3390/ijms17122088 
_citation.pdbx_database_id_PubMed   27973456 
_citation.unpublished_flag          ? 
# 
loop_
_citation_author.citation_id 
_citation_author.name 
_citation_author.ordinal 
_citation_author.identifier_ORCID 
primary 'Si, Y.'   1 ? 
primary 'Wang, Y.' 2 ? 
primary 'Gao, J.'  3 ? 
primary 'Song, C.' 4 ? 
primary 'Feng, S.' 5 ? 
primary 'Zhou, Y.' 6 ? 
primary 'Tai, G.'  7 ? 
primary 'Su, J.'   8 ? 
# 
loop_
_entity.id 
_entity.type 
_entity.src_method 
_entity.pdbx_description 
_entity.formula_weight 
_entity.pdbx_number_of_molecules 
_entity.pdbx_ec 
_entity.pdbx_mutation 
_entity.pdbx_fragment 
_entity.details 
1 polymer     man Galectin-8                                          21205.297 1  ? ? 
'carbohydrate recognition domain (UNP RESIDUES 1-186)' ? 
2 branched    man 'beta-D-galactopyranose-(1-4)-beta-D-glucopyranose' 342.297   1  ? ? ? ? 
3 non-polymer syn 'SODIUM ION'                                        22.990    1  ? ? ? ? 
4 non-polymer syn 'NICKEL (II) ION'                                   58.693    1  ? ? ? ? 
5 water       nat water                                               18.015    81 ? ? ? ? 
# 
loop_
_entity_name_com.entity_id 
_entity_name_com.name 
1 'Gal-8,Po66 carbohydrate-binding protein,Po66-CBP,Prostate carcinoma tumor antigen 1,PCTA-1' 
2 beta-lactose                                                                                 
# 
_entity_poly.entity_id                      1 
_entity_poly.type                           'polypeptide(L)' 
_entity_poly.nstd_linkage                   no 
_entity_poly.nstd_monomer                   no 
_entity_poly.pdbx_seq_one_letter_code       
;GSHMMLSLNNLQNIIYNPVIPFVGTIPDQLDPGTLIVIRGHVPSDADRFQVDLQNGSSMKPRADVAFHFNPRFKRAGCIV
CNTLINEKWGREEITYDTPFKREKSFEIVIMVLKDKFQVAVNGKHTLLYGHRIGPEKIDTLGIYGKVNIHSIGFSFSSDL
QSTQASSLELTEISRENVPKSGTPQLRLP
;
_entity_poly.pdbx_seq_one_letter_code_can   
;GSHMMLSLNNLQNIIYNPVIPFVGTIPDQLDPGTLIVIRGHVPSDADRFQVDLQNGSSMKPRADVAFHFNPRFKRAGCIV
CNTLINEKWGREEITYDTPFKREKSFEIVIMVLKDKFQVAVNGKHTLLYGHRIGPEKIDTLGIYGKVNIHSIGFSFSSDL
QSTQASSLELTEISRENVPKSGTPQLRLP
;
_entity_poly.pdbx_strand_id                 A 
_entity_poly.pdbx_target_identifier         ? 
# 
loop_
_pdbx_entity_nonpoly.entity_id 
_pdbx_entity_nonpoly.name 
_pdbx_entity_nonpoly.comp_id 
3 'SODIUM ION'      NA  
4 'NICKEL (II) ION' NI  
5 water             HOH 
# 
loop_
_entity_poly_seq.entity_id 
_entity_poly_seq.num 
_entity_poly_seq.mon_id 
_entity_poly_seq.hetero 
1 1   GLY n 
1 2   SER n 
1 3   HIS n 
1 4   MET n 
1 5   MET n 
1 6   LEU n 
1 7   SER n 
1 8   LEU n 
1 9   ASN n 
1 10  ASN n 
1 11  LEU n 
1 12  GLN n 
1 13  ASN n 
1 14  ILE n 
1 15  ILE n 
1 16  TYR n 
1 17  ASN n 
1 18  PRO n 
1 19  VAL n 
1 20  ILE n 
1 21  PRO n 
1 22  PHE n 
1 23  VAL n 
1 24  GLY n 
1 25  THR n 
1 26  ILE n 
1 27  PRO n 
1 28  ASP n 
1 29  GLN n 
1 30  LEU n 
1 31  ASP n 
1 32  PRO n 
1 33  GLY n 
1 34  THR n 
1 35  LEU n 
1 36  ILE n 
1 37  VAL n 
1 38  ILE n 
1 39  ARG n 
1 40  GLY n 
1 41  HIS n 
1 42  VAL n 
1 43  PRO n 
1 44  SER n 
1 45  ASP n 
1 46  ALA n 
1 47  ASP n 
1 48  ARG n 
1 49  PHE n 
1 50  GLN n 
1 51  VAL n 
1 52  ASP n 
1 53  LEU n 
1 54  GLN n 
1 55  ASN n 
1 56  GLY n 
1 57  SER n 
1 58  SER n 
1 59  MET n 
1 60  LYS n 
1 61  PRO n 
1 62  ARG n 
1 63  ALA n 
1 64  ASP n 
1 65  VAL n 
1 66  ALA n 
1 67  PHE n 
1 68  HIS n 
1 69  PHE n 
1 70  ASN n 
1 71  PRO n 
1 72  ARG n 
1 73  PHE n 
1 74  LYS n 
1 75  ARG n 
1 76  ALA n 
1 77  GLY n 
1 78  CYS n 
1 79  ILE n 
1 80  VAL n 
1 81  CYS n 
1 82  ASN n 
1 83  THR n 
1 84  LEU n 
1 85  ILE n 
1 86  ASN n 
1 87  GLU n 
1 88  LYS n 
1 89  TRP n 
1 90  GLY n 
1 91  ARG n 
1 92  GLU n 
1 93  GLU n 
1 94  ILE n 
1 95  THR n 
1 96  TYR n 
1 97  ASP n 
1 98  THR n 
1 99  PRO n 
1 100 PHE n 
1 101 LYS n 
1 102 ARG n 
1 103 GLU n 
1 104 LYS n 
1 105 SER n 
1 106 PHE n 
1 107 GLU n 
1 108 ILE n 
1 109 VAL n 
1 110 ILE n 
1 111 MET n 
1 112 VAL n 
1 113 LEU n 
1 114 LYS n 
1 115 ASP n 
1 116 LYS n 
1 117 PHE n 
1 118 GLN n 
1 119 VAL n 
1 120 ALA n 
1 121 VAL n 
1 122 ASN n 
1 123 GLY n 
1 124 LYS n 
1 125 HIS n 
1 126 THR n 
1 127 LEU n 
1 128 LEU n 
1 129 TYR n 
1 130 GLY n 
1 131 HIS n 
1 132 ARG n 
1 133 ILE n 
1 134 GLY n 
1 135 PRO n 
1 136 GLU n 
1 137 LYS n 
1 138 ILE n 
1 139 ASP n 
1 140 THR n 
1 141 LEU n 
1 142 GLY n 
1 143 ILE n 
1 144 TYR n 
1 145 GLY n 
1 146 LYS n 
1 147 VAL n 
1 148 ASN n 
1 149 ILE n 
1 150 HIS n 
1 151 SER n 
1 152 ILE n 
1 153 GLY n 
1 154 PHE n 
1 155 SER n 
1 156 PHE n 
1 157 SER n 
1 158 SER n 
1 159 ASP n 
1 160 LEU n 
1 161 GLN n 
1 162 SER n 
1 163 THR n 
1 164 GLN n 
1 165 ALA n 
1 166 SER n 
1 167 SER n 
1 168 LEU n 
1 169 GLU n 
1 170 LEU n 
1 171 THR n 
1 172 GLU n 
1 173 ILE n 
1 174 SER n 
1 175 ARG n 
1 176 GLU n 
1 177 ASN n 
1 178 VAL n 
1 179 PRO n 
1 180 LYS n 
1 181 SER n 
1 182 GLY n 
1 183 THR n 
1 184 PRO n 
1 185 GLN n 
1 186 LEU n 
1 187 ARG n 
1 188 LEU n 
1 189 PRO n 
# 
_entity_src_gen.entity_id                          1 
_entity_src_gen.pdbx_src_id                        1 
_entity_src_gen.pdbx_alt_source_flag               sample 
_entity_src_gen.pdbx_seq_type                      'Biological sequence' 
_entity_src_gen.pdbx_beg_seq_num                   1 
_entity_src_gen.pdbx_end_seq_num                   189 
_entity_src_gen.gene_src_common_name               Human 
_entity_src_gen.gene_src_genus                     ? 
_entity_src_gen.pdbx_gene_src_gene                 LGALS8 
_entity_src_gen.gene_src_species                   ? 
_entity_src_gen.gene_src_strain                    ? 
_entity_src_gen.gene_src_tissue                    ? 
_entity_src_gen.gene_src_tissue_fraction           ? 
_entity_src_gen.gene_src_details                   ? 
_entity_src_gen.pdbx_gene_src_fragment             ? 
_entity_src_gen.pdbx_gene_src_scientific_name      'Homo sapiens' 
_entity_src_gen.pdbx_gene_src_ncbi_taxonomy_id     9606 
_entity_src_gen.pdbx_gene_src_variant              ? 
_entity_src_gen.pdbx_gene_src_cell_line            ? 
_entity_src_gen.pdbx_gene_src_atcc                 ? 
_entity_src_gen.pdbx_gene_src_organ                ? 
_entity_src_gen.pdbx_gene_src_organelle            ? 
_entity_src_gen.pdbx_gene_src_cell                 ? 
_entity_src_gen.pdbx_gene_src_cellular_location    ? 
_entity_src_gen.host_org_common_name               ? 
_entity_src_gen.pdbx_host_org_scientific_name      'Escherichia coli' 
_entity_src_gen.pdbx_host_org_ncbi_taxonomy_id     562 
_entity_src_gen.host_org_genus                     ? 
_entity_src_gen.pdbx_host_org_gene                 ? 
_entity_src_gen.pdbx_host_org_organ                ? 
_entity_src_gen.host_org_species                   ? 
_entity_src_gen.pdbx_host_org_tissue               ? 
_entity_src_gen.pdbx_host_org_tissue_fraction      ? 
_entity_src_gen.pdbx_host_org_strain               ? 
_entity_src_gen.pdbx_host_org_variant              ? 
_entity_src_gen.pdbx_host_org_cell_line            ? 
_entity_src_gen.pdbx_host_org_atcc                 ? 
_entity_src_gen.pdbx_host_org_culture_collection   ? 
_entity_src_gen.pdbx_host_org_cell                 ? 
_entity_src_gen.pdbx_host_org_organelle            ? 
_entity_src_gen.pdbx_host_org_cellular_location    ? 
_entity_src_gen.pdbx_host_org_vector_type          ? 
_entity_src_gen.pdbx_host_org_vector               ? 
_entity_src_gen.host_org_details                   ? 
_entity_src_gen.expression_system_id               ? 
_entity_src_gen.plasmid_name                       ? 
_entity_src_gen.plasmid_details                    ? 
_entity_src_gen.pdbx_description                   ? 
# 
_pdbx_entity_branch.entity_id   2 
_pdbx_entity_branch.type        oligosaccharide 
# 
loop_
_pdbx_entity_branch_descriptor.ordinal 
_pdbx_entity_branch_descriptor.entity_id 
_pdbx_entity_branch_descriptor.descriptor 
_pdbx_entity_branch_descriptor.type 
_pdbx_entity_branch_descriptor.program 
_pdbx_entity_branch_descriptor.program_version 
1 2 DGalpb1-4DGlcpb1-ROH                                       'Glycam Condensed Sequence' GMML       1.0   
2 2 'WURCS=2.0/2,2,1/[a2122h-1b_1-5][a2112h-1b_1-5]/1-2/a4-b1' WURCS                       PDB2Glycan 1.1.0 
3 2 '[][b-D-Glcp]{[(4+1)][b-D-Galp]{}}'                        LINUCS                      PDB-CARE   ?     
# 
_pdbx_entity_branch_link.link_id                    1 
_pdbx_entity_branch_link.entity_id                  2 
_pdbx_entity_branch_link.entity_branch_list_num_1   2 
_pdbx_entity_branch_link.comp_id_1                  GAL 
_pdbx_entity_branch_link.atom_id_1                  C1 
_pdbx_entity_branch_link.leaving_atom_id_1          O1 
_pdbx_entity_branch_link.entity_branch_list_num_2   1 
_pdbx_entity_branch_link.comp_id_2                  BGC 
_pdbx_entity_branch_link.atom_id_2                  O4 
_pdbx_entity_branch_link.leaving_atom_id_2          HO4 
_pdbx_entity_branch_link.value_order                sing 
_pdbx_entity_branch_link.details                    ? 
# 
loop_
_chem_comp.id 
_chem_comp.type 
_chem_comp.mon_nstd_flag 
_chem_comp.name 
_chem_comp.pdbx_synonyms 
_chem_comp.formula 
_chem_comp.formula_weight 
ALA 'L-peptide linking'          y ALANINE                ?                                          'C3 H7 N O2'     89.093  
ARG 'L-peptide linking'          y ARGININE               ?                                          'C6 H15 N4 O2 1' 175.209 
ASN 'L-peptide linking'          y ASPARAGINE             ?                                          'C4 H8 N2 O3'    132.118 
ASP 'L-peptide linking'          y 'ASPARTIC ACID'        ?                                          'C4 H7 N O4'     133.103 
BGC 'D-saccharide, beta linking' . beta-D-glucopyranose   'beta-D-glucose; D-glucose; glucose'       'C6 H12 O6'      180.156 
CYS 'L-peptide linking'          y CYSTEINE               ?                                          'C3 H7 N O2 S'   121.158 
GAL 'D-saccharide, beta linking' . beta-D-galactopyranose 'beta-D-galactose; D-galactose; galactose' 'C6 H12 O6'      180.156 
GLN 'L-peptide linking'          y GLUTAMINE              ?                                          'C5 H10 N2 O3'   146.144 
GLU 'L-peptide linking'          y 'GLUTAMIC ACID'        ?                                          'C5 H9 N O4'     147.129 
GLY 'peptide linking'            y GLYCINE                ?                                          'C2 H5 N O2'     75.067  
HIS 'L-peptide linking'          y HISTIDINE              ?                                          'C6 H10 N3 O2 1' 156.162 
HOH non-polymer                  . WATER                  ?                                          'H2 O'           18.015  
ILE 'L-peptide linking'          y ISOLEUCINE             ?                                          'C6 H13 N O2'    131.173 
LEU 'L-peptide linking'          y LEUCINE                ?                                          'C6 H13 N O2'    131.173 
LYS 'L-peptide linking'          y LYSINE                 ?                                          'C6 H15 N2 O2 1' 147.195 
MET 'L-peptide linking'          y METHIONINE             ?                                          'C5 H11 N O2 S'  149.211 
NA  non-polymer                  . 'SODIUM ION'           ?                                          'Na 1'           22.990  
NI  non-polymer                  . 'NICKEL (II) ION'      ?                                          'Ni 2'           58.693  
PHE 'L-peptide linking'          y PHENYLALANINE          ?                                          'C9 H11 N O2'    165.189 
PRO 'L-peptide linking'          y PROLINE                ?                                          'C5 H9 N O2'     115.130 
SER 'L-peptide linking'          y SERINE                 ?                                          'C3 H7 N O3'     105.093 
THR 'L-peptide linking'          y THREONINE              ?                                          'C4 H9 N O3'     119.119 
TRP 'L-peptide linking'          y TRYPTOPHAN             ?                                          'C11 H12 N2 O2'  204.225 
TYR 'L-peptide linking'          y TYROSINE               ?                                          'C9 H11 N O3'    181.189 
VAL 'L-peptide linking'          y VALINE                 ?                                          'C5 H11 N O2'    117.146 
# 
loop_
_pdbx_chem_comp_identifier.comp_id 
_pdbx_chem_comp_identifier.type 
_pdbx_chem_comp_identifier.program 
_pdbx_chem_comp_identifier.program_version 
_pdbx_chem_comp_identifier.identifier 
BGC 'CONDENSED IUPAC CARBOHYDRATE SYMBOL' GMML     1.0 DGlcpb              
BGC 'COMMON NAME'                         GMML     1.0 b-D-glucopyranose   
BGC 'IUPAC CARBOHYDRATE SYMBOL'           PDB-CARE 1.0 b-D-Glcp            
BGC 'SNFG CARBOHYDRATE SYMBOL'            GMML     1.0 Glc                 
GAL 'CONDENSED IUPAC CARBOHYDRATE SYMBOL' GMML     1.0 DGalpb              
GAL 'COMMON NAME'                         GMML     1.0 b-D-galactopyranose 
GAL 'IUPAC CARBOHYDRATE SYMBOL'           PDB-CARE 1.0 b-D-Galp            
GAL 'SNFG CARBOHYDRATE SYMBOL'            GMML     1.0 Gal                 
# 
loop_
_pdbx_poly_seq_scheme.asym_id 
_pdbx_poly_seq_scheme.entity_id 
_pdbx_poly_seq_scheme.seq_id 
_pdbx_poly_seq_scheme.mon_id 
_pdbx_poly_seq_scheme.ndb_seq_num 
_pdbx_poly_seq_scheme.pdb_seq_num 
_pdbx_poly_seq_scheme.auth_seq_num 
_pdbx_poly_seq_scheme.pdb_mon_id 
_pdbx_poly_seq_scheme.auth_mon_id 
_pdbx_poly_seq_scheme.pdb_strand_id 
_pdbx_poly_seq_scheme.pdb_ins_code 
_pdbx_poly_seq_scheme.hetero 
A 1 1   GLY 1   -2  ?   ?   ?   A . n 
A 1 2   SER 2   -1  ?   ?   ?   A . n 
A 1 3   HIS 3   0   ?   ?   ?   A . n 
A 1 4   MET 4   1   ?   ?   ?   A . n 
A 1 5   MET 5   2   ?   ?   ?   A . n 
A 1 6   LEU 6   3   ?   ?   ?   A . n 
A 1 7   SER 7   4   ?   ?   ?   A . n 
A 1 8   LEU 8   5   5   LEU LEU A . n 
A 1 9   ASN 9   6   6   ASN ASN A . n 
A 1 10  ASN 10  7   7   ASN ASN A . n 
A 1 11  LEU 11  8   8   LEU LEU A . n 
A 1 12  GLN 12  9   9   GLN GLN A . n 
A 1 13  ASN 13  10  10  ASN ASN A . n 
A 1 14  ILE 14  11  11  ILE ILE A . n 
A 1 15  ILE 15  12  12  ILE ILE A . n 
A 1 16  TYR 16  13  13  TYR TYR A . n 
A 1 17  ASN 17  14  14  ASN ASN A . n 
A 1 18  PRO 18  15  15  PRO PRO A . n 
A 1 19  VAL 19  16  16  VAL VAL A . n 
A 1 20  ILE 20  17  17  ILE ILE A . n 
A 1 21  PRO 21  18  18  PRO PRO A . n 
A 1 22  PHE 22  19  19  PHE PHE A . n 
A 1 23  VAL 23  20  20  VAL VAL A . n 
A 1 24  GLY 24  21  21  GLY GLY A . n 
A 1 25  THR 25  22  22  THR THR A . n 
A 1 26  ILE 26  23  23  ILE ILE A . n 
A 1 27  PRO 27  24  24  PRO PRO A . n 
A 1 28  ASP 28  25  25  ASP ASP A . n 
A 1 29  GLN 29  26  26  GLN GLN A . n 
A 1 30  LEU 30  27  27  LEU LEU A . n 
A 1 31  ASP 31  28  28  ASP ASP A . n 
A 1 32  PRO 32  29  29  PRO PRO A . n 
A 1 33  GLY 33  30  30  GLY GLY A . n 
A 1 34  THR 34  31  31  THR THR A . n 
A 1 35  LEU 35  32  32  LEU LEU A . n 
A 1 36  ILE 36  33  33  ILE ILE A . n 
A 1 37  VAL 37  34  34  VAL VAL A . n 
A 1 38  ILE 38  35  35  ILE ILE A . n 
A 1 39  ARG 39  36  36  ARG ARG A . n 
A 1 40  GLY 40  37  37  GLY GLY A . n 
A 1 41  HIS 41  38  38  HIS HIS A . n 
A 1 42  VAL 42  39  39  VAL VAL A . n 
A 1 43  PRO 43  40  40  PRO PRO A . n 
A 1 44  SER 44  41  41  SER SER A . n 
A 1 45  ASP 45  42  42  ASP ASP A . n 
A 1 46  ALA 46  43  43  ALA ALA A . n 
A 1 47  ASP 47  44  44  ASP ASP A . n 
A 1 48  ARG 48  45  45  ARG ARG A . n 
A 1 49  PHE 49  46  46  PHE PHE A . n 
A 1 50  GLN 50  47  47  GLN GLN A . n 
A 1 51  VAL 51  48  48  VAL VAL A . n 
A 1 52  ASP 52  49  49  ASP ASP A . n 
A 1 53  LEU 53  50  50  LEU LEU A . n 
A 1 54  GLN 54  51  51  GLN GLN A . n 
A 1 55  ASN 55  52  52  ASN ASN A . n 
A 1 56  GLY 56  53  53  GLY GLY A . n 
A 1 57  SER 57  54  54  SER SER A . n 
A 1 58  SER 58  55  55  SER SER A . n 
A 1 59  MET 59  56  56  MET MET A . n 
A 1 60  LYS 60  57  57  LYS LYS A . n 
A 1 61  PRO 61  58  58  PRO PRO A . n 
A 1 62  ARG 62  59  59  ARG ARG A . n 
A 1 63  ALA 63  60  60  ALA ALA A . n 
A 1 64  ASP 64  61  61  ASP ASP A . n 
A 1 65  VAL 65  62  62  VAL VAL A . n 
A 1 66  ALA 66  63  63  ALA ALA A . n 
A 1 67  PHE 67  64  64  PHE PHE A . n 
A 1 68  HIS 68  65  65  HIS HIS A . n 
A 1 69  PHE 69  66  66  PHE PHE A . n 
A 1 70  ASN 70  67  67  ASN ASN A . n 
A 1 71  PRO 71  68  68  PRO PRO A . n 
A 1 72  ARG 72  69  69  ARG ARG A . n 
A 1 73  PHE 73  70  70  PHE PHE A . n 
A 1 74  LYS 74  71  71  LYS LYS A . n 
A 1 75  ARG 75  72  72  ARG ARG A . n 
A 1 76  ALA 76  73  73  ALA ALA A . n 
A 1 77  GLY 77  74  74  GLY GLY A . n 
A 1 78  CYS 78  75  75  CYS CYS A . n 
A 1 79  ILE 79  76  76  ILE ILE A . n 
A 1 80  VAL 80  77  77  VAL VAL A . n 
A 1 81  CYS 81  78  78  CYS CYS A . n 
A 1 82  ASN 82  79  79  ASN ASN A . n 
A 1 83  THR 83  80  80  THR THR A . n 
A 1 84  LEU 84  81  81  LEU LEU A . n 
A 1 85  ILE 85  82  82  ILE ILE A . n 
A 1 86  ASN 86  83  83  ASN ASN A . n 
A 1 87  GLU 87  84  84  GLU GLU A . n 
A 1 88  LYS 88  85  85  LYS LYS A . n 
A 1 89  TRP 89  86  86  TRP TRP A . n 
A 1 90  GLY 90  87  87  GLY GLY A . n 
A 1 91  ARG 91  88  88  ARG ARG A . n 
A 1 92  GLU 92  89  89  GLU GLU A . n 
A 1 93  GLU 93  90  90  GLU GLU A . n 
A 1 94  ILE 94  91  91  ILE ILE A . n 
A 1 95  THR 95  92  92  THR THR A . n 
A 1 96  TYR 96  93  93  TYR TYR A . n 
A 1 97  ASP 97  94  94  ASP ASP A . n 
A 1 98  THR 98  95  95  THR THR A . n 
A 1 99  PRO 99  96  96  PRO PRO A . n 
A 1 100 PHE 100 97  97  PHE PHE A . n 
A 1 101 LYS 101 98  98  LYS LYS A . n 
A 1 102 ARG 102 99  99  ARG ARG A . n 
A 1 103 GLU 103 100 100 GLU GLU A . n 
A 1 104 LYS 104 101 101 LYS LYS A . n 
A 1 105 SER 105 102 102 SER SER A . n 
A 1 106 PHE 106 103 103 PHE PHE A . n 
A 1 107 GLU 107 104 104 GLU GLU A . n 
A 1 108 ILE 108 105 105 ILE ILE A . n 
A 1 109 VAL 109 106 106 VAL VAL A . n 
A 1 110 ILE 110 107 107 ILE ILE A . n 
A 1 111 MET 111 108 108 MET MET A . n 
A 1 112 VAL 112 109 109 VAL VAL A . n 
A 1 113 LEU 113 110 110 LEU LEU A . n 
A 1 114 LYS 114 111 111 LYS LYS A . n 
A 1 115 ASP 115 112 112 ASP ASP A . n 
A 1 116 LYS 116 113 113 LYS LYS A . n 
A 1 117 PHE 117 114 114 PHE PHE A . n 
A 1 118 GLN 118 115 115 GLN GLN A . n 
A 1 119 VAL 119 116 116 VAL VAL A . n 
A 1 120 ALA 120 117 117 ALA ALA A . n 
A 1 121 VAL 121 118 118 VAL VAL A . n 
A 1 122 ASN 122 119 119 ASN ASN A . n 
A 1 123 GLY 123 120 120 GLY GLY A . n 
A 1 124 LYS 124 121 121 LYS LYS A . n 
A 1 125 HIS 125 122 122 HIS HIS A . n 
A 1 126 THR 126 123 123 THR THR A . n 
A 1 127 LEU 127 124 124 LEU LEU A . n 
A 1 128 LEU 128 125 125 LEU LEU A . n 
A 1 129 TYR 129 126 126 TYR TYR A . n 
A 1 130 GLY 130 127 127 GLY GLY A . n 
A 1 131 HIS 131 128 128 HIS HIS A . n 
A 1 132 ARG 132 129 129 ARG ARG A . n 
A 1 133 ILE 133 130 130 ILE ILE A . n 
A 1 134 GLY 134 131 131 GLY GLY A . n 
A 1 135 PRO 135 132 132 PRO PRO A . n 
A 1 136 GLU 136 133 133 GLU GLU A . n 
A 1 137 LYS 137 134 134 LYS LYS A . n 
A 1 138 ILE 138 135 135 ILE ILE A . n 
A 1 139 ASP 139 136 136 ASP ASP A . n 
A 1 140 THR 140 137 137 THR THR A . n 
A 1 141 LEU 141 138 138 LEU LEU A . n 
A 1 142 GLY 142 139 139 GLY GLY A . n 
A 1 143 ILE 143 140 140 ILE ILE A . n 
A 1 144 TYR 144 141 141 TYR TYR A . n 
A 1 145 GLY 145 142 142 GLY GLY A . n 
A 1 146 LYS 146 143 143 LYS LYS A . n 
A 1 147 VAL 147 144 144 VAL VAL A . n 
A 1 148 ASN 148 145 145 ASN ASN A . n 
A 1 149 ILE 149 146 146 ILE ILE A . n 
A 1 150 HIS 150 147 147 HIS HIS A . n 
A 1 151 SER 151 148 148 SER SER A . n 
A 1 152 ILE 152 149 149 ILE ILE A . n 
A 1 153 GLY 153 150 150 GLY GLY A . n 
A 1 154 PHE 154 151 151 PHE PHE A . n 
A 1 155 SER 155 152 152 SER SER A . n 
A 1 156 PHE 156 153 153 PHE PHE A . n 
A 1 157 SER 157 154 ?   ?   ?   A . n 
A 1 158 SER 158 155 ?   ?   ?   A . n 
A 1 159 ASP 159 156 ?   ?   ?   A . n 
A 1 160 LEU 160 157 ?   ?   ?   A . n 
A 1 161 GLN 161 158 ?   ?   ?   A . n 
A 1 162 SER 162 159 ?   ?   ?   A . n 
A 1 163 THR 163 160 ?   ?   ?   A . n 
A 1 164 GLN 164 161 ?   ?   ?   A . n 
A 1 165 ALA 165 162 ?   ?   ?   A . n 
A 1 166 SER 166 163 ?   ?   ?   A . n 
A 1 167 SER 167 164 ?   ?   ?   A . n 
A 1 168 LEU 168 165 ?   ?   ?   A . n 
A 1 169 GLU 169 166 ?   ?   ?   A . n 
A 1 170 LEU 170 167 ?   ?   ?   A . n 
A 1 171 THR 171 168 ?   ?   ?   A . n 
A 1 172 GLU 172 169 ?   ?   ?   A . n 
A 1 173 ILE 173 170 ?   ?   ?   A . n 
A 1 174 SER 174 171 ?   ?   ?   A . n 
A 1 175 ARG 175 172 ?   ?   ?   A . n 
A 1 176 GLU 176 173 ?   ?   ?   A . n 
A 1 177 ASN 177 174 ?   ?   ?   A . n 
A 1 178 VAL 178 175 ?   ?   ?   A . n 
A 1 179 PRO 179 176 ?   ?   ?   A . n 
A 1 180 LYS 180 177 ?   ?   ?   A . n 
A 1 181 SER 181 178 ?   ?   ?   A . n 
A 1 182 GLY 182 179 ?   ?   ?   A . n 
A 1 183 THR 183 180 ?   ?   ?   A . n 
A 1 184 PRO 184 181 ?   ?   ?   A . n 
A 1 185 GLN 185 182 ?   ?   ?   A . n 
A 1 186 LEU 186 183 ?   ?   ?   A . n 
A 1 187 ARG 187 184 ?   ?   ?   A . n 
A 1 188 LEU 188 185 ?   ?   ?   A . n 
A 1 189 PRO 189 186 ?   ?   ?   A . n 
# 
loop_
_pdbx_branch_scheme.asym_id 
_pdbx_branch_scheme.entity_id 
_pdbx_branch_scheme.mon_id 
_pdbx_branch_scheme.num 
_pdbx_branch_scheme.pdb_asym_id 
_pdbx_branch_scheme.pdb_mon_id 
_pdbx_branch_scheme.pdb_seq_num 
_pdbx_branch_scheme.auth_asym_id 
_pdbx_branch_scheme.auth_mon_id 
_pdbx_branch_scheme.auth_seq_num 
_pdbx_branch_scheme.hetero 
B 2 BGC 1 B BGC 1 C B4H 1 n 
B 2 GAL 2 B GAL 2 C B4H 1 n 
# 
loop_
_pdbx_nonpoly_scheme.asym_id 
_pdbx_nonpoly_scheme.entity_id 
_pdbx_nonpoly_scheme.mon_id 
_pdbx_nonpoly_scheme.ndb_seq_num 
_pdbx_nonpoly_scheme.pdb_seq_num 
_pdbx_nonpoly_scheme.auth_seq_num 
_pdbx_nonpoly_scheme.pdb_mon_id 
_pdbx_nonpoly_scheme.auth_mon_id 
_pdbx_nonpoly_scheme.pdb_strand_id 
_pdbx_nonpoly_scheme.pdb_ins_code 
C 3 NA  1  202 1  NA  NA  A . 
D 4 NI  1  203 1  NI  NI  A . 
E 5 HOH 1  301 65 HOH HOH A . 
E 5 HOH 2  302 70 HOH HOH A . 
E 5 HOH 3  303 19 HOH HOH A . 
E 5 HOH 4  304 23 HOH HOH A . 
E 5 HOH 5  305 22 HOH HOH A . 
E 5 HOH 6  306 10 HOH HOH A . 
E 5 HOH 7  307 81 HOH HOH A . 
E 5 HOH 8  308 29 HOH HOH A . 
E 5 HOH 9  309 50 HOH HOH A . 
E 5 HOH 10 310 12 HOH HOH A . 
E 5 HOH 11 311 15 HOH HOH A . 
E 5 HOH 12 312 7  HOH HOH A . 
E 5 HOH 13 313 4  HOH HOH A . 
E 5 HOH 14 314 36 HOH HOH A . 
E 5 HOH 15 315 38 HOH HOH A . 
E 5 HOH 16 316 31 HOH HOH A . 
E 5 HOH 17 317 66 HOH HOH A . 
E 5 HOH 18 318 24 HOH HOH A . 
E 5 HOH 19 319 2  HOH HOH A . 
E 5 HOH 20 320 30 HOH HOH A . 
E 5 HOH 21 321 3  HOH HOH A . 
E 5 HOH 22 322 41 HOH HOH A . 
E 5 HOH 23 323 6  HOH HOH A . 
E 5 HOH 24 324 53 HOH HOH A . 
E 5 HOH 25 325 37 HOH HOH A . 
E 5 HOH 26 326 8  HOH HOH A . 
E 5 HOH 27 327 18 HOH HOH A . 
E 5 HOH 28 328 28 HOH HOH A . 
E 5 HOH 29 329 64 HOH HOH A . 
E 5 HOH 30 330 47 HOH HOH A . 
E 5 HOH 31 331 34 HOH HOH A . 
E 5 HOH 32 332 69 HOH HOH A . 
E 5 HOH 33 333 16 HOH HOH A . 
E 5 HOH 34 334 5  HOH HOH A . 
E 5 HOH 35 335 49 HOH HOH A . 
E 5 HOH 36 336 14 HOH HOH A . 
E 5 HOH 37 337 40 HOH HOH A . 
E 5 HOH 38 338 45 HOH HOH A . 
E 5 HOH 39 339 68 HOH HOH A . 
E 5 HOH 40 340 59 HOH HOH A . 
E 5 HOH 41 341 76 HOH HOH A . 
E 5 HOH 42 342 13 HOH HOH A . 
E 5 HOH 43 343 46 HOH HOH A . 
E 5 HOH 44 344 79 HOH HOH A . 
E 5 HOH 45 345 57 HOH HOH A . 
E 5 HOH 46 346 55 HOH HOH A . 
E 5 HOH 47 347 75 HOH HOH A . 
E 5 HOH 48 348 11 HOH HOH A . 
E 5 HOH 49 349 77 HOH HOH A . 
E 5 HOH 50 350 32 HOH HOH A . 
E 5 HOH 51 351 48 HOH HOH A . 
E 5 HOH 52 352 60 HOH HOH A . 
E 5 HOH 53 353 25 HOH HOH A . 
E 5 HOH 54 354 43 HOH HOH A . 
E 5 HOH 55 355 42 HOH HOH A . 
E 5 HOH 56 356 39 HOH HOH A . 
E 5 HOH 57 357 52 HOH HOH A . 
E 5 HOH 58 358 67 HOH HOH A . 
E 5 HOH 59 359 17 HOH HOH A . 
E 5 HOH 60 360 21 HOH HOH A . 
E 5 HOH 61 361 54 HOH HOH A . 
E 5 HOH 62 362 1  HOH HOH A . 
E 5 HOH 63 363 78 HOH HOH A . 
E 5 HOH 64 364 74 HOH HOH A . 
E 5 HOH 65 365 26 HOH HOH A . 
E 5 HOH 66 366 73 HOH HOH A . 
E 5 HOH 67 367 62 HOH HOH A . 
E 5 HOH 68 368 35 HOH HOH A . 
E 5 HOH 69 369 61 HOH HOH A . 
E 5 HOH 70 370 20 HOH HOH A . 
E 5 HOH 71 371 51 HOH HOH A . 
E 5 HOH 72 372 56 HOH HOH A . 
E 5 HOH 73 373 71 HOH HOH A . 
E 5 HOH 74 374 82 HOH HOH A . 
E 5 HOH 75 375 63 HOH HOH A . 
E 5 HOH 76 376 84 HOH HOH A . 
E 5 HOH 77 377 86 HOH HOH A . 
E 5 HOH 78 378 83 HOH HOH A . 
E 5 HOH 79 379 72 HOH HOH A . 
E 5 HOH 80 380 27 HOH HOH A . 
E 5 HOH 81 381 80 HOH HOH A . 
# 
loop_
_pdbx_unobs_or_zero_occ_atoms.id 
_pdbx_unobs_or_zero_occ_atoms.PDB_model_num 
_pdbx_unobs_or_zero_occ_atoms.polymer_flag 
_pdbx_unobs_or_zero_occ_atoms.occupancy_flag 
_pdbx_unobs_or_zero_occ_atoms.auth_asym_id 
_pdbx_unobs_or_zero_occ_atoms.auth_comp_id 
_pdbx_unobs_or_zero_occ_atoms.auth_seq_id 
_pdbx_unobs_or_zero_occ_atoms.PDB_ins_code 
_pdbx_unobs_or_zero_occ_atoms.auth_atom_id 
_pdbx_unobs_or_zero_occ_atoms.label_alt_id 
_pdbx_unobs_or_zero_occ_atoms.label_asym_id 
_pdbx_unobs_or_zero_occ_atoms.label_comp_id 
_pdbx_unobs_or_zero_occ_atoms.label_seq_id 
_pdbx_unobs_or_zero_occ_atoms.label_atom_id 
1  1 Y 1 A LYS 71 ? CG  ? A LYS 74 CG  
2  1 Y 1 A LYS 71 ? CD  ? A LYS 74 CD  
3  1 Y 1 A LYS 71 ? CE  ? A LYS 74 CE  
4  1 Y 1 A LYS 71 ? NZ  ? A LYS 74 NZ  
5  1 Y 1 A ARG 72 ? CG  ? A ARG 75 CG  
6  1 Y 1 A ARG 72 ? CD  ? A ARG 75 CD  
7  1 Y 1 A ARG 72 ? NE  ? A ARG 75 NE  
8  1 Y 1 A ARG 72 ? CZ  ? A ARG 75 CZ  
9  1 Y 1 A ARG 72 ? NH1 ? A ARG 75 NH1 
10 1 Y 1 A ARG 72 ? NH2 ? A ARG 75 NH2 
# 
_software.citation_id            ? 
_software.classification         refinement 
_software.compiler_name          ? 
_software.compiler_version       ? 
_software.contact_author         ? 
_software.contact_author_email   ? 
_software.date                   ? 
_software.description            ? 
_software.dependencies           ? 
_software.hardware               ? 
_software.language               ? 
_software.location               ? 
_software.mods                   ? 
_software.name                   PHENIX 
_software.os                     ? 
_software.os_version             ? 
_software.type                   ? 
_software.version                1.10.1_2155 
_software.pdbx_ordinal           1 
# 
_cell.angle_alpha                  90.000 
_cell.angle_alpha_esd              ? 
_cell.angle_beta                   90.000 
_cell.angle_beta_esd               ? 
_cell.angle_gamma                  90.000 
_cell.angle_gamma_esd              ? 
_cell.entry_id                     5GZG 
_cell.details                      ? 
_cell.formula_units_Z              ? 
_cell.length_a                     49.127 
_cell.length_a_esd                 ? 
_cell.length_b                     49.127 
_cell.length_b_esd                 ? 
_cell.length_c                     159.666 
_cell.length_c_esd                 ? 
_cell.volume                       ? 
_cell.volume_esd                   ? 
_cell.Z_PDB                        8 
_cell.reciprocal_angle_alpha       ? 
_cell.reciprocal_angle_beta        ? 
_cell.reciprocal_angle_gamma       ? 
_cell.reciprocal_angle_alpha_esd   ? 
_cell.reciprocal_angle_beta_esd    ? 
_cell.reciprocal_angle_gamma_esd   ? 
_cell.reciprocal_length_a          ? 
_cell.reciprocal_length_b          ? 
_cell.reciprocal_length_c          ? 
_cell.reciprocal_length_a_esd      ? 
_cell.reciprocal_length_b_esd      ? 
_cell.reciprocal_length_c_esd      ? 
_cell.pdbx_unique_axis             ? 
# 
_symmetry.entry_id                         5GZG 
_symmetry.cell_setting                     ? 
_symmetry.Int_Tables_number                96 
_symmetry.space_group_name_Hall            ? 
_symmetry.space_group_name_H-M             'P 43 21 2' 
_symmetry.pdbx_full_space_group_name_H-M   ? 
# 
_exptl.absorpt_coefficient_mu     ? 
_exptl.absorpt_correction_T_max   ? 
_exptl.absorpt_correction_T_min   ? 
_exptl.absorpt_correction_type    ? 
_exptl.absorpt_process_details    ? 
_exptl.entry_id                   5GZG 
_exptl.crystals_number            1 
_exptl.details                    ? 
_exptl.method                     'X-RAY DIFFRACTION' 
_exptl.method_details             ? 
# 
_exptl_crystal.colour                      ? 
_exptl_crystal.density_diffrn              ? 
_exptl_crystal.density_Matthews            2.27 
_exptl_crystal.density_method              ? 
_exptl_crystal.density_percent_sol         45.85 
_exptl_crystal.description                 ? 
_exptl_crystal.F_000                       ? 
_exptl_crystal.id                          1 
_exptl_crystal.preparation                 ? 
_exptl_crystal.size_max                    ? 
_exptl_crystal.size_mid                    ? 
_exptl_crystal.size_min                    ? 
_exptl_crystal.size_rad                    ? 
_exptl_crystal.colour_lustre               ? 
_exptl_crystal.colour_modifier             ? 
_exptl_crystal.colour_primary              ? 
_exptl_crystal.density_meas                ? 
_exptl_crystal.density_meas_esd            ? 
_exptl_crystal.density_meas_gt             ? 
_exptl_crystal.density_meas_lt             ? 
_exptl_crystal.density_meas_temp           ? 
_exptl_crystal.density_meas_temp_esd       ? 
_exptl_crystal.density_meas_temp_gt        ? 
_exptl_crystal.density_meas_temp_lt        ? 
_exptl_crystal.pdbx_crystal_image_url      ? 
_exptl_crystal.pdbx_crystal_image_format   ? 
_exptl_crystal.pdbx_mosaicity              ? 
_exptl_crystal.pdbx_mosaicity_esd          ? 
# 
_exptl_crystal_grow.apparatus       ? 
_exptl_crystal_grow.atmosphere      ? 
_exptl_crystal_grow.crystal_id      1 
_exptl_crystal_grow.details         ? 
_exptl_crystal_grow.method          'VAPOR DIFFUSION, SITTING DROP' 
_exptl_crystal_grow.method_ref      ? 
_exptl_crystal_grow.pH              ? 
_exptl_crystal_grow.pressure        ? 
_exptl_crystal_grow.pressure_esd    ? 
_exptl_crystal_grow.seeding         ? 
_exptl_crystal_grow.seeding_ref     ? 
_exptl_crystal_grow.temp            298 
_exptl_crystal_grow.temp_details    ? 
_exptl_crystal_grow.temp_esd        ? 
_exptl_crystal_grow.time            ? 
_exptl_crystal_grow.pdbx_details    '0.1M Tris pH 8.5, 0.01M NiCl2,20% (W/V) PEG2000 MME' 
_exptl_crystal_grow.pdbx_pH_range   ? 
# 
_diffrn.ambient_environment    ? 
_diffrn.ambient_temp           100 
_diffrn.ambient_temp_details   ? 
_diffrn.ambient_temp_esd       ? 
_diffrn.crystal_id             1 
_diffrn.crystal_support        ? 
_diffrn.crystal_treatment      ? 
_diffrn.details                ? 
_diffrn.id                     1 
_diffrn.ambient_pressure       ? 
_diffrn.ambient_pressure_esd   ? 
_diffrn.ambient_pressure_gt    ? 
_diffrn.ambient_pressure_lt    ? 
_diffrn.ambient_temp_gt        ? 
_diffrn.ambient_temp_lt        ? 
# 
_diffrn_detector.details                      ? 
_diffrn_detector.detector                     PIXEL 
_diffrn_detector.diffrn_id                    1 
_diffrn_detector.type                         'DECTRIS PILATUS 12M' 
_diffrn_detector.area_resol_mean              ? 
_diffrn_detector.dtime                        ? 
_diffrn_detector.pdbx_frames_total            ? 
_diffrn_detector.pdbx_collection_time_total   ? 
_diffrn_detector.pdbx_collection_date         2016-06-19 
# 
_diffrn_radiation.collimation                      ? 
_diffrn_radiation.diffrn_id                        1 
_diffrn_radiation.filter_edge                      ? 
_diffrn_radiation.inhomogeneity                    ? 
_diffrn_radiation.monochromator                    ? 
_diffrn_radiation.polarisn_norm                    ? 
_diffrn_radiation.polarisn_ratio                   ? 
_diffrn_radiation.probe                            ? 
_diffrn_radiation.type                             ? 
_diffrn_radiation.xray_symbol                      ? 
_diffrn_radiation.wavelength_id                    1 
_diffrn_radiation.pdbx_monochromatic_or_laue_m_l   M 
_diffrn_radiation.pdbx_wavelength_list             ? 
_diffrn_radiation.pdbx_wavelength                  ? 
_diffrn_radiation.pdbx_diffrn_protocol             'SINGLE WAVELENGTH' 
_diffrn_radiation.pdbx_analyzer                    ? 
_diffrn_radiation.pdbx_scattering_type             x-ray 
# 
_diffrn_radiation_wavelength.id           1 
_diffrn_radiation_wavelength.wavelength   0.9785 
_diffrn_radiation_wavelength.wt           1.0 
# 
_diffrn_source.current                     ? 
_diffrn_source.details                     ? 
_diffrn_source.diffrn_id                   1 
_diffrn_source.power                       ? 
_diffrn_source.size                        ? 
_diffrn_source.source                      SYNCHROTRON 
_diffrn_source.target                      ? 
_diffrn_source.type                        'SSRF BEAMLINE BL18U1' 
_diffrn_source.voltage                     ? 
_diffrn_source.take-off_angle              ? 
_diffrn_source.pdbx_wavelength_list        0.9785 
_diffrn_source.pdbx_wavelength             ? 
_diffrn_source.pdbx_synchrotron_beamline   BL18U1 
_diffrn_source.pdbx_synchrotron_site       SSRF 
# 
_reflns.B_iso_Wilson_estimate            ? 
_reflns.entry_id                         5GZG 
_reflns.data_reduction_details           ? 
_reflns.data_reduction_method            ? 
_reflns.d_resolution_high                1.997 
_reflns.d_resolution_low                 20 
_reflns.details                          ? 
_reflns.limit_h_max                      ? 
_reflns.limit_h_min                      ? 
_reflns.limit_k_max                      ? 
_reflns.limit_k_min                      ? 
_reflns.limit_l_max                      ? 
_reflns.limit_l_min                      ? 
_reflns.number_all                       ? 
_reflns.number_obs                       14014 
_reflns.observed_criterion               ? 
_reflns.observed_criterion_F_max         ? 
_reflns.observed_criterion_F_min         ? 
_reflns.observed_criterion_I_max         ? 
_reflns.observed_criterion_I_min         ? 
_reflns.observed_criterion_sigma_F       ? 
_reflns.observed_criterion_sigma_I       ? 
_reflns.percent_possible_obs             99.3 
_reflns.R_free_details                   ? 
_reflns.Rmerge_F_all                     ? 
_reflns.Rmerge_F_obs                     ? 
_reflns.Friedel_coverage                 ? 
_reflns.number_gt                        ? 
_reflns.threshold_expression             ? 
_reflns.pdbx_redundancy                  6.1 
_reflns.pdbx_Rmerge_I_obs                ? 
_reflns.pdbx_Rmerge_I_all                ? 
_reflns.pdbx_Rsym_value                  ? 
_reflns.pdbx_netI_over_av_sigmaI         ? 
_reflns.pdbx_netI_over_sigmaI            14.9 
_reflns.pdbx_res_netI_over_av_sigmaI_2   ? 
_reflns.pdbx_res_netI_over_sigmaI_2      ? 
_reflns.pdbx_chi_squared                 ? 
_reflns.pdbx_scaling_rejects             ? 
_reflns.pdbx_d_res_high_opt              ? 
_reflns.pdbx_d_res_low_opt               ? 
_reflns.pdbx_d_res_opt_method            ? 
_reflns.phase_calculation_details        ? 
_reflns.pdbx_Rrim_I_all                  ? 
_reflns.pdbx_Rpim_I_all                  ? 
_reflns.pdbx_d_opt                       ? 
_reflns.pdbx_number_measured_all         ? 
_reflns.pdbx_diffrn_id                   1 
_reflns.pdbx_ordinal                     1 
_reflns.pdbx_CC_half                     ? 
_reflns.pdbx_R_split                     ? 
# 
_reflns_shell.d_res_high                  . 
_reflns_shell.d_res_low                   ? 
_reflns_shell.meanI_over_sigI_all         ? 
_reflns_shell.meanI_over_sigI_obs         ? 
_reflns_shell.number_measured_all         ? 
_reflns_shell.number_measured_obs         ? 
_reflns_shell.number_possible             ? 
_reflns_shell.number_unique_all           ? 
_reflns_shell.number_unique_obs           ? 
_reflns_shell.percent_possible_all        ? 
_reflns_shell.percent_possible_obs        ? 
_reflns_shell.Rmerge_F_all                ? 
_reflns_shell.Rmerge_F_obs                ? 
_reflns_shell.Rmerge_I_all                ? 
_reflns_shell.Rmerge_I_obs                ? 
_reflns_shell.meanI_over_sigI_gt          ? 
_reflns_shell.meanI_over_uI_all           ? 
_reflns_shell.meanI_over_uI_gt            ? 
_reflns_shell.number_measured_gt          ? 
_reflns_shell.number_unique_gt            ? 
_reflns_shell.percent_possible_gt         ? 
_reflns_shell.Rmerge_F_gt                 ? 
_reflns_shell.Rmerge_I_gt                 ? 
_reflns_shell.pdbx_redundancy             ? 
_reflns_shell.pdbx_Rsym_value             ? 
_reflns_shell.pdbx_chi_squared            ? 
_reflns_shell.pdbx_netI_over_sigmaI_all   ? 
_reflns_shell.pdbx_netI_over_sigmaI_obs   ? 
_reflns_shell.pdbx_Rrim_I_all             ? 
_reflns_shell.pdbx_Rpim_I_all             ? 
_reflns_shell.pdbx_rejects                ? 
_reflns_shell.pdbx_ordinal                1 
_reflns_shell.pdbx_diffrn_id              1 
_reflns_shell.pdbx_CC_half                ? 
_reflns_shell.pdbx_R_split                ? 
# 
_refine.aniso_B[1][1]                            ? 
_refine.aniso_B[1][2]                            ? 
_refine.aniso_B[1][3]                            ? 
_refine.aniso_B[2][2]                            ? 
_refine.aniso_B[2][3]                            ? 
_refine.aniso_B[3][3]                            ? 
_refine.B_iso_max                                82.180 
_refine.B_iso_mean                               41.7115 
_refine.B_iso_min                                27.130 
_refine.correlation_coeff_Fo_to_Fc               ? 
_refine.correlation_coeff_Fo_to_Fc_free          ? 
_refine.details                                  ? 
_refine.diff_density_max                         ? 
_refine.diff_density_max_esd                     ? 
_refine.diff_density_min                         ? 
_refine.diff_density_min_esd                     ? 
_refine.diff_density_rms                         ? 
_refine.diff_density_rms_esd                     ? 
_refine.entry_id                                 5GZG 
_refine.pdbx_refine_id                           'X-RAY DIFFRACTION' 
_refine.ls_abs_structure_details                 ? 
_refine.ls_abs_structure_Flack                   ? 
_refine.ls_abs_structure_Flack_esd               ? 
_refine.ls_abs_structure_Rogers                  ? 
_refine.ls_abs_structure_Rogers_esd              ? 
_refine.ls_d_res_high                            1.9970 
_refine.ls_d_res_low                             19.4700 
_refine.ls_extinction_coef                       ? 
_refine.ls_extinction_coef_esd                   ? 
_refine.ls_extinction_expression                 ? 
_refine.ls_extinction_method                     ? 
_refine.ls_goodness_of_fit_all                   ? 
_refine.ls_goodness_of_fit_all_esd               ? 
_refine.ls_goodness_of_fit_obs                   ? 
_refine.ls_goodness_of_fit_obs_esd               ? 
_refine.ls_hydrogen_treatment                    ? 
_refine.ls_matrix_type                           ? 
_refine.ls_number_constraints                    ? 
_refine.ls_number_parameters                     ? 
_refine.ls_number_reflns_all                     ? 
_refine.ls_number_reflns_obs                     13950 
_refine.ls_number_reflns_R_free                  1394 
_refine.ls_number_reflns_R_work                  ? 
_refine.ls_number_restraints                     ? 
_refine.ls_percent_reflns_obs                    99.2600 
_refine.ls_percent_reflns_R_free                 9.9900 
_refine.ls_R_factor_all                          ? 
_refine.ls_R_factor_obs                          0.2081 
_refine.ls_R_factor_R_free                       0.2578 
_refine.ls_R_factor_R_free_error                 ? 
_refine.ls_R_factor_R_free_error_details         ? 
_refine.ls_R_factor_R_work                       0.2027 
_refine.ls_R_Fsqd_factor_obs                     ? 
_refine.ls_R_I_factor_obs                        ? 
_refine.ls_redundancy_reflns_all                 ? 
_refine.ls_redundancy_reflns_obs                 ? 
_refine.ls_restrained_S_all                      ? 
_refine.ls_restrained_S_obs                      ? 
_refine.ls_shift_over_esd_max                    ? 
_refine.ls_shift_over_esd_mean                   ? 
_refine.ls_structure_factor_coef                 ? 
_refine.ls_weighting_details                     ? 
_refine.ls_weighting_scheme                      ? 
_refine.ls_wR_factor_all                         ? 
_refine.ls_wR_factor_obs                         ? 
_refine.ls_wR_factor_R_free                      ? 
_refine.ls_wR_factor_R_work                      ? 
_refine.occupancy_max                            ? 
_refine.occupancy_min                            ? 
_refine.solvent_model_details                    ? 
_refine.solvent_model_param_bsol                 ? 
_refine.solvent_model_param_ksol                 ? 
_refine.ls_R_factor_gt                           ? 
_refine.ls_goodness_of_fit_gt                    ? 
_refine.ls_goodness_of_fit_ref                   ? 
_refine.ls_shift_over_su_max                     ? 
_refine.ls_shift_over_su_max_lt                  ? 
_refine.ls_shift_over_su_mean                    ? 
_refine.ls_shift_over_su_mean_lt                 ? 
_refine.pdbx_ls_sigma_I                          ? 
_refine.pdbx_ls_sigma_F                          1.340 
_refine.pdbx_ls_sigma_Fsqd                       ? 
_refine.pdbx_data_cutoff_high_absF               ? 
_refine.pdbx_data_cutoff_high_rms_absF           ? 
_refine.pdbx_data_cutoff_low_absF                ? 
_refine.pdbx_isotropic_thermal_model             ? 
_refine.pdbx_ls_cross_valid_method               'FREE R-VALUE' 
_refine.pdbx_method_to_determine_struct          ? 
_refine.pdbx_starting_model                      ? 
_refine.pdbx_stereochemistry_target_values       ? 
_refine.pdbx_R_Free_selection_details            ? 
_refine.pdbx_stereochem_target_val_spec_case     ? 
_refine.pdbx_overall_ESU_R                       ? 
_refine.pdbx_overall_ESU_R_Free                  ? 
_refine.pdbx_solvent_vdw_probe_radii             1.1100 
_refine.pdbx_solvent_ion_probe_radii             ? 
_refine.pdbx_solvent_shrinkage_radii             0.9000 
_refine.pdbx_real_space_R                        ? 
_refine.pdbx_density_correlation                 ? 
_refine.pdbx_pd_number_of_powder_patterns        ? 
_refine.pdbx_pd_number_of_points                 ? 
_refine.pdbx_pd_meas_number_of_points            ? 
_refine.pdbx_pd_proc_ls_prof_R_factor            ? 
_refine.pdbx_pd_proc_ls_prof_wR_factor           ? 
_refine.pdbx_pd_Marquardt_correlation_coeff      ? 
_refine.pdbx_pd_Fsqrd_R_factor                   ? 
_refine.pdbx_pd_ls_matrix_band_width             ? 
_refine.pdbx_overall_phase_error                 26.9200 
_refine.pdbx_overall_SU_R_free_Cruickshank_DPI   ? 
_refine.pdbx_overall_SU_R_free_Blow_DPI          ? 
_refine.pdbx_overall_SU_R_Blow_DPI               ? 
_refine.pdbx_TLS_residual_ADP_flag               ? 
_refine.pdbx_diffrn_id                           1 
_refine.overall_SU_B                             ? 
_refine.overall_SU_ML                            0.2600 
_refine.overall_SU_R_Cruickshank_DPI             ? 
_refine.overall_SU_R_free                        ? 
_refine.overall_FOM_free_R_set                   ? 
_refine.overall_FOM_work_R_set                   ? 
_refine.pdbx_average_fsc_overall                 ? 
_refine.pdbx_average_fsc_work                    ? 
_refine.pdbx_average_fsc_free                    ? 
# 
_refine_hist.cycle_id                         final 
_refine_hist.pdbx_refine_id                   'X-RAY DIFFRACTION' 
_refine_hist.d_res_high                       1.9970 
_refine_hist.d_res_low                        19.4700 
_refine_hist.pdbx_number_atoms_ligand         25 
_refine_hist.number_atoms_solvent             81 
_refine_hist.number_atoms_total               1288 
_refine_hist.pdbx_number_residues_total       149 
_refine_hist.pdbx_B_iso_mean_ligand           49.21 
_refine_hist.pdbx_B_iso_mean_solvent          43.21 
_refine_hist.pdbx_number_atoms_protein        1182 
_refine_hist.pdbx_number_atoms_nucleic_acid   0 
# 
_struct.entry_id                     5GZG 
_struct.title                        'Galectin-8 N-terminal domain carbohydrate recognition domain' 
_struct.pdbx_model_details           ? 
_struct.pdbx_formula_weight          ? 
_struct.pdbx_formula_weight_method   ? 
_struct.pdbx_model_type_details      ? 
_struct.pdbx_CASP_flag               N 
# 
_struct_keywords.entry_id        5GZG 
_struct_keywords.text            'Galectin-8 N-terminal domain carbohydrate recognition domain, SUGAR BINDING PROTEIN' 
_struct_keywords.pdbx_keywords   'SUGAR BINDING PROTEIN' 
# 
loop_
_struct_asym.id 
_struct_asym.pdbx_blank_PDB_chainid_flag 
_struct_asym.pdbx_modified 
_struct_asym.entity_id 
_struct_asym.details 
A N N 1 ? 
B N N 2 ? 
C N N 3 ? 
D N N 4 ? 
E N N 5 ? 
# 
_struct_ref.id                         1 
_struct_ref.db_name                    UNP 
_struct_ref.db_code                    LEG8_HUMAN 
_struct_ref.pdbx_db_accession          O00214 
_struct_ref.pdbx_db_isoform            ? 
_struct_ref.entity_id                  1 
_struct_ref.pdbx_seq_one_letter_code   
;MMLSLNNLQNIIYNPVIPFVGTIPDQLDPGTLIVIRGHVPSDADRFQVDLQNGSSMKPRADVAFHFNPRFKRAGCIVCNT
LINEKWGREEITYDTPFKREKSFEIVIMVLKDKFQVAVNGKHTLLYGHRIGPEKIDTLGIYGKVNIHSIGFSFSSDLQST
QASSLELTEISRENVPKSGTPQLRLP
;
_struct_ref.pdbx_align_begin           1 
# 
_struct_ref_seq.align_id                      1 
_struct_ref_seq.ref_id                        1 
_struct_ref_seq.pdbx_PDB_id_code              5GZG 
_struct_ref_seq.pdbx_strand_id                A 
_struct_ref_seq.seq_align_beg                 4 
_struct_ref_seq.pdbx_seq_align_beg_ins_code   ? 
_struct_ref_seq.seq_align_end                 189 
_struct_ref_seq.pdbx_seq_align_end_ins_code   ? 
_struct_ref_seq.pdbx_db_accession             O00214 
_struct_ref_seq.db_align_beg                  1 
_struct_ref_seq.pdbx_db_align_beg_ins_code    ? 
_struct_ref_seq.db_align_end                  186 
_struct_ref_seq.pdbx_db_align_end_ins_code    ? 
_struct_ref_seq.pdbx_auth_seq_align_beg       1 
_struct_ref_seq.pdbx_auth_seq_align_end       186 
# 
loop_
_struct_ref_seq_dif.align_id 
_struct_ref_seq_dif.pdbx_pdb_id_code 
_struct_ref_seq_dif.mon_id 
_struct_ref_seq_dif.pdbx_pdb_strand_id 
_struct_ref_seq_dif.seq_num 
_struct_ref_seq_dif.pdbx_pdb_ins_code 
_struct_ref_seq_dif.pdbx_seq_db_name 
_struct_ref_seq_dif.pdbx_seq_db_accession_code 
_struct_ref_seq_dif.db_mon_id 
_struct_ref_seq_dif.pdbx_seq_db_seq_num 
_struct_ref_seq_dif.details 
_struct_ref_seq_dif.pdbx_auth_seq_num 
_struct_ref_seq_dif.pdbx_ordinal 
1 5GZG GLY A 1 ? UNP O00214 ? ? 'expression tag' -2 1 
1 5GZG SER A 2 ? UNP O00214 ? ? 'expression tag' -1 2 
1 5GZG HIS A 3 ? UNP O00214 ? ? 'expression tag' 0  3 
# 
_pdbx_struct_assembly.id                   1 
_pdbx_struct_assembly.details              author_defined_assembly 
_pdbx_struct_assembly.method_details       ? 
_pdbx_struct_assembly.oligomeric_details   monomeric 
_pdbx_struct_assembly.oligomeric_count     1 
# 
_pdbx_struct_assembly_gen.assembly_id       1 
_pdbx_struct_assembly_gen.oper_expression   1 
_pdbx_struct_assembly_gen.asym_id_list      A,B,C,D,E 
# 
_pdbx_struct_oper_list.id                   1 
_pdbx_struct_oper_list.type                 'identity operation' 
_pdbx_struct_oper_list.name                 1_555 
_pdbx_struct_oper_list.symmetry_operation   x,y,z 
_pdbx_struct_oper_list.matrix[1][1]         1.0000000000 
_pdbx_struct_oper_list.matrix[1][2]         0.0000000000 
_pdbx_struct_oper_list.matrix[1][3]         0.0000000000 
_pdbx_struct_oper_list.vector[1]            0.0000000000 
_pdbx_struct_oper_list.matrix[2][1]         0.0000000000 
_pdbx_struct_oper_list.matrix[2][2]         1.0000000000 
_pdbx_struct_oper_list.matrix[2][3]         0.0000000000 
_pdbx_struct_oper_list.vector[2]            0.0000000000 
_pdbx_struct_oper_list.matrix[3][1]         0.0000000000 
_pdbx_struct_oper_list.matrix[3][2]         0.0000000000 
_pdbx_struct_oper_list.matrix[3][3]         1.0000000000 
_pdbx_struct_oper_list.vector[3]            0.0000000000 
# 
_struct_conf.conf_type_id            HELX_P 
_struct_conf.id                      HELX_P1 
_struct_conf.pdbx_PDB_helix_id       AA1 
_struct_conf.beg_label_comp_id       GLY 
_struct_conf.beg_label_asym_id       A 
_struct_conf.beg_label_seq_id        134 
_struct_conf.pdbx_beg_PDB_ins_code   ? 
_struct_conf.end_label_comp_id       ILE 
_struct_conf.end_label_asym_id       A 
_struct_conf.end_label_seq_id        138 
_struct_conf.pdbx_end_PDB_ins_code   ? 
_struct_conf.beg_auth_comp_id        GLY 
_struct_conf.beg_auth_asym_id        A 
_struct_conf.beg_auth_seq_id         131 
_struct_conf.end_auth_comp_id        ILE 
_struct_conf.end_auth_asym_id        A 
_struct_conf.end_auth_seq_id         135 
_struct_conf.pdbx_PDB_helix_class    5 
_struct_conf.details                 ? 
_struct_conf.pdbx_PDB_helix_length   5 
# 
_struct_conf_type.id          HELX_P 
_struct_conf_type.criteria    ? 
_struct_conf_type.reference   ? 
# 
loop_
_struct_conn.id 
_struct_conn.conn_type_id 
_struct_conn.pdbx_leaving_atom_flag 
_struct_conn.pdbx_PDB_id 
_struct_conn.ptnr1_label_asym_id 
_struct_conn.ptnr1_label_comp_id 
_struct_conn.ptnr1_label_seq_id 
_struct_conn.ptnr1_label_atom_id 
_struct_conn.pdbx_ptnr1_label_alt_id 
_struct_conn.pdbx_ptnr1_PDB_ins_code 
_struct_conn.pdbx_ptnr1_standard_comp_id 
_struct_conn.ptnr1_symmetry 
_struct_conn.ptnr2_label_asym_id 
_struct_conn.ptnr2_label_comp_id 
_struct_conn.ptnr2_label_seq_id 
_struct_conn.ptnr2_label_atom_id 
_struct_conn.pdbx_ptnr2_label_alt_id 
_struct_conn.pdbx_ptnr2_PDB_ins_code 
_struct_conn.ptnr1_auth_asym_id 
_struct_conn.ptnr1_auth_comp_id 
_struct_conn.ptnr1_auth_seq_id 
_struct_conn.ptnr2_auth_asym_id 
_struct_conn.ptnr2_auth_comp_id 
_struct_conn.ptnr2_auth_seq_id 
_struct_conn.ptnr2_symmetry 
_struct_conn.pdbx_ptnr3_label_atom_id 
_struct_conn.pdbx_ptnr3_label_seq_id 
_struct_conn.pdbx_ptnr3_label_comp_id 
_struct_conn.pdbx_ptnr3_label_asym_id 
_struct_conn.pdbx_ptnr3_label_alt_id 
_struct_conn.pdbx_ptnr3_PDB_ins_code 
_struct_conn.details 
_struct_conn.pdbx_dist_value 
_struct_conn.pdbx_value_order 
_struct_conn.pdbx_role 
covale1 covale both ? B BGC .   O4  ? ? ? 1_555 B GAL . C1 ? ? B BGC 1   B GAL 2   1_555 ? ? ? ? ? ? ? 1.414 sing ? 
metalc1 metalc ?    ? A ASP 28  OD1 ? ? ? 1_555 D NI  . NI ? ? A ASP 25  A NI  203 5_444 ? ? ? ? ? ? ? 2.347 ?    ? 
metalc2 metalc ?    ? A HIS 41  NE2 ? ? ? 1_555 D NI  . NI ? ? A HIS 38  A NI  203 1_555 ? ? ? ? ? ? ? 2.300 ?    ? 
metalc3 metalc ?    ? A HIS 150 NE2 ? ? ? 1_555 D NI  . NI ? ? A HIS 147 A NI  203 1_555 ? ? ? ? ? ? ? 2.276 ?    ? 
metalc4 metalc ?    ? C NA  .   NA  ? ? ? 1_555 B GAL . O3 ? ? A NA  202 B GAL 2   1_555 ? ? ? ? ? ? ? 3.198 ?    ? 
# 
loop_
_struct_conn_type.id 
_struct_conn_type.criteria 
_struct_conn_type.reference 
covale ? ? 
metalc ? ? 
# 
loop_
_pdbx_struct_conn_angle.id 
_pdbx_struct_conn_angle.ptnr1_label_atom_id 
_pdbx_struct_conn_angle.ptnr1_label_alt_id 
_pdbx_struct_conn_angle.ptnr1_label_asym_id 
_pdbx_struct_conn_angle.ptnr1_label_comp_id 
_pdbx_struct_conn_angle.ptnr1_label_seq_id 
_pdbx_struct_conn_angle.ptnr1_auth_atom_id 
_pdbx_struct_conn_angle.ptnr1_auth_asym_id 
_pdbx_struct_conn_angle.ptnr1_auth_comp_id 
_pdbx_struct_conn_angle.ptnr1_auth_seq_id 
_pdbx_struct_conn_angle.ptnr1_PDB_ins_code 
_pdbx_struct_conn_angle.ptnr1_symmetry 
_pdbx_struct_conn_angle.ptnr2_label_atom_id 
_pdbx_struct_conn_angle.ptnr2_label_alt_id 
_pdbx_struct_conn_angle.ptnr2_label_asym_id 
_pdbx_struct_conn_angle.ptnr2_label_comp_id 
_pdbx_struct_conn_angle.ptnr2_label_seq_id 
_pdbx_struct_conn_angle.ptnr2_auth_atom_id 
_pdbx_struct_conn_angle.ptnr2_auth_asym_id 
_pdbx_struct_conn_angle.ptnr2_auth_comp_id 
_pdbx_struct_conn_angle.ptnr2_auth_seq_id 
_pdbx_struct_conn_angle.ptnr2_PDB_ins_code 
_pdbx_struct_conn_angle.ptnr2_symmetry 
_pdbx_struct_conn_angle.ptnr3_label_atom_id 
_pdbx_struct_conn_angle.ptnr3_label_alt_id 
_pdbx_struct_conn_angle.ptnr3_label_asym_id 
_pdbx_struct_conn_angle.ptnr3_label_comp_id 
_pdbx_struct_conn_angle.ptnr3_label_seq_id 
_pdbx_struct_conn_angle.ptnr3_auth_atom_id 
_pdbx_struct_conn_angle.ptnr3_auth_asym_id 
_pdbx_struct_conn_angle.ptnr3_auth_comp_id 
_pdbx_struct_conn_angle.ptnr3_auth_seq_id 
_pdbx_struct_conn_angle.ptnr3_PDB_ins_code 
_pdbx_struct_conn_angle.ptnr3_symmetry 
_pdbx_struct_conn_angle.value 
_pdbx_struct_conn_angle.value_esd 
1 OD1 ? A ASP 28 ? A ASP 25 ? 1_555 NI ? D NI . ? A NI 203 ? 5_444 NE2 ? A HIS 41  ? A HIS 38  ? 1_555 33.7 ? 
2 OD1 ? A ASP 28 ? A ASP 25 ? 1_555 NI ? D NI . ? A NI 203 ? 5_444 NE2 ? A HIS 150 ? A HIS 147 ? 1_555 34.0 ? 
3 NE2 ? A HIS 41 ? A HIS 38 ? 1_555 NI ? D NI . ? A NI 203 ? 5_444 NE2 ? A HIS 150 ? A HIS 147 ? 1_555 4.3  ? 
# 
loop_
_struct_mon_prot_cis.pdbx_id 
_struct_mon_prot_cis.label_comp_id 
_struct_mon_prot_cis.label_seq_id 
_struct_mon_prot_cis.label_asym_id 
_struct_mon_prot_cis.label_alt_id 
_struct_mon_prot_cis.pdbx_PDB_ins_code 
_struct_mon_prot_cis.auth_comp_id 
_struct_mon_prot_cis.auth_seq_id 
_struct_mon_prot_cis.auth_asym_id 
_struct_mon_prot_cis.pdbx_label_comp_id_2 
_struct_mon_prot_cis.pdbx_label_seq_id_2 
_struct_mon_prot_cis.pdbx_label_asym_id_2 
_struct_mon_prot_cis.pdbx_PDB_ins_code_2 
_struct_mon_prot_cis.pdbx_auth_comp_id_2 
_struct_mon_prot_cis.pdbx_auth_seq_id_2 
_struct_mon_prot_cis.pdbx_auth_asym_id_2 
_struct_mon_prot_cis.pdbx_PDB_model_num 
_struct_mon_prot_cis.pdbx_omega_angle 
1 ILE 20 A . ? ILE 17 A PRO 21 A ? PRO 18 A 1 5.88 
2 LYS 60 A . ? LYS 57 A PRO 61 A ? PRO 58 A 1 3.66 
# 
loop_
_struct_sheet.id 
_struct_sheet.type 
_struct_sheet.number_strands 
_struct_sheet.details 
AA1 ? 6 ? 
AA2 ? 6 ? 
AA3 ? 6 ? 
# 
loop_
_struct_sheet_order.sheet_id 
_struct_sheet_order.range_id_1 
_struct_sheet_order.range_id_2 
_struct_sheet_order.offset 
_struct_sheet_order.sense 
AA1 1 2 ? anti-parallel 
AA1 2 3 ? anti-parallel 
AA1 3 4 ? anti-parallel 
AA1 4 5 ? anti-parallel 
AA1 5 6 ? anti-parallel 
AA2 1 2 ? anti-parallel 
AA2 2 3 ? anti-parallel 
AA2 3 4 ? anti-parallel 
AA2 4 5 ? anti-parallel 
AA2 5 6 ? anti-parallel 
AA3 1 2 ? anti-parallel 
AA3 2 3 ? anti-parallel 
AA3 3 4 ? anti-parallel 
AA3 4 5 ? anti-parallel 
AA3 5 6 ? anti-parallel 
# 
loop_
_struct_sheet_range.sheet_id 
_struct_sheet_range.id 
_struct_sheet_range.beg_label_comp_id 
_struct_sheet_range.beg_label_asym_id 
_struct_sheet_range.beg_label_seq_id 
_struct_sheet_range.pdbx_beg_PDB_ins_code 
_struct_sheet_range.end_label_comp_id 
_struct_sheet_range.end_label_asym_id 
_struct_sheet_range.end_label_seq_id 
_struct_sheet_range.pdbx_end_PDB_ins_code 
_struct_sheet_range.beg_auth_comp_id 
_struct_sheet_range.beg_auth_asym_id 
_struct_sheet_range.beg_auth_seq_id 
_struct_sheet_range.end_auth_comp_id 
_struct_sheet_range.end_auth_asym_id 
_struct_sheet_range.end_auth_seq_id 
AA1 1 GLN A 12  ? TYR A 16  ? GLN A 9   TYR A 13  
AA1 2 ASN A 148 ? SER A 155 ? ASN A 145 SER A 152 
AA1 3 LEU A 35  ? HIS A 41  ? LEU A 32  HIS A 38  
AA1 4 SER A 105 ? VAL A 112 ? SER A 102 VAL A 109 
AA1 5 LYS A 116 ? VAL A 121 ? LYS A 113 VAL A 118 
AA1 6 LYS A 124 ? GLY A 130 ? LYS A 121 GLY A 127 
AA2 1 PHE A 22  ? THR A 25  ? PHE A 19  THR A 22  
AA2 2 THR A 140 ? GLY A 145 ? THR A 137 GLY A 142 
AA2 3 PHE A 49  ? GLN A 54  ? PHE A 46  GLN A 51  
AA2 4 VAL A 65  ? ARG A 72  ? VAL A 62  ARG A 69  
AA2 5 CYS A 78  ? ILE A 85  ? CYS A 75  ILE A 82  
AA2 6 LYS A 88  ? TRP A 89  ? LYS A 85  TRP A 86  
AA3 1 PHE A 22  ? THR A 25  ? PHE A 19  THR A 22  
AA3 2 THR A 140 ? GLY A 145 ? THR A 137 GLY A 142 
AA3 3 PHE A 49  ? GLN A 54  ? PHE A 46  GLN A 51  
AA3 4 VAL A 65  ? ARG A 72  ? VAL A 62  ARG A 69  
AA3 5 CYS A 78  ? ILE A 85  ? CYS A 75  ILE A 82  
AA3 6 GLU A 93  ? THR A 95  ? GLU A 90  THR A 92  
# 
loop_
_pdbx_struct_sheet_hbond.sheet_id 
_pdbx_struct_sheet_hbond.range_id_1 
_pdbx_struct_sheet_hbond.range_id_2 
_pdbx_struct_sheet_hbond.range_1_label_atom_id 
_pdbx_struct_sheet_hbond.range_1_label_comp_id 
_pdbx_struct_sheet_hbond.range_1_label_asym_id 
_pdbx_struct_sheet_hbond.range_1_label_seq_id 
_pdbx_struct_sheet_hbond.range_1_PDB_ins_code 
_pdbx_struct_sheet_hbond.range_1_auth_atom_id 
_pdbx_struct_sheet_hbond.range_1_auth_comp_id 
_pdbx_struct_sheet_hbond.range_1_auth_asym_id 
_pdbx_struct_sheet_hbond.range_1_auth_seq_id 
_pdbx_struct_sheet_hbond.range_2_label_atom_id 
_pdbx_struct_sheet_hbond.range_2_label_comp_id 
_pdbx_struct_sheet_hbond.range_2_label_asym_id 
_pdbx_struct_sheet_hbond.range_2_label_seq_id 
_pdbx_struct_sheet_hbond.range_2_PDB_ins_code 
_pdbx_struct_sheet_hbond.range_2_auth_atom_id 
_pdbx_struct_sheet_hbond.range_2_auth_comp_id 
_pdbx_struct_sheet_hbond.range_2_auth_asym_id 
_pdbx_struct_sheet_hbond.range_2_auth_seq_id 
AA1 1 2 N GLN A 12  ? N GLN A 9   O PHE A 154 ? O PHE A 151 
AA1 2 3 O SER A 155 ? O SER A 152 N LEU A 35  ? N LEU A 32  
AA1 3 4 N ILE A 38  ? N ILE A 35  O ILE A 108 ? O ILE A 105 
AA1 4 5 N MET A 111 ? N MET A 108 O GLN A 118 ? O GLN A 115 
AA1 5 6 N PHE A 117 ? N PHE A 114 O TYR A 129 ? O TYR A 126 
AA2 1 2 N GLY A 24  ? N GLY A 21  O LEU A 141 ? O LEU A 138 
AA2 2 3 O THR A 140 ? O THR A 137 N GLN A 54  ? N GLN A 51  
AA2 3 4 N LEU A 53  ? N LEU A 50  O PHE A 67  ? O PHE A 64  
AA2 4 5 N ARG A 72  ? N ARG A 69  O CYS A 78  ? O CYS A 75  
AA2 5 6 N ILE A 85  ? N ILE A 82  O LYS A 88  ? O LYS A 85  
AA3 1 2 N GLY A 24  ? N GLY A 21  O LEU A 141 ? O LEU A 138 
AA3 2 3 O THR A 140 ? O THR A 137 N GLN A 54  ? N GLN A 51  
AA3 3 4 N LEU A 53  ? N LEU A 50  O PHE A 67  ? O PHE A 64  
AA3 4 5 N ARG A 72  ? N ARG A 69  O CYS A 78  ? O CYS A 75  
AA3 5 6 N CYS A 81  ? N CYS A 78  O GLU A 93  ? O GLU A 90  
# 
loop_
_pdbx_validate_torsion.id 
_pdbx_validate_torsion.PDB_model_num 
_pdbx_validate_torsion.auth_comp_id 
_pdbx_validate_torsion.auth_asym_id 
_pdbx_validate_torsion.auth_seq_id 
_pdbx_validate_torsion.PDB_ins_code 
_pdbx_validate_torsion.label_alt_id 
_pdbx_validate_torsion.phi 
_pdbx_validate_torsion.psi 
1 1 ASN A 6  ? ? 69.69   161.94  
2 1 ASN A 7  ? ? 63.24   -9.90   
3 1 ILE A 11 ? ? -101.89 -161.27 
4 1 ILE A 12 ? ? 27.69   110.08  
5 1 ARG A 72 ? ? 60.51   -135.66 
# 
_pdbx_molecule_features.prd_id    PRD_900004 
_pdbx_molecule_features.name      beta-lactose 
_pdbx_molecule_features.type      Oligosaccharide 
_pdbx_molecule_features.class     Nutrient 
_pdbx_molecule_features.details   oligosaccharide 
# 
_pdbx_molecule.instance_id   1 
_pdbx_molecule.prd_id        PRD_900004 
_pdbx_molecule.asym_id       B 
# 
_pdbx_struct_special_symmetry.id              1 
_pdbx_struct_special_symmetry.PDB_model_num   1 
_pdbx_struct_special_symmetry.auth_asym_id    A 
_pdbx_struct_special_symmetry.auth_comp_id    HOH 
_pdbx_struct_special_symmetry.auth_seq_id     379 
_pdbx_struct_special_symmetry.PDB_ins_code    ? 
_pdbx_struct_special_symmetry.label_asym_id   E 
_pdbx_struct_special_symmetry.label_comp_id   HOH 
_pdbx_struct_special_symmetry.label_seq_id    . 
# 
loop_
_pdbx_unobs_or_zero_occ_residues.id 
_pdbx_unobs_or_zero_occ_residues.PDB_model_num 
_pdbx_unobs_or_zero_occ_residues.polymer_flag 
_pdbx_unobs_or_zero_occ_residues.occupancy_flag 
_pdbx_unobs_or_zero_occ_residues.auth_asym_id 
_pdbx_unobs_or_zero_occ_residues.auth_comp_id 
_pdbx_unobs_or_zero_occ_residues.auth_seq_id 
_pdbx_unobs_or_zero_occ_residues.PDB_ins_code 
_pdbx_unobs_or_zero_occ_residues.label_asym_id 
_pdbx_unobs_or_zero_occ_residues.label_comp_id 
_pdbx_unobs_or_zero_occ_residues.label_seq_id 
1  1 Y 1 A GLY -2  ? A GLY 1   
2  1 Y 1 A SER -1  ? A SER 2   
3  1 Y 1 A HIS 0   ? A HIS 3   
4  1 Y 1 A MET 1   ? A MET 4   
5  1 Y 1 A MET 2   ? A MET 5   
6  1 Y 1 A LEU 3   ? A LEU 6   
7  1 Y 1 A SER 4   ? A SER 7   
8  1 Y 1 A SER 154 ? A SER 157 
9  1 Y 1 A SER 155 ? A SER 158 
10 1 Y 1 A ASP 156 ? A ASP 159 
11 1 Y 1 A LEU 157 ? A LEU 160 
12 1 Y 1 A GLN 158 ? A GLN 161 
13 1 Y 1 A SER 159 ? A SER 162 
14 1 Y 1 A THR 160 ? A THR 163 
15 1 Y 1 A GLN 161 ? A GLN 164 
16 1 Y 1 A ALA 162 ? A ALA 165 
17 1 Y 1 A SER 163 ? A SER 166 
18 1 Y 1 A SER 164 ? A SER 167 
19 1 Y 1 A LEU 165 ? A LEU 168 
20 1 Y 1 A GLU 166 ? A GLU 169 
21 1 Y 1 A LEU 167 ? A LEU 170 
22 1 Y 1 A THR 168 ? A THR 171 
23 1 Y 1 A GLU 169 ? A GLU 172 
24 1 Y 1 A ILE 170 ? A ILE 173 
25 1 Y 1 A SER 171 ? A SER 174 
26 1 Y 1 A ARG 172 ? A ARG 175 
27 1 Y 1 A GLU 173 ? A GLU 176 
28 1 Y 1 A ASN 174 ? A ASN 177 
29 1 Y 1 A VAL 175 ? A VAL 178 
30 1 Y 1 A PRO 176 ? A PRO 179 
31 1 Y 1 A LYS 177 ? A LYS 180 
32 1 Y 1 A SER 178 ? A SER 181 
33 1 Y 1 A GLY 179 ? A GLY 182 
34 1 Y 1 A THR 180 ? A THR 183 
35 1 Y 1 A PRO 181 ? A PRO 184 
36 1 Y 1 A GLN 182 ? A GLN 185 
37 1 Y 1 A LEU 183 ? A LEU 186 
38 1 Y 1 A ARG 184 ? A ARG 187 
39 1 Y 1 A LEU 185 ? A LEU 188 
40 1 Y 1 A PRO 186 ? A PRO 189 
# 
loop_
_chem_comp_atom.comp_id 
_chem_comp_atom.atom_id 
_chem_comp_atom.type_symbol 
_chem_comp_atom.pdbx_aromatic_flag 
_chem_comp_atom.pdbx_stereo_config 
_chem_comp_atom.pdbx_ordinal 
ALA N    N  N N 1   
ALA CA   C  N S 2   
ALA C    C  N N 3   
ALA O    O  N N 4   
ALA CB   C  N N 5   
ALA OXT  O  N N 6   
ALA H    H  N N 7   
ALA H2   H  N N 8   
ALA HA   H  N N 9   
ALA HB1  H  N N 10  
ALA HB2  H  N N 11  
ALA HB3  H  N N 12  
ALA HXT  H  N N 13  
ARG N    N  N N 14  
ARG CA   C  N S 15  
ARG C    C  N N 16  
ARG O    O  N N 17  
ARG CB   C  N N 18  
ARG CG   C  N N 19  
ARG CD   C  N N 20  
ARG NE   N  N N 21  
ARG CZ   C  N N 22  
ARG NH1  N  N N 23  
ARG NH2  N  N N 24  
ARG OXT  O  N N 25  
ARG H    H  N N 26  
ARG H2   H  N N 27  
ARG HA   H  N N 28  
ARG HB2  H  N N 29  
ARG HB3  H  N N 30  
ARG HG2  H  N N 31  
ARG HG3  H  N N 32  
ARG HD2  H  N N 33  
ARG HD3  H  N N 34  
ARG HE   H  N N 35  
ARG HH11 H  N N 36  
ARG HH12 H  N N 37  
ARG HH21 H  N N 38  
ARG HH22 H  N N 39  
ARG HXT  H  N N 40  
ASN N    N  N N 41  
ASN CA   C  N S 42  
ASN C    C  N N 43  
ASN O    O  N N 44  
ASN CB   C  N N 45  
ASN CG   C  N N 46  
ASN OD1  O  N N 47  
ASN ND2  N  N N 48  
ASN OXT  O  N N 49  
ASN H    H  N N 50  
ASN H2   H  N N 51  
ASN HA   H  N N 52  
ASN HB2  H  N N 53  
ASN HB3  H  N N 54  
ASN HD21 H  N N 55  
ASN HD22 H  N N 56  
ASN HXT  H  N N 57  
ASP N    N  N N 58  
ASP CA   C  N S 59  
ASP C    C  N N 60  
ASP O    O  N N 61  
ASP CB   C  N N 62  
ASP CG   C  N N 63  
ASP OD1  O  N N 64  
ASP OD2  O  N N 65  
ASP OXT  O  N N 66  
ASP H    H  N N 67  
ASP H2   H  N N 68  
ASP HA   H  N N 69  
ASP HB2  H  N N 70  
ASP HB3  H  N N 71  
ASP HD2  H  N N 72  
ASP HXT  H  N N 73  
BGC C2   C  N R 74  
BGC C3   C  N S 75  
BGC C4   C  N S 76  
BGC C5   C  N R 77  
BGC C6   C  N N 78  
BGC C1   C  N R 79  
BGC O1   O  N N 80  
BGC O2   O  N N 81  
BGC O3   O  N N 82  
BGC O4   O  N N 83  
BGC O5   O  N N 84  
BGC O6   O  N N 85  
BGC H2   H  N N 86  
BGC H3   H  N N 87  
BGC H4   H  N N 88  
BGC H5   H  N N 89  
BGC H61  H  N N 90  
BGC H62  H  N N 91  
BGC H1   H  N N 92  
BGC HO1  H  N N 93  
BGC HO2  H  N N 94  
BGC HO3  H  N N 95  
BGC HO4  H  N N 96  
BGC HO6  H  N N 97  
CYS N    N  N N 98  
CYS CA   C  N R 99  
CYS C    C  N N 100 
CYS O    O  N N 101 
CYS CB   C  N N 102 
CYS SG   S  N N 103 
CYS OXT  O  N N 104 
CYS H    H  N N 105 
CYS H2   H  N N 106 
CYS HA   H  N N 107 
CYS HB2  H  N N 108 
CYS HB3  H  N N 109 
CYS HG   H  N N 110 
CYS HXT  H  N N 111 
GAL C1   C  N R 112 
GAL C2   C  N R 113 
GAL C3   C  N S 114 
GAL C4   C  N R 115 
GAL C5   C  N R 116 
GAL C6   C  N N 117 
GAL O1   O  N N 118 
GAL O2   O  N N 119 
GAL O3   O  N N 120 
GAL O4   O  N N 121 
GAL O5   O  N N 122 
GAL O6   O  N N 123 
GAL H1   H  N N 124 
GAL H2   H  N N 125 
GAL H3   H  N N 126 
GAL H4   H  N N 127 
GAL H5   H  N N 128 
GAL H61  H  N N 129 
GAL H62  H  N N 130 
GAL HO1  H  N N 131 
GAL HO2  H  N N 132 
GAL HO3  H  N N 133 
GAL HO4  H  N N 134 
GAL HO6  H  N N 135 
GLN N    N  N N 136 
GLN CA   C  N S 137 
GLN C    C  N N 138 
GLN O    O  N N 139 
GLN CB   C  N N 140 
GLN CG   C  N N 141 
GLN CD   C  N N 142 
GLN OE1  O  N N 143 
GLN NE2  N  N N 144 
GLN OXT  O  N N 145 
GLN H    H  N N 146 
GLN H2   H  N N 147 
GLN HA   H  N N 148 
GLN HB2  H  N N 149 
GLN HB3  H  N N 150 
GLN HG2  H  N N 151 
GLN HG3  H  N N 152 
GLN HE21 H  N N 153 
GLN HE22 H  N N 154 
GLN HXT  H  N N 155 
GLU N    N  N N 156 
GLU CA   C  N S 157 
GLU C    C  N N 158 
GLU O    O  N N 159 
GLU CB   C  N N 160 
GLU CG   C  N N 161 
GLU CD   C  N N 162 
GLU OE1  O  N N 163 
GLU OE2  O  N N 164 
GLU OXT  O  N N 165 
GLU H    H  N N 166 
GLU H2   H  N N 167 
GLU HA   H  N N 168 
GLU HB2  H  N N 169 
GLU HB3  H  N N 170 
GLU HG2  H  N N 171 
GLU HG3  H  N N 172 
GLU HE2  H  N N 173 
GLU HXT  H  N N 174 
GLY N    N  N N 175 
GLY CA   C  N N 176 
GLY C    C  N N 177 
GLY O    O  N N 178 
GLY OXT  O  N N 179 
GLY H    H  N N 180 
GLY H2   H  N N 181 
GLY HA2  H  N N 182 
GLY HA3  H  N N 183 
GLY HXT  H  N N 184 
HIS N    N  N N 185 
HIS CA   C  N S 186 
HIS C    C  N N 187 
HIS O    O  N N 188 
HIS CB   C  N N 189 
HIS CG   C  Y N 190 
HIS ND1  N  Y N 191 
HIS CD2  C  Y N 192 
HIS CE1  C  Y N 193 
HIS NE2  N  Y N 194 
HIS OXT  O  N N 195 
HIS H    H  N N 196 
HIS H2   H  N N 197 
HIS HA   H  N N 198 
HIS HB2  H  N N 199 
HIS HB3  H  N N 200 
HIS HD1  H  N N 201 
HIS HD2  H  N N 202 
HIS HE1  H  N N 203 
HIS HE2  H  N N 204 
HIS HXT  H  N N 205 
HOH O    O  N N 206 
HOH H1   H  N N 207 
HOH H2   H  N N 208 
ILE N    N  N N 209 
ILE CA   C  N S 210 
ILE C    C  N N 211 
ILE O    O  N N 212 
ILE CB   C  N S 213 
ILE CG1  C  N N 214 
ILE CG2  C  N N 215 
ILE CD1  C  N N 216 
ILE OXT  O  N N 217 
ILE H    H  N N 218 
ILE H2   H  N N 219 
ILE HA   H  N N 220 
ILE HB   H  N N 221 
ILE HG12 H  N N 222 
ILE HG13 H  N N 223 
ILE HG21 H  N N 224 
ILE HG22 H  N N 225 
ILE HG23 H  N N 226 
ILE HD11 H  N N 227 
ILE HD12 H  N N 228 
ILE HD13 H  N N 229 
ILE HXT  H  N N 230 
LEU N    N  N N 231 
LEU CA   C  N S 232 
LEU C    C  N N 233 
LEU O    O  N N 234 
LEU CB   C  N N 235 
LEU CG   C  N N 236 
LEU CD1  C  N N 237 
LEU CD2  C  N N 238 
LEU OXT  O  N N 239 
LEU H    H  N N 240 
LEU H2   H  N N 241 
LEU HA   H  N N 242 
LEU HB2  H  N N 243 
LEU HB3  H  N N 244 
LEU HG   H  N N 245 
LEU HD11 H  N N 246 
LEU HD12 H  N N 247 
LEU HD13 H  N N 248 
LEU HD21 H  N N 249 
LEU HD22 H  N N 250 
LEU HD23 H  N N 251 
LEU HXT  H  N N 252 
LYS N    N  N N 253 
LYS CA   C  N S 254 
LYS C    C  N N 255 
LYS O    O  N N 256 
LYS CB   C  N N 257 
LYS CG   C  N N 258 
LYS CD   C  N N 259 
LYS CE   C  N N 260 
LYS NZ   N  N N 261 
LYS OXT  O  N N 262 
LYS H    H  N N 263 
LYS H2   H  N N 264 
LYS HA   H  N N 265 
LYS HB2  H  N N 266 
LYS HB3  H  N N 267 
LYS HG2  H  N N 268 
LYS HG3  H  N N 269 
LYS HD2  H  N N 270 
LYS HD3  H  N N 271 
LYS HE2  H  N N 272 
LYS HE3  H  N N 273 
LYS HZ1  H  N N 274 
LYS HZ2  H  N N 275 
LYS HZ3  H  N N 276 
LYS HXT  H  N N 277 
MET N    N  N N 278 
MET CA   C  N S 279 
MET C    C  N N 280 
MET O    O  N N 281 
MET CB   C  N N 282 
MET CG   C  N N 283 
MET SD   S  N N 284 
MET CE   C  N N 285 
MET OXT  O  N N 286 
MET H    H  N N 287 
MET H2   H  N N 288 
MET HA   H  N N 289 
MET HB2  H  N N 290 
MET HB3  H  N N 291 
MET HG2  H  N N 292 
MET HG3  H  N N 293 
MET HE1  H  N N 294 
MET HE2  H  N N 295 
MET HE3  H  N N 296 
MET HXT  H  N N 297 
NA  NA   NA N N 298 
NI  NI   NI N N 299 
PHE N    N  N N 300 
PHE CA   C  N S 301 
PHE C    C  N N 302 
PHE O    O  N N 303 
PHE CB   C  N N 304 
PHE CG   C  Y N 305 
PHE CD1  C  Y N 306 
PHE CD2  C  Y N 307 
PHE CE1  C  Y N 308 
PHE CE2  C  Y N 309 
PHE CZ   C  Y N 310 
PHE OXT  O  N N 311 
PHE H    H  N N 312 
PHE H2   H  N N 313 
PHE HA   H  N N 314 
PHE HB2  H  N N 315 
PHE HB3  H  N N 316 
PHE HD1  H  N N 317 
PHE HD2  H  N N 318 
PHE HE1  H  N N 319 
PHE HE2  H  N N 320 
PHE HZ   H  N N 321 
PHE HXT  H  N N 322 
PRO N    N  N N 323 
PRO CA   C  N S 324 
PRO C    C  N N 325 
PRO O    O  N N 326 
PRO CB   C  N N 327 
PRO CG   C  N N 328 
PRO CD   C  N N 329 
PRO OXT  O  N N 330 
PRO H    H  N N 331 
PRO HA   H  N N 332 
PRO HB2  H  N N 333 
PRO HB3  H  N N 334 
PRO HG2  H  N N 335 
PRO HG3  H  N N 336 
PRO HD2  H  N N 337 
PRO HD3  H  N N 338 
PRO HXT  H  N N 339 
SER N    N  N N 340 
SER CA   C  N S 341 
SER C    C  N N 342 
SER O    O  N N 343 
SER CB   C  N N 344 
SER OG   O  N N 345 
SER OXT  O  N N 346 
SER H    H  N N 347 
SER H2   H  N N 348 
SER HA   H  N N 349 
SER HB2  H  N N 350 
SER HB3  H  N N 351 
SER HG   H  N N 352 
SER HXT  H  N N 353 
THR N    N  N N 354 
THR CA   C  N S 355 
THR C    C  N N 356 
THR O    O  N N 357 
THR CB   C  N R 358 
THR OG1  O  N N 359 
THR CG2  C  N N 360 
THR OXT  O  N N 361 
THR H    H  N N 362 
THR H2   H  N N 363 
THR HA   H  N N 364 
THR HB   H  N N 365 
THR HG1  H  N N 366 
THR HG21 H  N N 367 
THR HG22 H  N N 368 
THR HG23 H  N N 369 
THR HXT  H  N N 370 
TRP N    N  N N 371 
TRP CA   C  N S 372 
TRP C    C  N N 373 
TRP O    O  N N 374 
TRP CB   C  N N 375 
TRP CG   C  Y N 376 
TRP CD1  C  Y N 377 
TRP CD2  C  Y N 378 
TRP NE1  N  Y N 379 
TRP CE2  C  Y N 380 
TRP CE3  C  Y N 381 
TRP CZ2  C  Y N 382 
TRP CZ3  C  Y N 383 
TRP CH2  C  Y N 384 
TRP OXT  O  N N 385 
TRP H    H  N N 386 
TRP H2   H  N N 387 
TRP HA   H  N N 388 
TRP HB2  H  N N 389 
TRP HB3  H  N N 390 
TRP HD1  H  N N 391 
TRP HE1  H  N N 392 
TRP HE3  H  N N 393 
TRP HZ2  H  N N 394 
TRP HZ3  H  N N 395 
TRP HH2  H  N N 396 
TRP HXT  H  N N 397 
TYR N    N  N N 398 
TYR CA   C  N S 399 
TYR C    C  N N 400 
TYR O    O  N N 401 
TYR CB   C  N N 402 
TYR CG   C  Y N 403 
TYR CD1  C  Y N 404 
TYR CD2  C  Y N 405 
TYR CE1  C  Y N 406 
TYR CE2  C  Y N 407 
TYR CZ   C  Y N 408 
TYR OH   O  N N 409 
TYR OXT  O  N N 410 
TYR H    H  N N 411 
TYR H2   H  N N 412 
TYR HA   H  N N 413 
TYR HB2  H  N N 414 
TYR HB3  H  N N 415 
TYR HD1  H  N N 416 
TYR HD2  H  N N 417 
TYR HE1  H  N N 418 
TYR HE2  H  N N 419 
TYR HH   H  N N 420 
TYR HXT  H  N N 421 
VAL N    N  N N 422 
VAL CA   C  N S 423 
VAL C    C  N N 424 
VAL O    O  N N 425 
VAL CB   C  N N 426 
VAL CG1  C  N N 427 
VAL CG2  C  N N 428 
VAL OXT  O  N N 429 
VAL H    H  N N 430 
VAL H2   H  N N 431 
VAL HA   H  N N 432 
VAL HB   H  N N 433 
VAL HG11 H  N N 434 
VAL HG12 H  N N 435 
VAL HG13 H  N N 436 
VAL HG21 H  N N 437 
VAL HG22 H  N N 438 
VAL HG23 H  N N 439 
VAL HXT  H  N N 440 
# 
loop_
_chem_comp_bond.comp_id 
_chem_comp_bond.atom_id_1 
_chem_comp_bond.atom_id_2 
_chem_comp_bond.value_order 
_chem_comp_bond.pdbx_aromatic_flag 
_chem_comp_bond.pdbx_stereo_config 
_chem_comp_bond.pdbx_ordinal 
ALA N   CA   sing N N 1   
ALA N   H    sing N N 2   
ALA N   H2   sing N N 3   
ALA CA  C    sing N N 4   
ALA CA  CB   sing N N 5   
ALA CA  HA   sing N N 6   
ALA C   O    doub N N 7   
ALA C   OXT  sing N N 8   
ALA CB  HB1  sing N N 9   
ALA CB  HB2  sing N N 10  
ALA CB  HB3  sing N N 11  
ALA OXT HXT  sing N N 12  
ARG N   CA   sing N N 13  
ARG N   H    sing N N 14  
ARG N   H2   sing N N 15  
ARG CA  C    sing N N 16  
ARG CA  CB   sing N N 17  
ARG CA  HA   sing N N 18  
ARG C   O    doub N N 19  
ARG C   OXT  sing N N 20  
ARG CB  CG   sing N N 21  
ARG CB  HB2  sing N N 22  
ARG CB  HB3  sing N N 23  
ARG CG  CD   sing N N 24  
ARG CG  HG2  sing N N 25  
ARG CG  HG3  sing N N 26  
ARG CD  NE   sing N N 27  
ARG CD  HD2  sing N N 28  
ARG CD  HD3  sing N N 29  
ARG NE  CZ   sing N N 30  
ARG NE  HE   sing N N 31  
ARG CZ  NH1  sing N N 32  
ARG CZ  NH2  doub N N 33  
ARG NH1 HH11 sing N N 34  
ARG NH1 HH12 sing N N 35  
ARG NH2 HH21 sing N N 36  
ARG NH2 HH22 sing N N 37  
ARG OXT HXT  sing N N 38  
ASN N   CA   sing N N 39  
ASN N   H    sing N N 40  
ASN N   H2   sing N N 41  
ASN CA  C    sing N N 42  
ASN CA  CB   sing N N 43  
ASN CA  HA   sing N N 44  
ASN C   O    doub N N 45  
ASN C   OXT  sing N N 46  
ASN CB  CG   sing N N 47  
ASN CB  HB2  sing N N 48  
ASN CB  HB3  sing N N 49  
ASN CG  OD1  doub N N 50  
ASN CG  ND2  sing N N 51  
ASN ND2 HD21 sing N N 52  
ASN ND2 HD22 sing N N 53  
ASN OXT HXT  sing N N 54  
ASP N   CA   sing N N 55  
ASP N   H    sing N N 56  
ASP N   H2   sing N N 57  
ASP CA  C    sing N N 58  
ASP CA  CB   sing N N 59  
ASP CA  HA   sing N N 60  
ASP C   O    doub N N 61  
ASP C   OXT  sing N N 62  
ASP CB  CG   sing N N 63  
ASP CB  HB2  sing N N 64  
ASP CB  HB3  sing N N 65  
ASP CG  OD1  doub N N 66  
ASP CG  OD2  sing N N 67  
ASP OD2 HD2  sing N N 68  
ASP OXT HXT  sing N N 69  
BGC C2  C3   sing N N 70  
BGC C2  C1   sing N N 71  
BGC C2  O2   sing N N 72  
BGC C2  H2   sing N N 73  
BGC C3  C4   sing N N 74  
BGC C3  O3   sing N N 75  
BGC C3  H3   sing N N 76  
BGC C4  C5   sing N N 77  
BGC C4  O4   sing N N 78  
BGC C4  H4   sing N N 79  
BGC C5  C6   sing N N 80  
BGC C5  O5   sing N N 81  
BGC C5  H5   sing N N 82  
BGC C6  O6   sing N N 83  
BGC C6  H61  sing N N 84  
BGC C6  H62  sing N N 85  
BGC C1  O1   sing N N 86  
BGC C1  O5   sing N N 87  
BGC C1  H1   sing N N 88  
BGC O1  HO1  sing N N 89  
BGC O2  HO2  sing N N 90  
BGC O3  HO3  sing N N 91  
BGC O4  HO4  sing N N 92  
BGC O6  HO6  sing N N 93  
CYS N   CA   sing N N 94  
CYS N   H    sing N N 95  
CYS N   H2   sing N N 96  
CYS CA  C    sing N N 97  
CYS CA  CB   sing N N 98  
CYS CA  HA   sing N N 99  
CYS C   O    doub N N 100 
CYS C   OXT  sing N N 101 
CYS CB  SG   sing N N 102 
CYS CB  HB2  sing N N 103 
CYS CB  HB3  sing N N 104 
CYS SG  HG   sing N N 105 
CYS OXT HXT  sing N N 106 
GAL C1  C2   sing N N 107 
GAL C1  O1   sing N N 108 
GAL C1  O5   sing N N 109 
GAL C1  H1   sing N N 110 
GAL C2  C3   sing N N 111 
GAL C2  O2   sing N N 112 
GAL C2  H2   sing N N 113 
GAL C3  C4   sing N N 114 
GAL C3  O3   sing N N 115 
GAL C3  H3   sing N N 116 
GAL C4  C5   sing N N 117 
GAL C4  O4   sing N N 118 
GAL C4  H4   sing N N 119 
GAL C5  C6   sing N N 120 
GAL C5  O5   sing N N 121 
GAL C5  H5   sing N N 122 
GAL C6  O6   sing N N 123 
GAL C6  H61  sing N N 124 
GAL C6  H62  sing N N 125 
GAL O1  HO1  sing N N 126 
GAL O2  HO2  sing N N 127 
GAL O3  HO3  sing N N 128 
GAL O4  HO4  sing N N 129 
GAL O6  HO6  sing N N 130 
GLN N   CA   sing N N 131 
GLN N   H    sing N N 132 
GLN N   H2   sing N N 133 
GLN CA  C    sing N N 134 
GLN CA  CB   sing N N 135 
GLN CA  HA   sing N N 136 
GLN C   O    doub N N 137 
GLN C   OXT  sing N N 138 
GLN CB  CG   sing N N 139 
GLN CB  HB2  sing N N 140 
GLN CB  HB3  sing N N 141 
GLN CG  CD   sing N N 142 
GLN CG  HG2  sing N N 143 
GLN CG  HG3  sing N N 144 
GLN CD  OE1  doub N N 145 
GLN CD  NE2  sing N N 146 
GLN NE2 HE21 sing N N 147 
GLN NE2 HE22 sing N N 148 
GLN OXT HXT  sing N N 149 
GLU N   CA   sing N N 150 
GLU N   H    sing N N 151 
GLU N   H2   sing N N 152 
GLU CA  C    sing N N 153 
GLU CA  CB   sing N N 154 
GLU CA  HA   sing N N 155 
GLU C   O    doub N N 156 
GLU C   OXT  sing N N 157 
GLU CB  CG   sing N N 158 
GLU CB  HB2  sing N N 159 
GLU CB  HB3  sing N N 160 
GLU CG  CD   sing N N 161 
GLU CG  HG2  sing N N 162 
GLU CG  HG3  sing N N 163 
GLU CD  OE1  doub N N 164 
GLU CD  OE2  sing N N 165 
GLU OE2 HE2  sing N N 166 
GLU OXT HXT  sing N N 167 
GLY N   CA   sing N N 168 
GLY N   H    sing N N 169 
GLY N   H2   sing N N 170 
GLY CA  C    sing N N 171 
GLY CA  HA2  sing N N 172 
GLY CA  HA3  sing N N 173 
GLY C   O    doub N N 174 
GLY C   OXT  sing N N 175 
GLY OXT HXT  sing N N 176 
HIS N   CA   sing N N 177 
HIS N   H    sing N N 178 
HIS N   H2   sing N N 179 
HIS CA  C    sing N N 180 
HIS CA  CB   sing N N 181 
HIS CA  HA   sing N N 182 
HIS C   O    doub N N 183 
HIS C   OXT  sing N N 184 
HIS CB  CG   sing N N 185 
HIS CB  HB2  sing N N 186 
HIS CB  HB3  sing N N 187 
HIS CG  ND1  sing Y N 188 
HIS CG  CD2  doub Y N 189 
HIS ND1 CE1  doub Y N 190 
HIS ND1 HD1  sing N N 191 
HIS CD2 NE2  sing Y N 192 
HIS CD2 HD2  sing N N 193 
HIS CE1 NE2  sing Y N 194 
HIS CE1 HE1  sing N N 195 
HIS NE2 HE2  sing N N 196 
HIS OXT HXT  sing N N 197 
HOH O   H1   sing N N 198 
HOH O   H2   sing N N 199 
ILE N   CA   sing N N 200 
ILE N   H    sing N N 201 
ILE N   H2   sing N N 202 
ILE CA  C    sing N N 203 
ILE CA  CB   sing N N 204 
ILE CA  HA   sing N N 205 
ILE C   O    doub N N 206 
ILE C   OXT  sing N N 207 
ILE CB  CG1  sing N N 208 
ILE CB  CG2  sing N N 209 
ILE CB  HB   sing N N 210 
ILE CG1 CD1  sing N N 211 
ILE CG1 HG12 sing N N 212 
ILE CG1 HG13 sing N N 213 
ILE CG2 HG21 sing N N 214 
ILE CG2 HG22 sing N N 215 
ILE CG2 HG23 sing N N 216 
ILE CD1 HD11 sing N N 217 
ILE CD1 HD12 sing N N 218 
ILE CD1 HD13 sing N N 219 
ILE OXT HXT  sing N N 220 
LEU N   CA   sing N N 221 
LEU N   H    sing N N 222 
LEU N   H2   sing N N 223 
LEU CA  C    sing N N 224 
LEU CA  CB   sing N N 225 
LEU CA  HA   sing N N 226 
LEU C   O    doub N N 227 
LEU C   OXT  sing N N 228 
LEU CB  CG   sing N N 229 
LEU CB  HB2  sing N N 230 
LEU CB  HB3  sing N N 231 
LEU CG  CD1  sing N N 232 
LEU CG  CD2  sing N N 233 
LEU CG  HG   sing N N 234 
LEU CD1 HD11 sing N N 235 
LEU CD1 HD12 sing N N 236 
LEU CD1 HD13 sing N N 237 
LEU CD2 HD21 sing N N 238 
LEU CD2 HD22 sing N N 239 
LEU CD2 HD23 sing N N 240 
LEU OXT HXT  sing N N 241 
LYS N   CA   sing N N 242 
LYS N   H    sing N N 243 
LYS N   H2   sing N N 244 
LYS CA  C    sing N N 245 
LYS CA  CB   sing N N 246 
LYS CA  HA   sing N N 247 
LYS C   O    doub N N 248 
LYS C   OXT  sing N N 249 
LYS CB  CG   sing N N 250 
LYS CB  HB2  sing N N 251 
LYS CB  HB3  sing N N 252 
LYS CG  CD   sing N N 253 
LYS CG  HG2  sing N N 254 
LYS CG  HG3  sing N N 255 
LYS CD  CE   sing N N 256 
LYS CD  HD2  sing N N 257 
LYS CD  HD3  sing N N 258 
LYS CE  NZ   sing N N 259 
LYS CE  HE2  sing N N 260 
LYS CE  HE3  sing N N 261 
LYS NZ  HZ1  sing N N 262 
LYS NZ  HZ2  sing N N 263 
LYS NZ  HZ3  sing N N 264 
LYS OXT HXT  sing N N 265 
MET N   CA   sing N N 266 
MET N   H    sing N N 267 
MET N   H2   sing N N 268 
MET CA  C    sing N N 269 
MET CA  CB   sing N N 270 
MET CA  HA   sing N N 271 
MET C   O    doub N N 272 
MET C   OXT  sing N N 273 
MET CB  CG   sing N N 274 
MET CB  HB2  sing N N 275 
MET CB  HB3  sing N N 276 
MET CG  SD   sing N N 277 
MET CG  HG2  sing N N 278 
MET CG  HG3  sing N N 279 
MET SD  CE   sing N N 280 
MET CE  HE1  sing N N 281 
MET CE  HE2  sing N N 282 
MET CE  HE3  sing N N 283 
MET OXT HXT  sing N N 284 
PHE N   CA   sing N N 285 
PHE N   H    sing N N 286 
PHE N   H2   sing N N 287 
PHE CA  C    sing N N 288 
PHE CA  CB   sing N N 289 
PHE CA  HA   sing N N 290 
PHE C   O    doub N N 291 
PHE C   OXT  sing N N 292 
PHE CB  CG   sing N N 293 
PHE CB  HB2  sing N N 294 
PHE CB  HB3  sing N N 295 
PHE CG  CD1  doub Y N 296 
PHE CG  CD2  sing Y N 297 
PHE CD1 CE1  sing Y N 298 
PHE CD1 HD1  sing N N 299 
PHE CD2 CE2  doub Y N 300 
PHE CD2 HD2  sing N N 301 
PHE CE1 CZ   doub Y N 302 
PHE CE1 HE1  sing N N 303 
PHE CE2 CZ   sing Y N 304 
PHE CE2 HE2  sing N N 305 
PHE CZ  HZ   sing N N 306 
PHE OXT HXT  sing N N 307 
PRO N   CA   sing N N 308 
PRO N   CD   sing N N 309 
PRO N   H    sing N N 310 
PRO CA  C    sing N N 311 
PRO CA  CB   sing N N 312 
PRO CA  HA   sing N N 313 
PRO C   O    doub N N 314 
PRO C   OXT  sing N N 315 
PRO CB  CG   sing N N 316 
PRO CB  HB2  sing N N 317 
PRO CB  HB3  sing N N 318 
PRO CG  CD   sing N N 319 
PRO CG  HG2  sing N N 320 
PRO CG  HG3  sing N N 321 
PRO CD  HD2  sing N N 322 
PRO CD  HD3  sing N N 323 
PRO OXT HXT  sing N N 324 
SER N   CA   sing N N 325 
SER N   H    sing N N 326 
SER N   H2   sing N N 327 
SER CA  C    sing N N 328 
SER CA  CB   sing N N 329 
SER CA  HA   sing N N 330 
SER C   O    doub N N 331 
SER C   OXT  sing N N 332 
SER CB  OG   sing N N 333 
SER CB  HB2  sing N N 334 
SER CB  HB3  sing N N 335 
SER OG  HG   sing N N 336 
SER OXT HXT  sing N N 337 
THR N   CA   sing N N 338 
THR N   H    sing N N 339 
THR N   H2   sing N N 340 
THR CA  C    sing N N 341 
THR CA  CB   sing N N 342 
THR CA  HA   sing N N 343 
THR C   O    doub N N 344 
THR C   OXT  sing N N 345 
THR CB  OG1  sing N N 346 
THR CB  CG2  sing N N 347 
THR CB  HB   sing N N 348 
THR OG1 HG1  sing N N 349 
THR CG2 HG21 sing N N 350 
THR CG2 HG22 sing N N 351 
THR CG2 HG23 sing N N 352 
THR OXT HXT  sing N N 353 
TRP N   CA   sing N N 354 
TRP N   H    sing N N 355 
TRP N   H2   sing N N 356 
TRP CA  C    sing N N 357 
TRP CA  CB   sing N N 358 
TRP CA  HA   sing N N 359 
TRP C   O    doub N N 360 
TRP C   OXT  sing N N 361 
TRP CB  CG   sing N N 362 
TRP CB  HB2  sing N N 363 
TRP CB  HB3  sing N N 364 
TRP CG  CD1  doub Y N 365 
TRP CG  CD2  sing Y N 366 
TRP CD1 NE1  sing Y N 367 
TRP CD1 HD1  sing N N 368 
TRP CD2 CE2  doub Y N 369 
TRP CD2 CE3  sing Y N 370 
TRP NE1 CE2  sing Y N 371 
TRP NE1 HE1  sing N N 372 
TRP CE2 CZ2  sing Y N 373 
TRP CE3 CZ3  doub Y N 374 
TRP CE3 HE3  sing N N 375 
TRP CZ2 CH2  doub Y N 376 
TRP CZ2 HZ2  sing N N 377 
TRP CZ3 CH2  sing Y N 378 
TRP CZ3 HZ3  sing N N 379 
TRP CH2 HH2  sing N N 380 
TRP OXT HXT  sing N N 381 
TYR N   CA   sing N N 382 
TYR N   H    sing N N 383 
TYR N   H2   sing N N 384 
TYR CA  C    sing N N 385 
TYR CA  CB   sing N N 386 
TYR CA  HA   sing N N 387 
TYR C   O    doub N N 388 
TYR C   OXT  sing N N 389 
TYR CB  CG   sing N N 390 
TYR CB  HB2  sing N N 391 
TYR CB  HB3  sing N N 392 
TYR CG  CD1  doub Y N 393 
TYR CG  CD2  sing Y N 394 
TYR CD1 CE1  sing Y N 395 
TYR CD1 HD1  sing N N 396 
TYR CD2 CE2  doub Y N 397 
TYR CD2 HD2  sing N N 398 
TYR CE1 CZ   doub Y N 399 
TYR CE1 HE1  sing N N 400 
TYR CE2 CZ   sing Y N 401 
TYR CE2 HE2  sing N N 402 
TYR CZ  OH   sing N N 403 
TYR OH  HH   sing N N 404 
TYR OXT HXT  sing N N 405 
VAL N   CA   sing N N 406 
VAL N   H    sing N N 407 
VAL N   H2   sing N N 408 
VAL CA  C    sing N N 409 
VAL CA  CB   sing N N 410 
VAL CA  HA   sing N N 411 
VAL C   O    doub N N 412 
VAL C   OXT  sing N N 413 
VAL CB  CG1  sing N N 414 
VAL CB  CG2  sing N N 415 
VAL CB  HB   sing N N 416 
VAL CG1 HG11 sing N N 417 
VAL CG1 HG12 sing N N 418 
VAL CG1 HG13 sing N N 419 
VAL CG2 HG21 sing N N 420 
VAL CG2 HG22 sing N N 421 
VAL CG2 HG23 sing N N 422 
VAL OXT HXT  sing N N 423 
# 
loop_
_pdbx_entity_branch_list.entity_id 
_pdbx_entity_branch_list.comp_id 
_pdbx_entity_branch_list.num 
_pdbx_entity_branch_list.hetero 
2 BGC 1 n 
2 GAL 2 n 
# 
_atom_sites.entry_id                    5GZG 
_atom_sites.fract_transf_matrix[1][1]   -0.01548795 
_atom_sites.fract_transf_matrix[1][2]   0.01297951 
_atom_sites.fract_transf_matrix[1][3]   -0.00244576 
_atom_sites.fract_transf_matrix[2][1]   -0.01296269 
_atom_sites.fract_transf_matrix[2][2]   -0.01421452 
_atom_sites.fract_transf_matrix[2][3]   0.00665148 
_atom_sites.fract_transf_matrix[3][1]   0.00077950 
_atom_sites.fract_transf_matrix[3][2]   0.00203646 
_atom_sites.fract_transf_matrix[3][3]   0.00587115 
_atom_sites.fract_transf_vector[1]      -0.248564 
_atom_sites.fract_transf_vector[2]      0.145325 
_atom_sites.fract_transf_vector[3]      -0.056016 
# 
loop_
_atom_type.symbol 
C  
N  
NA 
NI 
O  
S  
# 
loop_
_atom_site.group_PDB 
_atom_site.id 
_atom_site.type_symbol 
_atom_site.label_atom_id 
_atom_site.label_alt_id 
_atom_site.label_comp_id 
_atom_site.label_asym_id 
_atom_site.label_entity_id 
_atom_site.label_seq_id 
_atom_site.pdbx_PDB_ins_code 
_atom_site.Cartn_x 
_atom_site.Cartn_y 
_atom_site.Cartn_z 
_atom_site.occupancy 
_atom_site.B_iso_or_equiv 
_atom_site.pdbx_formal_charge 
_atom_site.auth_seq_id 
_atom_site.auth_comp_id 
_atom_site.auth_asym_id 
_atom_site.auth_atom_id 
_atom_site.pdbx_PDB_model_num 
ATOM   1    N  N   . LEU A 1 8   ? -15.541 -3.682  -8.924  1.00 53.81 ? 5   LEU A N   1 
ATOM   2    C  CA  . LEU A 1 8   ? -14.324 -3.837  -9.712  1.00 44.56 ? 5   LEU A CA  1 
ATOM   3    C  C   . LEU A 1 8   ? -14.712 -3.808  -11.189 1.00 61.53 ? 5   LEU A C   1 
ATOM   4    O  O   . LEU A 1 8   ? -15.380 -2.857  -11.609 1.00 71.07 ? 5   LEU A O   1 
ATOM   5    C  CB  . LEU A 1 8   ? -13.559 -5.123  -9.327  1.00 46.33 ? 5   LEU A CB  1 
ATOM   6    C  CG  . LEU A 1 8   ? -13.101 -5.114  -7.848  1.00 47.84 ? 5   LEU A CG  1 
ATOM   7    C  CD1 . LEU A 1 8   ? -12.438 -6.403  -7.356  1.00 47.63 ? 5   LEU A CD1 1 
ATOM   8    C  CD2 . LEU A 1 8   ? -12.170 -3.943  -7.587  1.00 45.93 ? 5   LEU A CD2 1 
ATOM   9    N  N   . ASN A 1 9   ? -14.324 -4.838  -11.955 1.00 44.05 ? 6   ASN A N   1 
ATOM   10   C  CA  . ASN A 1 9   ? -14.268 -4.791  -13.420 1.00 52.29 ? 6   ASN A CA  1 
ATOM   11   C  C   . ASN A 1 9   ? -13.116 -3.851  -13.752 1.00 55.90 ? 6   ASN A C   1 
ATOM   12   O  O   . ASN A 1 9   ? -12.671 -3.087  -12.885 1.00 68.66 ? 6   ASN A O   1 
ATOM   13   C  CB  . ASN A 1 9   ? -15.557 -4.287  -14.108 1.00 45.02 ? 6   ASN A CB  1 
ATOM   14   C  CG  . ASN A 1 9   ? -16.819 -5.082  -13.743 1.00 47.42 ? 6   ASN A CG  1 
ATOM   15   O  OD1 . ASN A 1 9   ? -16.838 -5.904  -12.829 1.00 46.15 ? 6   ASN A OD1 1 
ATOM   16   N  ND2 . ASN A 1 9   ? -17.898 -4.796  -14.460 1.00 51.79 ? 6   ASN A ND2 1 
ATOM   17   N  N   . ASN A 1 10  ? -12.607 -3.905  -14.976 1.00 55.70 ? 7   ASN A N   1 
ATOM   18   C  CA  . ASN A 1 10  ? -11.471 -3.076  -15.383 1.00 48.24 ? 7   ASN A CA  1 
ATOM   19   C  C   . ASN A 1 10  ? -10.192 -3.380  -14.609 1.00 43.82 ? 7   ASN A C   1 
ATOM   20   O  O   . ASN A 1 10  ? -9.124  -2.889  -14.987 1.00 46.26 ? 7   ASN A O   1 
ATOM   21   C  CB  . ASN A 1 10  ? -11.813 -1.587  -15.262 1.00 43.43 ? 7   ASN A CB  1 
ATOM   22   C  CG  . ASN A 1 10  ? -12.887 -1.170  -16.227 1.00 54.14 ? 7   ASN A CG  1 
ATOM   23   O  OD1 . ASN A 1 10  ? -13.150 -1.866  -17.214 1.00 51.95 ? 7   ASN A OD1 1 
ATOM   24   N  ND2 . ASN A 1 10  ? -13.530 -0.041  -15.951 1.00 53.56 ? 7   ASN A ND2 1 
ATOM   25   N  N   . LEU A 1 11  ? -10.272 -4.182  -13.543 1.00 40.01 ? 8   LEU A N   1 
ATOM   26   C  CA  . LEU A 1 11  ? -9.063  -4.645  -12.873 1.00 36.37 ? 8   LEU A CA  1 
ATOM   27   C  C   . LEU A 1 11  ? -8.283  -5.580  -13.784 1.00 42.37 ? 8   LEU A C   1 
ATOM   28   O  O   . LEU A 1 11  ? -8.816  -6.574  -14.281 1.00 43.54 ? 8   LEU A O   1 
ATOM   29   C  CB  . LEU A 1 11  ? -9.396  -5.365  -11.567 1.00 36.56 ? 8   LEU A CB  1 
ATOM   30   C  CG  . LEU A 1 11  ? -8.181  -5.921  -10.810 1.00 37.46 ? 8   LEU A CG  1 
ATOM   31   C  CD1 . LEU A 1 11  ? -7.193  -4.816  -10.400 1.00 36.00 ? 8   LEU A CD1 1 
ATOM   32   C  CD2 . LEU A 1 11  ? -8.583  -6.766  -9.598  1.00 35.95 ? 8   LEU A CD2 1 
ATOM   33   N  N   . GLN A 1 12  ? -7.012  -5.278  -13.990 1.00 40.20 ? 9   GLN A N   1 
ATOM   34   C  CA  . GLN A 1 12  ? -6.112  -6.170  -14.712 1.00 45.18 ? 9   GLN A CA  1 
ATOM   35   C  C   . GLN A 1 12  ? -4.969  -6.534  -13.776 1.00 42.20 ? 9   GLN A C   1 
ATOM   36   O  O   . GLN A 1 12  ? -4.142  -5.683  -13.421 1.00 37.53 ? 9   GLN A O   1 
ATOM   37   C  CB  . GLN A 1 12  ? -5.618  -5.512  -15.993 1.00 41.96 ? 9   GLN A CB  1 
ATOM   38   C  CG  . GLN A 1 12  ? -6.772  -5.065  -16.874 1.00 49.17 ? 9   GLN A CG  1 
ATOM   39   C  CD  . GLN A 1 12  ? -6.333  -4.621  -18.255 1.00 55.96 ? 9   GLN A CD  1 
ATOM   40   O  OE1 . GLN A 1 12  ? -5.141  -4.504  -18.530 1.00 59.84 ? 9   GLN A OE1 1 
ATOM   41   N  NE2 . GLN A 1 12  ? -7.300  -4.362  -19.129 1.00 56.81 ? 9   GLN A NE2 1 
ATOM   42   N  N   . ASN A 1 13  ? -4.948  -7.789  -13.358 1.00 37.83 ? 10  ASN A N   1 
ATOM   43   C  CA  . ASN A 1 13  ? -3.885  -8.297  -12.512 1.00 37.04 ? 10  ASN A CA  1 
ATOM   44   C  C   . ASN A 1 13  ? -2.658  -8.589  -13.358 1.00 43.53 ? 10  ASN A C   1 
ATOM   45   O  O   . ASN A 1 13  ? -2.738  -9.332  -14.339 1.00 42.86 ? 10  ASN A O   1 
ATOM   46   C  CB  . ASN A 1 13  ? -4.346  -9.549  -11.772 1.00 38.91 ? 10  ASN A CB  1 
ATOM   47   C  CG  . ASN A 1 13  ? -5.392  -9.236  -10.701 1.00 43.02 ? 10  ASN A CG  1 
ATOM   48   O  OD1 . ASN A 1 13  ? -5.298  -8.213  -10.022 1.00 40.58 ? 10  ASN A OD1 1 
ATOM   49   N  ND2 . ASN A 1 13  ? -6.394  -10.108 -10.557 1.00 41.08 ? 10  ASN A ND2 1 
ATOM   50   N  N   . ILE A 1 14  ? -1.545  -7.949  -13.017 1.00 40.96 ? 11  ILE A N   1 
ATOM   51   C  CA  . ILE A 1 14  ? -0.220  -8.351  -13.463 1.00 40.55 ? 11  ILE A CA  1 
ATOM   52   C  C   . ILE A 1 14  ? 0.298   -9.053  -12.227 1.00 46.02 ? 11  ILE A C   1 
ATOM   53   O  O   . ILE A 1 14  ? -0.500  -9.431  -11.372 1.00 58.19 ? 11  ILE A O   1 
ATOM   54   C  CB  . ILE A 1 14  ? 0.650   -7.152  -13.872 1.00 55.92 ? 11  ILE A CB  1 
ATOM   55   C  CG1 . ILE A 1 14  ? -0.221  -6.031  -14.443 1.00 48.81 ? 11  ILE A CG1 1 
ATOM   56   C  CG2 . ILE A 1 14  ? 1.708   -7.571  -14.885 1.00 59.69 ? 11  ILE A CG2 1 
ATOM   57   C  CD1 . ILE A 1 14  ? -0.991  -6.407  -15.710 1.00 49.24 ? 11  ILE A CD1 1 
ATOM   58   N  N   . ILE A 1 15  ? 1.608   -9.228  -12.117 1.00 52.35 ? 12  ILE A N   1 
ATOM   59   C  CA  . ILE A 1 15  ? 2.293   -9.826  -10.969 1.00 42.85 ? 12  ILE A CA  1 
ATOM   60   C  C   . ILE A 1 15  ? 1.479   -10.836 -10.155 1.00 41.36 ? 12  ILE A C   1 
ATOM   61   O  O   . ILE A 1 15  ? 0.573   -10.470 -9.395  1.00 37.91 ? 12  ILE A O   1 
ATOM   62   C  CB  . ILE A 1 15  ? 2.828   -8.729  -10.030 1.00 39.05 ? 12  ILE A CB  1 
ATOM   63   C  CG1 . ILE A 1 15  ? 3.435   -7.568  -10.845 1.00 42.48 ? 12  ILE A CG1 1 
ATOM   64   C  CG2 . ILE A 1 15  ? 3.815   -9.335  -9.064  1.00 34.68 ? 12  ILE A CG2 1 
ATOM   65   C  CD1 . ILE A 1 15  ? 4.515   -7.973  -11.856 1.00 44.42 ? 12  ILE A CD1 1 
ATOM   66   N  N   . TYR A 1 16  ? 1.854   -12.102 -10.244 1.00 38.50 ? 13  TYR A N   1 
ATOM   67   C  CA  . TYR A 1 16  ? 1.300   -13.142 -9.387  1.00 36.75 ? 13  TYR A CA  1 
ATOM   68   C  C   . TYR A 1 16  ? 2.416   -13.714 -8.534  1.00 38.98 ? 13  TYR A C   1 
ATOM   69   O  O   . TYR A 1 16  ? 3.543   -13.904 -9.010  1.00 38.55 ? 13  TYR A O   1 
ATOM   70   C  CB  . TYR A 1 16  ? 0.616   -14.263 -10.198 1.00 40.48 ? 13  TYR A CB  1 
ATOM   71   C  CG  . TYR A 1 16  ? -0.590  -13.792 -11.010 1.00 34.76 ? 13  TYR A CG  1 
ATOM   72   C  CD1 . TYR A 1 16  ? -1.867  -13.781 -10.460 1.00 35.24 ? 13  TYR A CD1 1 
ATOM   73   C  CD2 . TYR A 1 16  ? -0.445  -13.375 -12.317 1.00 34.84 ? 13  TYR A CD2 1 
ATOM   74   C  CE1 . TYR A 1 16  ? -2.973  -13.349 -11.203 1.00 35.68 ? 13  TYR A CE1 1 
ATOM   75   C  CE2 . TYR A 1 16  ? -1.530  -12.940 -13.064 1.00 41.09 ? 13  TYR A CE2 1 
ATOM   76   C  CZ  . TYR A 1 16  ? -2.789  -12.924 -12.506 1.00 35.95 ? 13  TYR A CZ  1 
ATOM   77   O  OH  . TYR A 1 16  ? -3.854  -12.499 -13.281 1.00 35.50 ? 13  TYR A OH  1 
ATOM   78   N  N   . ASN A 1 17  ? 2.098   -13.944 -7.260  1.00 37.45 ? 14  ASN A N   1 
ATOM   79   C  CA  . ASN A 1 17  ? 2.981   -14.526 -6.261  1.00 36.92 ? 14  ASN A CA  1 
ATOM   80   C  C   . ASN A 1 17  ? 4.410   -13.969 -6.336  1.00 42.31 ? 14  ASN A C   1 
ATOM   81   O  O   . ASN A 1 17  ? 5.370   -14.733 -6.486  1.00 38.93 ? 14  ASN A O   1 
ATOM   82   C  CB  . ASN A 1 17  ? 2.983   -16.048 -6.369  1.00 38.29 ? 14  ASN A CB  1 
ATOM   83   C  CG  . ASN A 1 17  ? 1.604   -16.623 -6.147  1.00 39.62 ? 14  ASN A CG  1 
ATOM   84   O  OD1 . ASN A 1 17  ? 1.075   -16.561 -5.040  1.00 38.47 ? 14  ASN A OD1 1 
ATOM   85   N  ND2 . ASN A 1 17  ? 0.999   -17.150 -7.203  1.00 38.62 ? 14  ASN A ND2 1 
ATOM   86   N  N   . PRO A 1 18  ? 4.579   -12.656 -6.198  1.00 40.83 ? 15  PRO A N   1 
ATOM   87   C  CA  . PRO A 1 18  ? 5.928   -12.087 -6.215  1.00 36.94 ? 15  PRO A CA  1 
ATOM   88   C  C   . PRO A 1 18  ? 6.718   -12.474 -4.979  1.00 38.26 ? 15  PRO A C   1 
ATOM   89   O  O   . PRO A 1 18  ? 6.171   -12.650 -3.891  1.00 39.27 ? 15  PRO A O   1 
ATOM   90   C  CB  . PRO A 1 18  ? 5.672   -10.574 -6.240  1.00 39.37 ? 15  PRO A CB  1 
ATOM   91   C  CG  . PRO A 1 18  ? 4.400   -10.433 -5.466  1.00 38.97 ? 15  PRO A CG  1 
ATOM   92   C  CD  . PRO A 1 18  ? 3.565   -11.626 -5.913  1.00 36.54 ? 15  PRO A CD  1 
ATOM   93   N  N   . VAL A 1 19  ? 8.031   -12.574 -5.157  1.00 38.22 ? 16  VAL A N   1 
ATOM   94   C  CA  . VAL A 1 19  ? 8.932   -12.658 -4.018  1.00 42.68 ? 16  VAL A CA  1 
ATOM   95   C  C   . VAL A 1 19  ? 8.927   -11.322 -3.290  1.00 41.38 ? 16  VAL A C   1 
ATOM   96   O  O   . VAL A 1 19  ? 9.040   -10.260 -3.914  1.00 42.95 ? 16  VAL A O   1 
ATOM   97   C  CB  . VAL A 1 19  ? 10.344  -13.041 -4.485  1.00 41.73 ? 16  VAL A CB  1 
ATOM   98   C  CG1 . VAL A 1 19  ? 11.376  -12.752 -3.409  1.00 46.43 ? 16  VAL A CG1 1 
ATOM   99   C  CG2 . VAL A 1 19  ? 10.379  -14.511 -4.886  1.00 43.53 ? 16  VAL A CG2 1 
ATOM   100  N  N   . ILE A 1 20  ? 8.770   -11.370 -1.972  1.00 39.47 ? 17  ILE A N   1 
ATOM   101  C  CA  . ILE A 1 20  ? 8.838   -10.189 -1.119  1.00 37.28 ? 17  ILE A CA  1 
ATOM   102  C  C   . ILE A 1 20  ? 10.234  -10.123 -0.504  1.00 45.49 ? 17  ILE A C   1 
ATOM   103  O  O   . ILE A 1 20  ? 10.709  -11.119 0.043   1.00 44.06 ? 17  ILE A O   1 
ATOM   104  C  CB  . ILE A 1 20  ? 7.744   -10.226 -0.024  1.00 39.99 ? 17  ILE A CB  1 
ATOM   105  C  CG1 . ILE A 1 20  ? 6.359   -10.405 -0.657  1.00 39.35 ? 17  ILE A CG1 1 
ATOM   106  C  CG2 . ILE A 1 20  ? 7.831   -8.991  0.903   1.00 38.15 ? 17  ILE A CG2 1 
ATOM   107  C  CD1 . ILE A 1 20  ? 6.008   -9.345  -1.680  1.00 40.58 ? 17  ILE A CD1 1 
ATOM   108  N  N   . PRO A 1 21  ? 10.902  -8.958  -0.579  1.00 46.09 ? 18  PRO A N   1 
ATOM   109  C  CA  . PRO A 1 21  ? 10.453  -7.645  -1.078  1.00 41.90 ? 18  PRO A CA  1 
ATOM   110  C  C   . PRO A 1 21  ? 10.179  -7.565  -2.582  1.00 45.59 ? 18  PRO A C   1 
ATOM   111  O  O   . PRO A 1 21  ? 10.913  -8.119  -3.402  1.00 46.11 ? 18  PRO A O   1 
ATOM   112  C  CB  . PRO A 1 21  ? 11.614  -6.720  -0.703  1.00 44.27 ? 18  PRO A CB  1 
ATOM   113  C  CG  . PRO A 1 21  ? 12.806  -7.627  -0.601  1.00 43.13 ? 18  PRO A CG  1 
ATOM   114  C  CD  . PRO A 1 21  ? 12.264  -8.894  -0.021  1.00 41.19 ? 18  PRO A CD  1 
ATOM   115  N  N   . PHE A 1 22  ? 9.111   -6.859  -2.943  1.00 37.59 ? 19  PHE A N   1 
ATOM   116  C  CA  . PHE A 1 22  ? 8.736   -6.660  -4.331  1.00 37.84 ? 19  PHE A CA  1 
ATOM   117  C  C   . PHE A 1 22  ? 8.804   -5.174  -4.647  1.00 39.82 ? 19  PHE A C   1 
ATOM   118  O  O   . PHE A 1 22  ? 8.245   -4.352  -3.912  1.00 36.22 ? 19  PHE A O   1 
ATOM   119  C  CB  . PHE A 1 22  ? 7.319   -7.181  -4.618  1.00 35.50 ? 19  PHE A CB  1 
ATOM   120  C  CG  . PHE A 1 22  ? 6.780   -6.727  -5.940  1.00 40.62 ? 19  PHE A CG  1 
ATOM   121  C  CD1 . PHE A 1 22  ? 7.020   -7.470  -7.086  1.00 36.49 ? 19  PHE A CD1 1 
ATOM   122  C  CD2 . PHE A 1 22  ? 6.059   -5.541  -6.049  1.00 39.95 ? 19  PHE A CD2 1 
ATOM   123  C  CE1 . PHE A 1 22  ? 6.546   -7.044  -8.297  1.00 38.04 ? 19  PHE A CE1 1 
ATOM   124  C  CE2 . PHE A 1 22  ? 5.593   -5.102  -7.267  1.00 37.29 ? 19  PHE A CE2 1 
ATOM   125  C  CZ  . PHE A 1 22  ? 5.831   -5.857  -8.390  1.00 38.46 ? 19  PHE A CZ  1 
ATOM   126  N  N   . VAL A 1 23  ? 9.456   -4.834  -5.750  1.00 37.23 ? 20  VAL A N   1 
ATOM   127  C  CA  . VAL A 1 23  ? 9.490   -3.464  -6.246  1.00 37.95 ? 20  VAL A CA  1 
ATOM   128  C  C   . VAL A 1 23  ? 9.182   -3.494  -7.736  1.00 38.86 ? 20  VAL A C   1 
ATOM   129  O  O   . VAL A 1 23  ? 9.860   -4.192  -8.491  1.00 39.76 ? 20  VAL A O   1 
ATOM   130  C  CB  . VAL A 1 23  ? 10.856  -2.794  -5.994  1.00 37.02 ? 20  VAL A CB  1 
ATOM   131  C  CG1 . VAL A 1 23  ? 10.793  -1.321  -6.386  1.00 43.26 ? 20  VAL A CG1 1 
ATOM   132  C  CG2 . VAL A 1 23  ? 11.276  -2.943  -4.556  1.00 40.06 ? 20  VAL A CG2 1 
ATOM   133  N  N   . GLY A 1 24  ? 8.172   -2.746  -8.162  1.00 35.32 ? 21  GLY A N   1 
ATOM   134  C  CA  . GLY A 1 24  ? 7.782   -2.776  -9.561  1.00 38.23 ? 21  GLY A CA  1 
ATOM   135  C  C   . GLY A 1 24  ? 7.177   -1.474  -10.032 1.00 40.05 ? 21  GLY A C   1 
ATOM   136  O  O   . GLY A 1 24  ? 6.520   -0.760  -9.270  1.00 35.85 ? 21  GLY A O   1 
ATOM   137  N  N   . THR A 1 25  ? 7.380   -1.188  -11.313 1.00 36.14 ? 22  THR A N   1 
ATOM   138  C  CA  . THR A 1 25  ? 6.897   0.034   -11.941 1.00 38.04 ? 22  THR A CA  1 
ATOM   139  C  C   . THR A 1 25  ? 5.399   -0.051  -12.202 1.00 38.57 ? 22  THR A C   1 
ATOM   140  O  O   . THR A 1 25  ? 4.891   -1.067  -12.673 1.00 37.07 ? 22  THR A O   1 
ATOM   141  C  CB  . THR A 1 25  ? 7.643   0.285   -13.257 1.00 33.52 ? 22  THR A CB  1 
ATOM   142  O  OG1 . THR A 1 25  ? 9.060   0.244   -13.020 1.00 36.54 ? 22  THR A OG1 1 
ATOM   143  C  CG2 . THR A 1 25  ? 7.279   1.655   -13.840 1.00 32.61 ? 22  THR A CG2 1 
ATOM   144  N  N   . ILE A 1 26  ? 4.702   1.032   -11.906 1.00 35.65 ? 23  ILE A N   1 
ATOM   145  C  CA  . ILE A 1 26  ? 3.254   1.096   -12.100 1.00 30.50 ? 23  ILE A CA  1 
ATOM   146  C  C   . ILE A 1 26  ? 2.966   1.431   -13.563 1.00 40.85 ? 23  ILE A C   1 
ATOM   147  O  O   . ILE A 1 26  ? 3.604   2.340   -14.115 1.00 42.02 ? 23  ILE A O   1 
ATOM   148  C  CB  . ILE A 1 26  ? 2.650   2.129   -11.152 1.00 33.05 ? 23  ILE A CB  1 
ATOM   149  C  CG1 . ILE A 1 26  ? 2.884   1.693   -9.679  1.00 28.34 ? 23  ILE A CG1 1 
ATOM   150  C  CG2 . ILE A 1 26  ? 1.185   2.359   -11.447 1.00 33.74 ? 23  ILE A CG2 1 
ATOM   151  C  CD1 . ILE A 1 26  ? 2.364   2.713   -8.640  1.00 35.10 ? 23  ILE A CD1 1 
ATOM   152  N  N   . PRO A 1 27  ? 2.035   0.732   -14.223 1.00 36.11 ? 24  PRO A N   1 
ATOM   153  C  CA  . PRO A 1 27  ? 1.939   0.799   -15.695 1.00 39.73 ? 24  PRO A CA  1 
ATOM   154  C  C   . PRO A 1 27  ? 1.216   2.018   -16.265 1.00 41.74 ? 24  PRO A C   1 
ATOM   155  O  O   . PRO A 1 27  ? 1.114   2.126   -17.491 1.00 39.23 ? 24  PRO A O   1 
ATOM   156  C  CB  . PRO A 1 27  ? 1.165   -0.485  -16.056 1.00 36.09 ? 24  PRO A CB  1 
ATOM   157  C  CG  . PRO A 1 27  ? 1.108   -1.311  -14.838 1.00 39.00 ? 24  PRO A CG  1 
ATOM   158  C  CD  . PRO A 1 27  ? 1.226   -0.367  -13.667 1.00 41.04 ? 24  PRO A CD  1 
ATOM   159  N  N   . ASP A 1 28  ? 0.700   2.927   -15.447 1.00 34.11 ? 25  ASP A N   1 
ATOM   160  C  CA  . ASP A 1 28  ? -0.011  4.107   -15.930 1.00 36.19 ? 25  ASP A CA  1 
ATOM   161  C  C   . ASP A 1 28  ? -0.020  5.095   -14.781 1.00 38.30 ? 25  ASP A C   1 
ATOM   162  O  O   . ASP A 1 28  ? 0.348   4.755   -13.650 1.00 33.92 ? 25  ASP A O   1 
ATOM   163  C  CB  . ASP A 1 28  ? -1.440  3.755   -16.397 1.00 33.78 ? 25  ASP A CB  1 
ATOM   164  C  CG  . ASP A 1 28  ? -2.050  4.782   -17.383 1.00 45.58 ? 25  ASP A CG  1 
ATOM   165  O  OD1 . ASP A 1 28  ? -1.492  5.881   -17.611 1.00 37.50 ? 25  ASP A OD1 1 
ATOM   166  O  OD2 . ASP A 1 28  ? -3.127  4.481   -17.938 1.00 41.64 ? 25  ASP A OD2 1 
ATOM   167  N  N   . GLN A 1 29  ? -0.455  6.316   -15.073 1.00 37.76 ? 26  GLN A N   1 
ATOM   168  C  CA  . GLN A 1 29  ? -0.495  7.359   -14.058 1.00 41.05 ? 26  GLN A CA  1 
ATOM   169  C  C   . GLN A 1 29  ? -1.700  7.177   -13.139 1.00 36.27 ? 26  GLN A C   1 
ATOM   170  O  O   . GLN A 1 29  ? -2.792  6.821   -13.588 1.00 37.36 ? 26  GLN A O   1 
ATOM   171  C  CB  . GLN A 1 29  ? -0.533  8.735   -14.714 1.00 41.39 ? 26  GLN A CB  1 
ATOM   172  C  CG  . GLN A 1 29  ? -0.500  9.881   -13.740 1.00 43.47 ? 26  GLN A CG  1 
ATOM   173  C  CD  . GLN A 1 29  ? -0.342  11.203  -14.441 1.00 42.01 ? 26  GLN A CD  1 
ATOM   174  O  OE1 . GLN A 1 29  ? 0.780   11.605  -14.778 1.00 39.93 ? 26  GLN A OE1 1 
ATOM   175  N  NE2 . GLN A 1 29  ? -1.461  11.875  -14.699 1.00 42.41 ? 26  GLN A NE2 1 
ATOM   176  N  N   . LEU A 1 30  ? -1.494  7.411   -11.843 1.00 35.36 ? 27  LEU A N   1 
ATOM   177  C  CA  . LEU A 1 30  ? -2.551  7.207   -10.849 1.00 39.73 ? 27  LEU A CA  1 
ATOM   178  C  C   . LEU A 1 30  ? -3.511  8.405   -10.842 1.00 41.10 ? 27  LEU A C   1 
ATOM   179  O  O   . LEU A 1 30  ? -3.523  9.234   -9.933  1.00 39.13 ? 27  LEU A O   1 
ATOM   180  C  CB  . LEU A 1 30  ? -1.948  6.987   -9.473  1.00 33.98 ? 27  LEU A CB  1 
ATOM   181  C  CG  . LEU A 1 30  ? -0.917  5.881   -9.233  1.00 34.92 ? 27  LEU A CG  1 
ATOM   182  C  CD1 . LEU A 1 30  ? -0.635  5.760   -7.732  1.00 35.66 ? 27  LEU A CD1 1 
ATOM   183  C  CD2 . LEU A 1 30  ? -1.425  4.570   -9.783  1.00 44.63 ? 27  LEU A CD2 1 
ATOM   184  N  N   . ASP A 1 31  ? -4.335  8.482   -11.885 1.00 42.72 ? 28  ASP A N   1 
ATOM   185  C  CA  . ASP A 1 31  ? -5.325  9.544   -11.995 1.00 37.18 ? 28  ASP A CA  1 
ATOM   186  C  C   . ASP A 1 31  ? -6.550  9.225   -11.138 1.00 41.06 ? 28  ASP A C   1 
ATOM   187  O  O   . ASP A 1 31  ? -6.731  8.086   -10.701 1.00 42.80 ? 28  ASP A O   1 
ATOM   188  C  CB  . ASP A 1 31  ? -5.704  9.735   -13.463 1.00 39.34 ? 28  ASP A CB  1 
ATOM   189  C  CG  . ASP A 1 31  ? -4.630  10.475  -14.247 1.00 42.51 ? 28  ASP A CG  1 
ATOM   190  O  OD1 . ASP A 1 31  ? -3.995  11.403  -13.682 1.00 51.53 ? 28  ASP A OD1 1 
ATOM   191  O  OD2 . ASP A 1 31  ? -4.395  10.123  -15.414 1.00 42.71 ? 28  ASP A OD2 1 
ATOM   192  N  N   . PRO A 1 32  ? -7.388  10.226  -10.848 1.00 36.68 ? 29  PRO A N   1 
ATOM   193  C  CA  . PRO A 1 32  ? -8.553  9.981   -9.992  1.00 36.85 ? 29  PRO A CA  1 
ATOM   194  C  C   . PRO A 1 32  ? -9.436  8.877   -10.548 1.00 36.96 ? 29  PRO A C   1 
ATOM   195  O  O   . PRO A 1 32  ? -9.792  8.873   -11.723 1.00 41.63 ? 29  PRO A O   1 
ATOM   196  C  CB  . PRO A 1 32  ? -9.270  11.335  -9.987  1.00 45.31 ? 29  PRO A CB  1 
ATOM   197  C  CG  . PRO A 1 32  ? -8.157  12.317  -10.153 1.00 45.42 ? 29  PRO A CG  1 
ATOM   198  C  CD  . PRO A 1 32  ? -7.216  11.660  -11.136 1.00 33.88 ? 29  PRO A CD  1 
ATOM   199  N  N   . GLY A 1 33  ? -9.767  7.921   -9.698  1.00 40.30 ? 30  GLY A N   1 
ATOM   200  C  CA  . GLY A 1 33  ? -10.540 6.768   -10.104 1.00 42.42 ? 30  GLY A CA  1 
ATOM   201  C  C   . GLY A 1 33  ? -9.734  5.497   -10.239 1.00 42.50 ? 30  GLY A C   1 
ATOM   202  O  O   . GLY A 1 33  ? -10.325 4.417   -10.293 1.00 42.89 ? 30  GLY A O   1 
ATOM   203  N  N   . THR A 1 34  ? -8.405  5.596   -10.284 1.00 42.44 ? 31  THR A N   1 
ATOM   204  C  CA  . THR A 1 34  ? -7.559  4.413   -10.382 1.00 38.20 ? 31  THR A CA  1 
ATOM   205  C  C   . THR A 1 34  ? -7.703  3.543   -9.143  1.00 38.44 ? 31  THR A C   1 
ATOM   206  O  O   . THR A 1 34  ? -7.839  4.048   -8.024  1.00 38.34 ? 31  THR A O   1 
ATOM   207  C  CB  . THR A 1 34  ? -6.092  4.825   -10.537 1.00 37.74 ? 31  THR A CB  1 
ATOM   208  O  OG1 . THR A 1 34  ? -5.948  5.673   -11.676 1.00 38.57 ? 31  THR A OG1 1 
ATOM   209  C  CG2 . THR A 1 34  ? -5.194  3.595   -10.696 1.00 38.78 ? 31  THR A CG2 1 
ATOM   210  N  N   . LEU A 1 35  ? -7.642  2.222   -9.341  1.00 38.33 ? 32  LEU A N   1 
ATOM   211  C  CA  . LEU A 1 35  ? -7.582  1.268   -8.240  1.00 35.72 ? 32  LEU A CA  1 
ATOM   212  C  C   . LEU A 1 35  ? -6.285  0.479   -8.292  1.00 36.16 ? 32  LEU A C   1 
ATOM   213  O  O   . LEU A 1 35  ? -5.812  0.102   -9.374  1.00 31.60 ? 32  LEU A O   1 
ATOM   214  C  CB  . LEU A 1 35  ? -8.750  0.284   -8.279  1.00 38.59 ? 32  LEU A CB  1 
ATOM   215  C  CG  . LEU A 1 35  ? -10.165 0.848   -8.298  1.00 34.66 ? 32  LEU A CG  1 
ATOM   216  C  CD1 . LEU A 1 35  ? -11.140 -0.284  -8.467  1.00 39.26 ? 32  LEU A CD1 1 
ATOM   217  C  CD2 . LEU A 1 35  ? -10.435 1.596   -6.999  1.00 31.64 ? 32  LEU A CD2 1 
ATOM   218  N  N   . ILE A 1 36  ? -5.732  0.224   -7.113  1.00 32.42 ? 33  ILE A N   1 
ATOM   219  C  CA  . ILE A 1 36  ? -4.640  -0.718  -6.905  1.00 32.88 ? 33  ILE A CA  1 
ATOM   220  C  C   . ILE A 1 36  ? -5.189  -1.812  -6.004  1.00 32.34 ? 33  ILE A C   1 
ATOM   221  O  O   . ILE A 1 36  ? -5.694  -1.520  -4.911  1.00 36.09 ? 33  ILE A O   1 
ATOM   222  C  CB  . ILE A 1 36  ? -3.416  -0.040  -6.258  1.00 37.79 ? 33  ILE A CB  1 
ATOM   223  C  CG1 . ILE A 1 36  ? -2.989  1.211   -7.058  1.00 38.15 ? 33  ILE A CG1 1 
ATOM   224  C  CG2 . ILE A 1 36  ? -2.273  -1.029  -6.076  1.00 33.81 ? 33  ILE A CG2 1 
ATOM   225  C  CD1 . ILE A 1 36  ? -2.042  2.176   -6.266  1.00 36.42 ? 33  ILE A CD1 1 
ATOM   226  N  N   . VAL A 1 37  ? -5.085  -3.063  -6.440  1.00 35.86 ? 34  VAL A N   1 
ATOM   227  C  CA  . VAL A 1 37  ? -5.714  -4.188  -5.751  1.00 33.16 ? 34  VAL A CA  1 
ATOM   228  C  C   . VAL A 1 37  ? -4.646  -5.216  -5.407  1.00 37.85 ? 34  VAL A C   1 
ATOM   229  O  O   . VAL A 1 37  ? -4.001  -5.785  -6.302  1.00 32.67 ? 34  VAL A O   1 
ATOM   230  C  CB  . VAL A 1 37  ? -6.833  -4.825  -6.589  1.00 34.95 ? 34  VAL A CB  1 
ATOM   231  C  CG1 . VAL A 1 37  ? -7.440  -6.002  -5.823  1.00 34.33 ? 34  VAL A CG1 1 
ATOM   232  C  CG2 . VAL A 1 37  ? -7.917  -3.775  -6.960  1.00 33.14 ? 34  VAL A CG2 1 
ATOM   233  N  N   . ILE A 1 38  ? -4.484  -5.478  -4.112  1.00 35.65 ? 35  ILE A N   1 
ATOM   234  C  CA  . ILE A 1 38  ? -3.443  -6.360  -3.601  1.00 36.95 ? 35  ILE A CA  1 
ATOM   235  C  C   . ILE A 1 38  ? -4.106  -7.429  -2.746  1.00 37.16 ? 35  ILE A C   1 
ATOM   236  O  O   . ILE A 1 38  ? -4.780  -7.108  -1.763  1.00 39.28 ? 35  ILE A O   1 
ATOM   237  C  CB  . ILE A 1 38  ? -2.401  -5.588  -2.781  1.00 37.26 ? 35  ILE A CB  1 
ATOM   238  C  CG1 . ILE A 1 38  ? -1.740  -4.513  -3.652  1.00 38.08 ? 35  ILE A CG1 1 
ATOM   239  C  CG2 . ILE A 1 38  ? -1.348  -6.535  -2.215  1.00 34.38 ? 35  ILE A CG2 1 
ATOM   240  C  CD1 . ILE A 1 38  ? -0.880  -3.524  -2.844  1.00 34.65 ? 35  ILE A CD1 1 
ATOM   241  N  N   . ARG A 1 39  ? -3.903  -8.692  -3.107  1.00 41.21 ? 36  ARG A N   1 
ATOM   242  C  CA  . ARG A 1 39  ? -4.498  -9.823  -2.404  1.00 42.05 ? 36  ARG A CA  1 
ATOM   243  C  C   . ARG A 1 39  ? -3.402  -10.724 -1.856  1.00 39.03 ? 36  ARG A C   1 
ATOM   244  O  O   . ARG A 1 39  ? -2.372  -10.935 -2.505  1.00 34.59 ? 36  ARG A O   1 
ATOM   245  C  CB  . ARG A 1 39  ? -5.424  -10.629 -3.329  1.00 37.67 ? 36  ARG A CB  1 
ATOM   246  C  CG  . ARG A 1 39  ? -6.651  -9.872  -3.819  1.00 32.12 ? 36  ARG A CG  1 
ATOM   247  C  CD  . ARG A 1 39  ? -7.306  -10.578 -5.007  1.00 38.72 ? 36  ARG A CD  1 
ATOM   248  N  NE  . ARG A 1 39  ? -8.494  -9.862  -5.465  1.00 36.35 ? 36  ARG A NE  1 
ATOM   249  C  CZ  . ARG A 1 39  ? -8.985  -9.917  -6.696  1.00 35.26 ? 36  ARG A CZ  1 
ATOM   250  N  NH1 . ARG A 1 39  ? -8.392  -10.671 -7.626  1.00 33.35 ? 36  ARG A NH1 1 
ATOM   251  N  NH2 . ARG A 1 39  ? -10.082 -9.225  -7.002  1.00 36.41 ? 36  ARG A NH2 1 
ATOM   252  N  N   . GLY A 1 40  ? -3.637  -11.282 -0.674  1.00 33.60 ? 37  GLY A N   1 
ATOM   253  C  CA  . GLY A 1 40  ? -2.641  -12.144 -0.069  1.00 39.44 ? 37  GLY A CA  1 
ATOM   254  C  C   . GLY A 1 40  ? -3.035  -12.493 1.348   1.00 43.93 ? 37  GLY A C   1 
ATOM   255  O  O   . GLY A 1 40  ? -4.223  -12.498 1.688   1.00 42.39 ? 37  GLY A O   1 
ATOM   256  N  N   . HIS A 1 41  ? -2.031  -12.805 2.167   1.00 43.09 ? 38  HIS A N   1 
ATOM   257  C  CA  . HIS A 1 41  ? -2.338  -13.118 3.556   1.00 47.50 ? 38  HIS A CA  1 
ATOM   258  C  C   . HIS A 1 41  ? -1.159  -12.789 4.464   1.00 47.05 ? 38  HIS A C   1 
ATOM   259  O  O   . HIS A 1 41  ? -0.017  -12.616 4.023   1.00 44.98 ? 38  HIS A O   1 
ATOM   260  C  CB  . HIS A 1 41  ? -2.784  -14.586 3.753   1.00 53.17 ? 38  HIS A CB  1 
ATOM   261  C  CG  . HIS A 1 41  ? -2.371  -15.529 2.663   1.00 52.63 ? 38  HIS A CG  1 
ATOM   262  N  ND1 . HIS A 1 41  ? -1.068  -15.947 2.488   1.00 62.47 ? 38  HIS A ND1 1 
ATOM   263  C  CD2 . HIS A 1 41  ? -3.102  -16.179 1.722   1.00 56.80 ? 38  HIS A CD2 1 
ATOM   264  C  CE1 . HIS A 1 41  ? -1.008  -16.791 1.470   1.00 56.84 ? 38  HIS A CE1 1 
ATOM   265  N  NE2 . HIS A 1 41  ? -2.230  -16.951 0.991   1.00 55.47 ? 38  HIS A NE2 1 
ATOM   266  N  N   . VAL A 1 42  ? -1.475  -12.690 5.747   1.00 47.22 ? 39  VAL A N   1 
ATOM   267  C  CA  . VAL A 1 42  ? -0.522  -12.326 6.791   1.00 48.99 ? 39  VAL A CA  1 
ATOM   268  C  C   . VAL A 1 42  ? -0.027  -13.617 7.434   1.00 45.03 ? 39  VAL A C   1 
ATOM   269  O  O   . VAL A 1 42  ? -0.852  -14.404 7.921   1.00 50.01 ? 39  VAL A O   1 
ATOM   270  C  CB  . VAL A 1 42  ? -1.173  -11.410 7.835   1.00 45.14 ? 39  VAL A CB  1 
ATOM   271  C  CG1 . VAL A 1 42  ? -0.156  -10.968 8.853   1.00 50.94 ? 39  VAL A CG1 1 
ATOM   272  C  CG2 . VAL A 1 42  ? -1.836  -10.220 7.164   1.00 42.26 ? 39  VAL A CG2 1 
ATOM   273  N  N   . PRO A 1 43  ? 1.273   -13.891 7.434   1.00 50.05 ? 40  PRO A N   1 
ATOM   274  C  CA  . PRO A 1 43  ? 1.762   -15.090 8.118   1.00 50.23 ? 40  PRO A CA  1 
ATOM   275  C  C   . PRO A 1 43  ? 1.646   -14.934 9.631   1.00 55.11 ? 40  PRO A C   1 
ATOM   276  O  O   . PRO A 1 43  ? 1.481   -13.832 10.165  1.00 49.83 ? 40  PRO A O   1 
ATOM   277  C  CB  . PRO A 1 43  ? 3.223   -15.194 7.665   1.00 49.01 ? 40  PRO A CB  1 
ATOM   278  C  CG  . PRO A 1 43  ? 3.599   -13.815 7.251   1.00 48.87 ? 40  PRO A CG  1 
ATOM   279  C  CD  . PRO A 1 43  ? 2.349   -13.155 6.749   1.00 47.74 ? 40  PRO A CD  1 
ATOM   280  N  N   . SER A 1 44  ? 1.721   -16.074 10.326  1.00 54.52 ? 41  SER A N   1 
ATOM   281  C  CA  . SER A 1 44  ? 1.495   -16.097 11.768  1.00 57.73 ? 41  SER A CA  1 
ATOM   282  C  C   . SER A 1 44  ? 2.622   -15.443 12.556  1.00 52.81 ? 41  SER A C   1 
ATOM   283  O  O   . SER A 1 44  ? 2.411   -15.062 13.711  1.00 60.89 ? 41  SER A O   1 
ATOM   284  C  CB  . SER A 1 44  ? 1.304   -17.537 12.244  1.00 63.17 ? 41  SER A CB  1 
ATOM   285  O  OG  . SER A 1 44  ? 2.466   -18.304 11.995  1.00 62.26 ? 41  SER A OG  1 
ATOM   286  N  N   . ASP A 1 45  ? 3.808   -15.310 11.970  1.00 53.66 ? 42  ASP A N   1 
ATOM   287  C  CA  . ASP A 1 45  ? 4.937   -14.692 12.648  1.00 56.04 ? 42  ASP A CA  1 
ATOM   288  C  C   . ASP A 1 45  ? 5.107   -13.230 12.262  1.00 55.09 ? 42  ASP A C   1 
ATOM   289  O  O   . ASP A 1 45  ? 6.183   -12.658 12.471  1.00 55.97 ? 42  ASP A O   1 
ATOM   290  C  CB  . ASP A 1 45  ? 6.220   -15.467 12.353  1.00 56.86 ? 42  ASP A CB  1 
ATOM   291  C  CG  . ASP A 1 45  ? 6.762   -15.185 10.970  1.00 63.12 ? 42  ASP A CG  1 
ATOM   292  O  OD1 . ASP A 1 45  ? 5.980   -15.227 9.995   1.00 62.40 ? 42  ASP A OD1 1 
ATOM   293  O  OD2 . ASP A 1 45  ? 7.972   -14.898 10.859  1.00 67.88 ? 42  ASP A OD2 1 
ATOM   294  N  N   . ALA A 1 46  ? 4.067   -12.612 11.717  1.00 51.49 ? 43  ALA A N   1 
ATOM   295  C  CA  . ALA A 1 46  ? 4.176   -11.256 11.202  1.00 48.81 ? 43  ALA A CA  1 
ATOM   296  C  C   . ALA A 1 46  ? 4.181   -10.223 12.321  1.00 48.87 ? 43  ALA A C   1 
ATOM   297  O  O   . ALA A 1 46  ? 3.268   -10.190 13.159  1.00 43.44 ? 43  ALA A O   1 
ATOM   298  C  CB  . ALA A 1 46  ? 3.022   -10.963 10.247  1.00 50.36 ? 43  ALA A CB  1 
ATOM   299  N  N   . ASP A 1 47  ? 5.205   -9.366  12.316  1.00 42.26 ? 44  ASP A N   1 
ATOM   300  C  CA  . ASP A 1 47  ? 5.195   -8.148  13.113  1.00 41.96 ? 44  ASP A CA  1 
ATOM   301  C  C   . ASP A 1 47  ? 4.573   -6.982  12.349  1.00 49.58 ? 44  ASP A C   1 
ATOM   302  O  O   . ASP A 1 47  ? 3.757   -6.238  12.914  1.00 42.62 ? 44  ASP A O   1 
ATOM   303  C  CB  A ASP A 1 47  ? 6.620   -7.778  13.549  0.57 45.84 ? 44  ASP A CB  1 
ATOM   304  C  CB  B ASP A 1 47  ? 6.615   -7.790  13.565  0.43 45.73 ? 44  ASP A CB  1 
ATOM   305  C  CG  A ASP A 1 47  ? 7.649   -7.888  12.413  0.57 46.03 ? 44  ASP A CG  1 
ATOM   306  C  CG  B ASP A 1 47  ? 7.191   -8.800  14.552  0.43 45.58 ? 44  ASP A CG  1 
ATOM   307  O  OD1 A ASP A 1 47  ? 7.275   -8.111  11.238  0.57 36.93 ? 44  ASP A OD1 1 
ATOM   308  O  OD1 B ASP A 1 47  ? 6.411   -9.539  15.190  0.43 43.62 ? 44  ASP A OD1 1 
ATOM   309  O  OD2 A ASP A 1 47  ? 8.856   -7.743  12.718  0.57 48.30 ? 44  ASP A OD2 1 
ATOM   310  O  OD2 B ASP A 1 47  ? 8.433   -8.846  14.688  0.43 49.42 ? 44  ASP A OD2 1 
ATOM   311  N  N   . ARG A 1 48  ? 4.931   -6.823  11.072  1.00 41.71 ? 45  ARG A N   1 
ATOM   312  C  CA  . ARG A 1 48  ? 4.401   -5.744  10.248  1.00 43.72 ? 45  ARG A CA  1 
ATOM   313  C  C   . ARG A 1 48  ? 4.661   -6.038  8.773   1.00 41.11 ? 45  ARG A C   1 
ATOM   314  O  O   . ARG A 1 48  ? 5.525   -6.845  8.421   1.00 40.09 ? 45  ARG A O   1 
ATOM   315  C  CB  . ARG A 1 48  ? 5.024   -4.397  10.627  1.00 33.48 ? 45  ARG A CB  1 
ATOM   316  C  CG  . ARG A 1 48  ? 6.544   -4.378  10.561  1.00 40.58 ? 45  ARG A CG  1 
ATOM   317  C  CD  . ARG A 1 48  ? 7.071   -2.981  10.826  1.00 42.23 ? 45  ARG A CD  1 
ATOM   318  N  NE  . ARG A 1 48  ? 7.309   -2.247  9.588   1.00 41.10 ? 45  ARG A NE  1 
ATOM   319  C  CZ  . ARG A 1 48  ? 7.486   -0.931  9.516   1.00 42.03 ? 45  ARG A CZ  1 
ATOM   320  N  NH1 . ARG A 1 48  ? 7.440   -0.190  10.615  1.00 38.08 ? 45  ARG A NH1 1 
ATOM   321  N  NH2 . ARG A 1 48  ? 7.722   -0.356  8.345   1.00 40.80 ? 45  ARG A NH2 1 
ATOM   322  N  N   . PHE A 1 49  ? 3.902   -5.355  7.915   1.00 38.63 ? 46  PHE A N   1 
ATOM   323  C  CA  . PHE A 1 49  ? 4.259   -5.242  6.506   1.00 37.86 ? 46  PHE A CA  1 
ATOM   324  C  C   . PHE A 1 49  ? 3.848   -3.862  6.014   1.00 39.87 ? 46  PHE A C   1 
ATOM   325  O  O   . PHE A 1 49  ? 3.191   -3.091  6.730   1.00 41.28 ? 46  PHE A O   1 
ATOM   326  C  CB  . PHE A 1 49  ? 3.657   -6.383  5.651   1.00 38.22 ? 46  PHE A CB  1 
ATOM   327  C  CG  . PHE A 1 49  ? 2.177   -6.278  5.393   1.00 40.14 ? 46  PHE A CG  1 
ATOM   328  C  CD1 . PHE A 1 49  ? 1.269   -6.945  6.202   1.00 39.06 ? 46  PHE A CD1 1 
ATOM   329  C  CD2 . PHE A 1 49  ? 1.692   -5.570  4.296   1.00 42.42 ? 46  PHE A CD2 1 
ATOM   330  C  CE1 . PHE A 1 49  ? -0.088  -6.879  5.948   1.00 34.81 ? 46  PHE A CE1 1 
ATOM   331  C  CE2 . PHE A 1 49  ? 0.324   -5.487  4.043   1.00 37.46 ? 46  PHE A CE2 1 
ATOM   332  C  CZ  . PHE A 1 49  ? -0.563  -6.143  4.872   1.00 35.89 ? 46  PHE A CZ  1 
ATOM   333  N  N   . GLN A 1 50  ? 4.278   -3.531  4.798   1.00 36.76 ? 47  GLN A N   1 
ATOM   334  C  CA  . GLN A 1 50  ? 3.945   -2.234  4.229   1.00 38.72 ? 47  GLN A CA  1 
ATOM   335  C  C   . GLN A 1 50  ? 3.738   -2.329  2.723   1.00 39.47 ? 47  GLN A C   1 
ATOM   336  O  O   . GLN A 1 50  ? 4.383   -3.123  2.034   1.00 33.17 ? 47  GLN A O   1 
ATOM   337  C  CB  . GLN A 1 50  ? 5.035   -1.199  4.537   1.00 38.92 ? 47  GLN A CB  1 
ATOM   338  C  CG  . GLN A 1 50  ? 6.397   -1.561  4.013   1.00 39.20 ? 47  GLN A CG  1 
ATOM   339  C  CD  . GLN A 1 50  ? 7.507   -0.888  4.788   1.00 39.67 ? 47  GLN A CD  1 
ATOM   340  O  OE1 . GLN A 1 50  ? 7.908   -1.369  5.853   1.00 42.82 ? 47  GLN A OE1 1 
ATOM   341  N  NE2 . GLN A 1 50  ? 8.019   0.226   4.258   1.00 33.32 ? 47  GLN A NE2 1 
ATOM   342  N  N   . VAL A 1 51  ? 2.838   -1.478  2.233   1.00 38.46 ? 48  VAL A N   1 
ATOM   343  C  CA  . VAL A 1 51  ? 2.671   -1.181  0.822   1.00 35.97 ? 48  VAL A CA  1 
ATOM   344  C  C   . VAL A 1 51  ? 3.087   0.272   0.628   1.00 38.49 ? 48  VAL A C   1 
ATOM   345  O  O   . VAL A 1 51  ? 2.485   1.176   1.225   1.00 37.93 ? 48  VAL A O   1 
ATOM   346  C  CB  . VAL A 1 51  ? 1.223   -1.405  0.370   1.00 31.47 ? 48  VAL A CB  1 
ATOM   347  C  CG1 . VAL A 1 51  ? 1.034   -0.953  -1.088  1.00 35.05 ? 48  VAL A CG1 1 
ATOM   348  C  CG2 . VAL A 1 51  ? 0.825   -2.874  0.561   1.00 35.83 ? 48  VAL A CG2 1 
ATOM   349  N  N   . ASP A 1 52  ? 4.103   0.502   -0.205  1.00 31.58 ? 49  ASP A N   1 
ATOM   350  C  CA  . ASP A 1 52  ? 4.660   1.836   -0.418  1.00 30.40 ? 49  ASP A CA  1 
ATOM   351  C  C   . ASP A 1 52  ? 4.439   2.299   -1.855  1.00 34.21 ? 49  ASP A C   1 
ATOM   352  O  O   . ASP A 1 52  ? 4.936   1.680   -2.802  1.00 31.22 ? 49  ASP A O   1 
ATOM   353  C  CB  . ASP A 1 52  ? 6.145   1.857   -0.093  1.00 29.66 ? 49  ASP A CB  1 
ATOM   354  C  CG  . ASP A 1 52  ? 6.434   1.721   1.400   1.00 37.52 ? 49  ASP A CG  1 
ATOM   355  O  OD1 . ASP A 1 52  ? 5.546   1.995   2.255   1.00 35.31 ? 49  ASP A OD1 1 
ATOM   356  O  OD2 . ASP A 1 52  ? 7.588   1.374   1.723   1.00 37.34 ? 49  ASP A OD2 1 
ATOM   357  N  N   . LEU A 1 53  ? 3.743   3.417   -2.018  1.00 29.20 ? 50  LEU A N   1 
ATOM   358  C  CA  . LEU A 1 53  ? 3.648   4.072   -3.318  1.00 31.88 ? 50  LEU A CA  1 
ATOM   359  C  C   . LEU A 1 53  ? 4.760   5.119   -3.413  1.00 33.84 ? 50  LEU A C   1 
ATOM   360  O  O   . LEU A 1 53  ? 4.787   6.073   -2.631  1.00 32.25 ? 50  LEU A O   1 
ATOM   361  C  CB  . LEU A 1 53  ? 2.267   4.688   -3.497  1.00 31.41 ? 50  LEU A CB  1 
ATOM   362  C  CG  . LEU A 1 53  ? 1.116   3.710   -3.235  1.00 32.65 ? 50  LEU A CG  1 
ATOM   363  C  CD1 . LEU A 1 53  ? -0.192  4.396   -3.548  1.00 29.52 ? 50  LEU A CD1 1 
ATOM   364  C  CD2 . LEU A 1 53  ? 1.264   2.455   -4.091  1.00 33.50 ? 50  LEU A CD2 1 
ATOM   365  N  N   . GLN A 1 54  ? 5.697   4.920   -4.338  1.00 34.97 ? 51  GLN A N   1 
ATOM   366  C  CA  . GLN A 1 54  ? 6.990   5.587   -4.291  1.00 29.61 ? 51  GLN A CA  1 
ATOM   367  C  C   . GLN A 1 54  ? 7.210   6.456   -5.515  1.00 34.19 ? 51  GLN A C   1 
ATOM   368  O  O   . GLN A 1 54  ? 6.630   6.227   -6.576  1.00 32.44 ? 51  GLN A O   1 
ATOM   369  C  CB  . GLN A 1 54  ? 8.139   4.578   -4.211  1.00 30.89 ? 51  GLN A CB  1 
ATOM   370  C  CG  . GLN A 1 54  ? 8.049   3.633   -3.048  1.00 31.55 ? 51  GLN A CG  1 
ATOM   371  C  CD  . GLN A 1 54  ? 9.176   2.636   -3.011  1.00 32.44 ? 51  GLN A CD  1 
ATOM   372  O  OE1 . GLN A 1 54  ? 10.134  2.710   -3.806  1.00 38.38 ? 51  GLN A OE1 1 
ATOM   373  N  NE2 . GLN A 1 54  ? 9.080   1.688   -2.095  1.00 29.12 ? 51  GLN A NE2 1 
ATOM   374  N  N   . ASN A 1 55  ? 8.095   7.445   -5.346  1.00 33.32 ? 52  ASN A N   1 
ATOM   375  C  CA  . ASN A 1 55  ? 8.613   8.249   -6.454  1.00 35.73 ? 52  ASN A CA  1 
ATOM   376  C  C   . ASN A 1 55  ? 9.952   7.643   -6.856  1.00 32.77 ? 52  ASN A C   1 
ATOM   377  O  O   . ASN A 1 55  ? 11.007  8.062   -6.393  1.00 37.03 ? 52  ASN A O   1 
ATOM   378  C  CB  . ASN A 1 55  ? 8.764   9.714   -6.061  1.00 30.97 ? 52  ASN A CB  1 
ATOM   379  C  CG  . ASN A 1 55  ? 9.204   10.579  -7.218  1.00 34.21 ? 52  ASN A CG  1 
ATOM   380  O  OD1 . ASN A 1 55  ? 9.424   10.092  -8.341  1.00 35.91 ? 52  ASN A OD1 1 
ATOM   381  N  ND2 . ASN A 1 55  ? 9.312   11.869  -6.969  1.00 34.88 ? 52  ASN A ND2 1 
ATOM   382  N  N   . GLY A 1 56  ? 9.902   6.645   -7.719  1.00 35.18 ? 53  GLY A N   1 
ATOM   383  C  CA  . GLY A 1 56  ? 11.109  5.966   -8.139  1.00 33.93 ? 53  GLY A CA  1 
ATOM   384  C  C   . GLY A 1 56  ? 11.443  4.794   -7.254  1.00 36.14 ? 53  GLY A C   1 
ATOM   385  O  O   . GLY A 1 56  ? 10.745  4.466   -6.288  1.00 35.83 ? 53  GLY A O   1 
ATOM   386  N  N   . SER A 1 57  ? 12.554  4.142   -7.593  1.00 31.80 ? 54  SER A N   1 
ATOM   387  C  CA  . SER A 1 57  ? 13.015  2.971   -6.856  1.00 28.87 ? 54  SER A CA  1 
ATOM   388  C  C   . SER A 1 57  ? 14.410  3.160   -6.292  1.00 36.88 ? 54  SER A C   1 
ATOM   389  O  O   . SER A 1 57  ? 15.056  2.174   -5.931  1.00 36.69 ? 54  SER A O   1 
ATOM   390  C  CB  . SER A 1 57  ? 12.991  1.738   -7.757  1.00 41.30 ? 54  SER A CB  1 
ATOM   391  O  OG  . SER A 1 57  ? 13.689  2.019   -8.962  1.00 42.14 ? 54  SER A OG  1 
ATOM   392  N  N   . SER A 1 58  ? 14.904  4.397   -6.218  1.00 34.94 ? 55  SER A N   1 
ATOM   393  C  CA  . SER A 1 58  ? 16.244  4.592   -5.683  1.00 42.20 ? 55  SER A CA  1 
ATOM   394  C  C   . SER A 1 58  ? 16.338  4.050   -4.261  1.00 43.33 ? 55  SER A C   1 
ATOM   395  O  O   . SER A 1 58  ? 15.398  4.170   -3.466  1.00 42.51 ? 55  SER A O   1 
ATOM   396  C  CB  . SER A 1 58  ? 16.635  6.069   -5.696  1.00 43.00 ? 55  SER A CB  1 
ATOM   397  O  OG  . SER A 1 58  ? 17.914  6.232   -5.108  1.00 43.61 ? 55  SER A OG  1 
ATOM   398  N  N   . MET A 1 59  ? 17.490  3.456   -3.938  1.00 42.50 ? 56  MET A N   1 
ATOM   399  C  CA  . MET A 1 59  ? 17.747  2.967   -2.590  1.00 47.06 ? 56  MET A CA  1 
ATOM   400  C  C   . MET A 1 59  ? 18.736  3.812   -1.805  1.00 46.01 ? 56  MET A C   1 
ATOM   401  O  O   . MET A 1 59  ? 18.576  3.946   -0.595  1.00 43.87 ? 56  MET A O   1 
ATOM   402  C  CB  . MET A 1 59  ? 18.252  1.525   -2.627  1.00 47.51 ? 56  MET A CB  1 
ATOM   403  C  CG  . MET A 1 59  ? 17.161  0.519   -2.923  1.00 56.51 ? 56  MET A CG  1 
ATOM   404  S  SD  . MET A 1 59  ? 17.821  -1.148  -2.881  1.00 81.90 ? 56  MET A SD  1 
ATOM   405  C  CE  . MET A 1 59  ? 19.229  -0.970  -3.978  1.00 65.07 ? 56  MET A CE  1 
ATOM   406  N  N   . LYS A 1 60  ? 19.743  4.382   -2.456  1.00 45.19 ? 57  LYS A N   1 
ATOM   407  C  CA  . LYS A 1 60  ? 20.619  5.339   -1.800  1.00 43.95 ? 57  LYS A CA  1 
ATOM   408  C  C   . LYS A 1 60  ? 20.820  6.536   -2.712  1.00 48.51 ? 57  LYS A C   1 
ATOM   409  O  O   . LYS A 1 60  ? 21.597  6.472   -3.660  1.00 51.86 ? 57  LYS A O   1 
ATOM   410  C  CB  . LYS A 1 60  ? 21.966  4.715   -1.424  1.00 51.45 ? 57  LYS A CB  1 
ATOM   411  C  CG  . LYS A 1 60  ? 22.671  5.486   -0.287  1.00 60.36 ? 57  LYS A CG  1 
ATOM   412  C  CD  . LYS A 1 60  ? 24.084  4.973   0.006   1.00 66.62 ? 57  LYS A CD  1 
ATOM   413  C  CE  . LYS A 1 60  ? 24.800  5.838   1.046   1.00 62.46 ? 57  LYS A CE  1 
ATOM   414  N  NZ  . LYS A 1 60  ? 25.113  7.219   0.556   1.00 68.66 ? 57  LYS A NZ  1 
ATOM   415  N  N   . PRO A 1 61  ? 20.109  7.642   -2.434  1.00 48.89 ? 58  PRO A N   1 
ATOM   416  C  CA  . PRO A 1 61  ? 19.204  7.869   -1.300  1.00 46.58 ? 58  PRO A CA  1 
ATOM   417  C  C   . PRO A 1 61  ? 17.862  7.148   -1.441  1.00 45.54 ? 58  PRO A C   1 
ATOM   418  O  O   . PRO A 1 61  ? 17.433  6.885   -2.563  1.00 47.43 ? 58  PRO A O   1 
ATOM   419  C  CB  . PRO A 1 61  ? 18.989  9.375   -1.345  1.00 44.10 ? 58  PRO A CB  1 
ATOM   420  C  CG  . PRO A 1 61  ? 19.002  9.668   -2.812  1.00 47.14 ? 58  PRO A CG  1 
ATOM   421  C  CD  . PRO A 1 61  ? 20.071  8.770   -3.385  1.00 44.76 ? 58  PRO A CD  1 
ATOM   422  N  N   . ARG A 1 62  ? 17.202  6.850   -0.325  1.00 45.60 ? 59  ARG A N   1 
ATOM   423  C  CA  . ARG A 1 62  ? 15.943  6.115   -0.387  1.00 40.83 ? 59  ARG A CA  1 
ATOM   424  C  C   . ARG A 1 62  ? 14.859  6.946   -1.068  1.00 40.71 ? 59  ARG A C   1 
ATOM   425  O  O   . ARG A 1 62  ? 14.637  8.107   -0.708  1.00 35.85 ? 59  ARG A O   1 
ATOM   426  C  CB  . ARG A 1 62  ? 15.497  5.719   1.011   1.00 41.41 ? 59  ARG A CB  1 
ATOM   427  C  CG  . ARG A 1 62  ? 14.182  4.985   1.004   1.00 37.10 ? 59  ARG A CG  1 
ATOM   428  C  CD  . ARG A 1 62  ? 13.835  4.533   2.395   1.00 42.26 ? 59  ARG A CD  1 
ATOM   429  N  NE  . ARG A 1 62  ? 12.510  3.916   2.423   1.00 38.69 ? 59  ARG A NE  1 
ATOM   430  C  CZ  . ARG A 1 62  ? 11.934  3.480   3.530   1.00 42.30 ? 59  ARG A CZ  1 
ATOM   431  N  NH1 . ARG A 1 62  ? 12.569  3.608   4.696   1.00 44.18 ? 59  ARG A NH1 1 
ATOM   432  N  NH2 . ARG A 1 62  ? 10.723  2.932   3.473   1.00 42.49 ? 59  ARG A NH2 1 
ATOM   433  N  N   . ALA A 1 63  ? 14.189  6.344   -2.063  1.00 36.82 ? 60  ALA A N   1 
ATOM   434  C  CA  . ALA A 1 63  ? 13.126  7.029   -2.797  1.00 39.01 ? 60  ALA A CA  1 
ATOM   435  C  C   . ALA A 1 63  ? 12.045  7.538   -1.854  1.00 32.44 ? 60  ALA A C   1 
ATOM   436  O  O   . ALA A 1 63  ? 11.687  6.863   -0.888  1.00 33.34 ? 60  ALA A O   1 
ATOM   437  C  CB  . ALA A 1 63  ? 12.483  6.084   -3.815  1.00 31.22 ? 60  ALA A CB  1 
ATOM   438  N  N   . ASP A 1 64  ? 11.497  8.712   -2.171  1.00 36.73 ? 61  ASP A N   1 
ATOM   439  C  CA  . ASP A 1 64  ? 10.341  9.234   -1.434  1.00 32.50 ? 61  ASP A CA  1 
ATOM   440  C  C   . ASP A 1 64  ? 9.174   8.253   -1.512  1.00 32.13 ? 61  ASP A C   1 
ATOM   441  O  O   . ASP A 1 64  ? 8.913   7.674   -2.571  1.00 32.01 ? 61  ASP A O   1 
ATOM   442  C  CB  . ASP A 1 64  ? 9.888   10.571  -2.024  1.00 31.64 ? 61  ASP A CB  1 
ATOM   443  C  CG  . ASP A 1 64  ? 10.910  11.687  -1.867  1.00 32.68 ? 61  ASP A CG  1 
ATOM   444  O  OD1 . ASP A 1 64  ? 11.900  11.513  -1.134  1.00 38.99 ? 61  ASP A OD1 1 
ATOM   445  O  OD2 . ASP A 1 64  ? 10.683  12.758  -2.477  1.00 40.86 ? 61  ASP A OD2 1 
ATOM   446  N  N   . VAL A 1 65  ? 8.453   8.084   -0.399  1.00 32.72 ? 62  VAL A N   1 
ATOM   447  C  CA  . VAL A 1 65  ? 7.224   7.279   -0.348  1.00 32.06 ? 62  VAL A CA  1 
ATOM   448  C  C   . VAL A 1 65  ? 6.051   8.244   -0.195  1.00 32.08 ? 62  VAL A C   1 
ATOM   449  O  O   . VAL A 1 65  ? 5.864   8.849   0.871   1.00 34.71 ? 62  VAL A O   1 
ATOM   450  C  CB  . VAL A 1 65  ? 7.233   6.267   0.805   1.00 29.98 ? 62  VAL A CB  1 
ATOM   451  C  CG1 . VAL A 1 65  ? 5.942   5.410   0.799   1.00 28.88 ? 62  VAL A CG1 1 
ATOM   452  C  CG2 . VAL A 1 65  ? 8.494   5.400   0.790   1.00 32.62 ? 62  VAL A CG2 1 
ATOM   453  N  N   . ALA A 1 66  ? 5.268   8.410   -1.256  1.00 31.21 ? 63  ALA A N   1 
ATOM   454  C  CA  . ALA A 1 66  ? 4.117   9.301   -1.170  1.00 28.88 ? 63  ALA A CA  1 
ATOM   455  C  C   . ALA A 1 66  ? 3.068   8.741   -0.212  1.00 34.41 ? 63  ALA A C   1 
ATOM   456  O  O   . ALA A 1 66  ? 2.446   9.490   0.552   1.00 35.88 ? 63  ALA A O   1 
ATOM   457  C  CB  . ALA A 1 66  ? 3.523   9.514   -2.561  1.00 33.11 ? 63  ALA A CB  1 
ATOM   458  N  N   . PHE A 1 67  ? 2.885   7.420   -0.213  1.00 33.93 ? 64  PHE A N   1 
ATOM   459  C  CA  . PHE A 1 67  ? 1.870   6.766   0.620   1.00 32.16 ? 64  PHE A CA  1 
ATOM   460  C  C   . PHE A 1 67  ? 2.472   5.473   1.159   1.00 32.66 ? 64  PHE A C   1 
ATOM   461  O  O   . PHE A 1 67  ? 2.632   4.497   0.416   1.00 33.44 ? 64  PHE A O   1 
ATOM   462  C  CB  . PHE A 1 67  ? 0.587   6.509   -0.176  1.00 33.66 ? 64  PHE A CB  1 
ATOM   463  C  CG  . PHE A 1 67  ? -0.535  5.897   0.641   1.00 33.56 ? 64  PHE A CG  1 
ATOM   464  C  CD1 . PHE A 1 67  ? -0.795  6.332   1.935   1.00 37.10 ? 64  PHE A CD1 1 
ATOM   465  C  CD2 . PHE A 1 67  ? -1.332  4.905   0.109   1.00 30.72 ? 64  PHE A CD2 1 
ATOM   466  C  CE1 . PHE A 1 67  ? -1.828  5.774   2.674   1.00 36.28 ? 64  PHE A CE1 1 
ATOM   467  C  CE2 . PHE A 1 67  ? -2.365  4.346   0.835   1.00 32.62 ? 64  PHE A CE2 1 
ATOM   468  C  CZ  . PHE A 1 67  ? -2.618  4.781   2.112   1.00 35.21 ? 64  PHE A CZ  1 
ATOM   469  N  N   . HIS A 1 68  ? 2.842   5.509   2.443   1.00 29.83 ? 65  HIS A N   1 
ATOM   470  C  CA  . HIS A 1 68  ? 3.286   4.365   3.239   1.00 33.81 ? 65  HIS A CA  1 
ATOM   471  C  C   . HIS A 1 68  ? 2.064   3.808   3.976   1.00 36.32 ? 65  HIS A C   1 
ATOM   472  O  O   . HIS A 1 68  ? 1.520   4.469   4.864   1.00 34.47 ? 65  HIS A O   1 
ATOM   473  C  CB  . HIS A 1 68  ? 4.374   4.854   4.202   1.00 34.36 ? 65  HIS A CB  1 
ATOM   474  C  CG  . HIS A 1 68  ? 4.857   3.855   5.212   1.00 33.44 ? 65  HIS A CG  1 
ATOM   475  N  ND1 . HIS A 1 68  ? 5.524   2.693   4.868   1.00 33.51 ? 65  HIS A ND1 1 
ATOM   476  C  CD2 . HIS A 1 68  ? 4.873   3.909   6.568   1.00 34.12 ? 65  HIS A CD2 1 
ATOM   477  C  CE1 . HIS A 1 68  ? 5.881   2.053   5.969   1.00 37.63 ? 65  HIS A CE1 1 
ATOM   478  N  NE2 . HIS A 1 68  ? 5.492   2.766   7.015   1.00 34.74 ? 65  HIS A NE2 1 
ATOM   479  N  N   . PHE A 1 69  ? 1.614   2.611   3.592   1.00 32.05 ? 66  PHE A N   1 
ATOM   480  C  CA  . PHE A 1 69  ? 0.464   1.931   4.202   1.00 32.79 ? 66  PHE A CA  1 
ATOM   481  C  C   . PHE A 1 69  ? 1.011   0.752   5.008   1.00 37.34 ? 66  PHE A C   1 
ATOM   482  O  O   . PHE A 1 69  ? 1.483   -0.232  4.434   1.00 32.56 ? 66  PHE A O   1 
ATOM   483  C  CB  . PHE A 1 69  ? -0.529  1.494   3.117   1.00 30.48 ? 66  PHE A CB  1 
ATOM   484  C  CG  . PHE A 1 69  ? -1.701  0.665   3.618   1.00 33.90 ? 66  PHE A CG  1 
ATOM   485  C  CD1 . PHE A 1 69  ? -2.865  1.274   4.061   1.00 32.02 ? 66  PHE A CD1 1 
ATOM   486  C  CD2 . PHE A 1 69  ? -1.648  -0.727  3.596   1.00 33.74 ? 66  PHE A CD2 1 
ATOM   487  C  CE1 . PHE A 1 69  ? -3.957  0.497   4.497   1.00 37.39 ? 66  PHE A CE1 1 
ATOM   488  C  CE2 . PHE A 1 69  ? -2.739  -1.509  4.024   1.00 34.07 ? 66  PHE A CE2 1 
ATOM   489  C  CZ  . PHE A 1 69  ? -3.883  -0.895  4.475   1.00 30.38 ? 66  PHE A CZ  1 
ATOM   490  N  N   . ASN A 1 70  ? 0.967   0.845   6.342   1.00 34.56 ? 67  ASN A N   1 
ATOM   491  C  CA  . ASN A 1 70  ? 1.797   -0.020  7.182   1.00 34.37 ? 67  ASN A CA  1 
ATOM   492  C  C   . ASN A 1 70  ? 1.009   -0.689  8.305   1.00 42.30 ? 67  ASN A C   1 
ATOM   493  O  O   . ASN A 1 70  ? 0.960   -0.185  9.442   1.00 42.91 ? 67  ASN A O   1 
ATOM   494  C  CB  . ASN A 1 70  ? 2.982   0.788   7.715   1.00 36.61 ? 67  ASN A CB  1 
ATOM   495  C  CG  . ASN A 1 70  ? 3.834   0.022   8.710   1.00 41.10 ? 67  ASN A CG  1 
ATOM   496  O  OD1 . ASN A 1 70  ? 4.304   0.603   9.698   1.00 38.46 ? 67  ASN A OD1 1 
ATOM   497  N  ND2 . ASN A 1 70  ? 4.033   -1.274  8.468   1.00 36.47 ? 67  ASN A ND2 1 
ATOM   498  N  N   . PRO A 1 71  ? 0.383   -1.835  8.027   1.00 37.39 ? 68  PRO A N   1 
ATOM   499  C  CA  . PRO A 1 71  ? -0.209  -2.631  9.112   1.00 38.15 ? 68  PRO A CA  1 
ATOM   500  C  C   . PRO A 1 71  ? 0.861   -3.203  10.031  1.00 42.30 ? 68  PRO A C   1 
ATOM   501  O  O   . PRO A 1 71  ? 1.907   -3.679  9.583   1.00 42.41 ? 68  PRO A O   1 
ATOM   502  C  CB  . PRO A 1 71  ? -0.982  -3.736  8.373   1.00 39.99 ? 68  PRO A CB  1 
ATOM   503  C  CG  . PRO A 1 71  ? -1.275  -3.130  7.014   1.00 39.46 ? 68  PRO A CG  1 
ATOM   504  C  CD  . PRO A 1 71  ? -0.042  -2.313  6.695   1.00 37.52 ? 68  PRO A CD  1 
ATOM   505  N  N   . ARG A 1 72  ? 0.591   -3.108  11.343  1.00 42.38 ? 69  ARG A N   1 
ATOM   506  C  CA  . ARG A 1 72  ? 1.425   -3.637  12.416  1.00 42.00 ? 69  ARG A CA  1 
ATOM   507  C  C   . ARG A 1 72  ? 0.542   -4.499  13.310  1.00 45.91 ? 69  ARG A C   1 
ATOM   508  O  O   . ARG A 1 72  ? -0.628  -4.169  13.533  1.00 42.73 ? 69  ARG A O   1 
ATOM   509  C  CB  . ARG A 1 72  ? 2.061   -2.509  13.242  1.00 46.42 ? 69  ARG A CB  1 
ATOM   510  C  CG  . ARG A 1 72  ? 2.849   -1.477  12.427  1.00 42.34 ? 69  ARG A CG  1 
ATOM   511  C  CD  . ARG A 1 72  ? 3.405   -0.354  13.316  1.00 44.14 ? 69  ARG A CD  1 
ATOM   512  N  NE  . ARG A 1 72  ? 4.206   0.580   12.522  1.00 41.18 ? 69  ARG A NE  1 
ATOM   513  C  CZ  . ARG A 1 72  ? 4.914   1.584   13.024  1.00 46.21 ? 69  ARG A CZ  1 
ATOM   514  N  NH1 . ARG A 1 72  ? 4.922   1.813   14.336  1.00 42.88 ? 69  ARG A NH1 1 
ATOM   515  N  NH2 . ARG A 1 72  ? 5.615   2.365   12.212  1.00 39.51 ? 69  ARG A NH2 1 
ATOM   516  N  N   . PHE A 1 73  ? 1.102   -5.598  13.827  1.00 47.36 ? 70  PHE A N   1 
ATOM   517  C  CA  . PHE A 1 73  ? 0.304   -6.615  14.504  1.00 49.57 ? 70  PHE A CA  1 
ATOM   518  C  C   . PHE A 1 73  ? 0.626   -6.820  15.982  1.00 59.43 ? 70  PHE A C   1 
ATOM   519  O  O   . PHE A 1 73  ? -0.086  -7.584  16.646  1.00 57.54 ? 70  PHE A O   1 
ATOM   520  C  CB  . PHE A 1 73  ? 0.440   -7.955  13.773  1.00 50.53 ? 70  PHE A CB  1 
ATOM   521  C  CG  . PHE A 1 73  ? 0.106   -7.861  12.319  1.00 47.59 ? 70  PHE A CG  1 
ATOM   522  C  CD1 . PHE A 1 73  ? -1.201  -7.997  11.895  1.00 49.14 ? 70  PHE A CD1 1 
ATOM   523  C  CD2 . PHE A 1 73  ? 1.092   -7.588  11.387  1.00 48.30 ? 70  PHE A CD2 1 
ATOM   524  C  CE1 . PHE A 1 73  ? -1.520  -7.890  10.562  1.00 48.97 ? 70  PHE A CE1 1 
ATOM   525  C  CE2 . PHE A 1 73  ? 0.780   -7.482  10.044  1.00 43.90 ? 70  PHE A CE2 1 
ATOM   526  C  CZ  . PHE A 1 73  ? -0.526  -7.627  9.635   1.00 46.64 ? 70  PHE A CZ  1 
ATOM   527  N  N   . LYS A 1 74  ? 1.671   -6.186  16.510  1.00 53.49 ? 71  LYS A N   1 
ATOM   528  C  CA  . LYS A 1 74  ? 1.933   -6.248  17.942  1.00 58.67 ? 71  LYS A CA  1 
ATOM   529  C  C   . LYS A 1 74  ? 0.775   -5.631  18.720  1.00 53.36 ? 71  LYS A C   1 
ATOM   530  O  O   . LYS A 1 74  ? 0.130   -4.678  18.271  1.00 60.19 ? 71  LYS A O   1 
ATOM   531  C  CB  . LYS A 1 74  ? 3.243   -5.531  18.273  1.00 53.75 ? 71  LYS A CB  1 
ATOM   532  N  N   . ARG A 1 75  ? 0.505   -6.195  19.892  1.00 63.66 ? 72  ARG A N   1 
ATOM   533  C  CA  . ARG A 1 75  ? -0.579  -5.737  20.788  1.00 61.02 ? 72  ARG A CA  1 
ATOM   534  C  C   . ARG A 1 75  ? -1.905  -5.879  20.029  1.00 59.41 ? 72  ARG A C   1 
ATOM   535  O  O   . ARG A 1 75  ? -2.142  -6.905  19.372  1.00 58.92 ? 72  ARG A O   1 
ATOM   536  C  CB  . ARG A 1 75  ? -0.282  -4.341  21.294  1.00 54.84 ? 72  ARG A CB  1 
ATOM   537  N  N   . ALA A 1 76  ? -2.784  -4.883  20.090  1.00 59.08 ? 73  ALA A N   1 
ATOM   538  C  CA  . ALA A 1 76  ? -4.048  -4.945  19.372  1.00 59.84 ? 73  ALA A CA  1 
ATOM   539  C  C   . ALA A 1 76  ? -3.912  -4.623  17.889  1.00 57.87 ? 73  ALA A C   1 
ATOM   540  O  O   . ALA A 1 76  ? -4.920  -4.653  17.179  1.00 61.81 ? 73  ALA A O   1 
ATOM   541  C  CB  . ALA A 1 76  ? -5.059  -3.991  20.009  1.00 54.44 ? 73  ALA A CB  1 
ATOM   542  N  N   . GLY A 1 77  ? -2.706  -4.313  17.407  1.00 60.80 ? 74  GLY A N   1 
ATOM   543  C  CA  . GLY A 1 77  ? -2.495  -3.996  16.003  1.00 51.48 ? 74  GLY A CA  1 
ATOM   544  C  C   . GLY A 1 77  ? -3.003  -2.626  15.590  1.00 51.81 ? 74  GLY A C   1 
ATOM   545  O  O   . GLY A 1 77  ? -3.824  -2.027  16.288  1.00 53.43 ? 74  GLY A O   1 
ATOM   546  N  N   . CYS A 1 78  ? -2.511  -2.107  14.468  1.00 46.16 ? 75  CYS A N   1 
ATOM   547  C  CA  . CYS A 1 78  ? -2.942  -0.815  13.945  1.00 44.49 ? 75  CYS A CA  1 
ATOM   548  C  C   . CYS A 1 78  ? -2.467  -0.716  12.501  1.00 41.15 ? 75  CYS A C   1 
ATOM   549  O  O   . CYS A 1 78  ? -1.831  -1.633  11.975  1.00 41.16 ? 75  CYS A O   1 
ATOM   550  C  CB  . CYS A 1 78  ? -2.386  0.356   14.763  1.00 42.83 ? 75  CYS A CB  1 
ATOM   551  S  SG  . CYS A 1 78  ? -0.587  0.455   14.791  1.00 47.14 ? 75  CYS A SG  1 
ATOM   552  N  N   . ILE A 1 79  ? -2.761  0.416   11.872  1.00 37.74 ? 76  ILE A N   1 
ATOM   553  C  CA  . ILE A 1 79  ? -2.194  0.741   10.572  1.00 40.95 ? 76  ILE A CA  1 
ATOM   554  C  C   . ILE A 1 79  ? -1.613  2.138   10.662  1.00 43.45 ? 76  ILE A C   1 
ATOM   555  O  O   . ILE A 1 79  ? -2.348  3.098   10.913  1.00 41.33 ? 76  ILE A O   1 
ATOM   556  C  CB  . ILE A 1 79  ? -3.227  0.678   9.444   1.00 37.23 ? 76  ILE A CB  1 
ATOM   557  C  CG1 . ILE A 1 79  ? -3.856  -0.706  9.357   1.00 35.72 ? 76  ILE A CG1 1 
ATOM   558  C  CG2 . ILE A 1 79  ? -2.565  1.050   8.120   1.00 37.19 ? 76  ILE A CG2 1 
ATOM   559  C  CD1 . ILE A 1 79  ? -5.007  -0.735  8.427   1.00 35.22 ? 76  ILE A CD1 1 
ATOM   560  N  N   . VAL A 1 80  ? -0.310  2.255   10.450  1.00 38.09 ? 77  VAL A N   1 
ATOM   561  C  CA  . VAL A 1 80  ? 0.341   3.553   10.349  1.00 33.67 ? 77  VAL A CA  1 
ATOM   562  C  C   . VAL A 1 80  ? 0.413   3.937   8.874   1.00 39.36 ? 77  VAL A C   1 
ATOM   563  O  O   . VAL A 1 80  ? 0.853   3.143   8.041   1.00 36.39 ? 77  VAL A O   1 
ATOM   564  C  CB  . VAL A 1 80  ? 1.739   3.508   10.994  1.00 40.60 ? 77  VAL A CB  1 
ATOM   565  C  CG1 . VAL A 1 80  ? 2.426   4.848   10.894  1.00 39.59 ? 77  VAL A CG1 1 
ATOM   566  C  CG2 . VAL A 1 80  ? 1.633   3.078   12.471  1.00 40.69 ? 77  VAL A CG2 1 
ATOM   567  N  N   . CYS A 1 81  ? -0.058  5.139   8.544   1.00 37.01 ? 78  CYS A N   1 
ATOM   568  C  CA  . CYS A 1 81  ? 0.170   5.733   7.238   1.00 32.61 ? 78  CYS A CA  1 
ATOM   569  C  C   . CYS A 1 81  ? 1.025   6.983   7.402   1.00 36.87 ? 78  CYS A C   1 
ATOM   570  O  O   . CYS A 1 81  ? 0.918   7.701   8.406   1.00 34.83 ? 78  CYS A O   1 
ATOM   571  C  CB  . CYS A 1 81  ? -1.143  6.064   6.537   1.00 36.27 ? 78  CYS A CB  1 
ATOM   572  S  SG  . CYS A 1 81  ? -2.167  4.604   6.204   1.00 35.32 ? 78  CYS A SG  1 
ATOM   573  N  N   . ASN A 1 82  ? 1.882   7.241   6.416   1.00 33.30 ? 79  ASN A N   1 
ATOM   574  C  CA  . ASN A 1 82  ? 2.854   8.327   6.518   1.00 33.82 ? 79  ASN A CA  1 
ATOM   575  C  C   . ASN A 1 82  ? 3.454   8.574   5.134   1.00 37.26 ? 79  ASN A C   1 
ATOM   576  O  O   . ASN A 1 82  ? 3.149   7.876   4.160   1.00 35.30 ? 79  ASN A O   1 
ATOM   577  C  CB  . ASN A 1 82  ? 3.937   7.996   7.555   1.00 32.36 ? 79  ASN A CB  1 
ATOM   578  C  CG  . ASN A 1 82  ? 4.542   9.236   8.190   1.00 32.86 ? 79  ASN A CG  1 
ATOM   579  O  OD1 . ASN A 1 82  ? 4.382   10.350  7.691   1.00 35.86 ? 79  ASN A OD1 1 
ATOM   580  N  ND2 . ASN A 1 82  ? 5.266   9.038   9.281   1.00 39.82 ? 79  ASN A ND2 1 
ATOM   581  N  N   . THR A 1 83  ? 4.301   9.602   5.055   1.00 34.98 ? 80  THR A N   1 
ATOM   582  C  CA  . THR A 1 83  ? 4.980   9.995   3.828   1.00 30.29 ? 80  THR A CA  1 
ATOM   583  C  C   . THR A 1 83  ? 6.451   10.203  4.149   1.00 37.04 ? 80  THR A C   1 
ATOM   584  O  O   . THR A 1 83  ? 6.783   10.824  5.169   1.00 36.67 ? 80  THR A O   1 
ATOM   585  C  CB  . THR A 1 83  ? 4.382   11.285  3.261   1.00 33.83 ? 80  THR A CB  1 
ATOM   586  O  OG1 . THR A 1 83  ? 3.077   11.028  2.740   1.00 32.09 ? 80  THR A OG1 1 
ATOM   587  C  CG2 . THR A 1 83  ? 5.270   11.874  2.185   1.00 32.87 ? 80  THR A CG2 1 
ATOM   588  N  N   . LEU A 1 84  ? 7.322   9.670   3.302   1.00 32.00 ? 81  LEU A N   1 
ATOM   589  C  CA  . LEU A 1 84  ? 8.767   9.806   3.441   1.00 34.62 ? 81  LEU A CA  1 
ATOM   590  C  C   . LEU A 1 84  ? 9.291   10.740  2.359   1.00 37.38 ? 81  LEU A C   1 
ATOM   591  O  O   . LEU A 1 84  ? 9.032   10.520  1.168   1.00 34.60 ? 81  LEU A O   1 
ATOM   592  C  CB  . LEU A 1 84  ? 9.454   8.442   3.343   1.00 35.75 ? 81  LEU A CB  1 
ATOM   593  C  CG  . LEU A 1 84  ? 10.978  8.406   3.479   1.00 36.21 ? 81  LEU A CG  1 
ATOM   594  C  CD1 . LEU A 1 84  ? 11.391  8.467   4.939   1.00 34.23 ? 81  LEU A CD1 1 
ATOM   595  C  CD2 . LEU A 1 84  ? 11.549  7.181   2.816   1.00 36.43 ? 81  LEU A CD2 1 
ATOM   596  N  N   . ILE A 1 85  ? 10.015  11.785  2.772   1.00 34.48 ? 82  ILE A N   1 
ATOM   597  C  CA  . ILE A 1 85  ? 10.604  12.757  1.854   1.00 37.21 ? 82  ILE A CA  1 
ATOM   598  C  C   . ILE A 1 85  ? 12.015  13.066  2.332   1.00 41.12 ? 82  ILE A C   1 
ATOM   599  O  O   . ILE A 1 85  ? 12.219  13.384  3.510   1.00 39.85 ? 82  ILE A O   1 
ATOM   600  C  CB  . ILE A 1 85  ? 9.779   14.056  1.774   1.00 36.97 ? 82  ILE A CB  1 
ATOM   601  C  CG1 . ILE A 1 85  ? 8.363   13.792  1.263   1.00 39.75 ? 82  ILE A CG1 1 
ATOM   602  C  CG2 . ILE A 1 85  ? 10.479  15.087  0.901   1.00 36.70 ? 82  ILE A CG2 1 
ATOM   603  C  CD1 . ILE A 1 85  ? 7.489   15.021  1.293   1.00 36.33 ? 82  ILE A CD1 1 
ATOM   604  N  N   . ASN A 1 86  ? 12.991  12.972  1.425   1.00 37.78 ? 83  ASN A N   1 
ATOM   605  C  CA  . ASN A 1 86  ? 14.397  13.168  1.789   1.00 41.98 ? 83  ASN A CA  1 
ATOM   606  C  C   . ASN A 1 86  ? 14.781  12.267  2.960   1.00 49.22 ? 83  ASN A C   1 
ATOM   607  O  O   . ASN A 1 86  ? 15.482  12.678  3.886   1.00 49.23 ? 83  ASN A O   1 
ATOM   608  C  CB  . ASN A 1 86  ? 14.684  14.634  2.126   1.00 44.25 ? 83  ASN A CB  1 
ATOM   609  C  CG  . ASN A 1 86  ? 16.168  14.914  2.307   1.00 51.19 ? 83  ASN A CG  1 
ATOM   610  O  OD1 . ASN A 1 86  ? 17.005  14.260  1.684   1.00 50.48 ? 83  ASN A OD1 1 
ATOM   611  N  ND2 . ASN A 1 86  ? 16.501  15.885  3.169   1.00 44.46 ? 83  ASN A ND2 1 
ATOM   612  N  N   . GLU A 1 87  ? 14.283  11.034  2.937   1.00 39.08 ? 84  GLU A N   1 
ATOM   613  C  CA  . GLU A 1 87  ? 14.581  10.041  3.965   1.00 40.96 ? 84  GLU A CA  1 
ATOM   614  C  C   . GLU A 1 87  ? 14.129  10.470  5.367   1.00 43.63 ? 84  GLU A C   1 
ATOM   615  O  O   . GLU A 1 87  ? 14.561  9.878   6.364   1.00 42.85 ? 84  GLU A O   1 
ATOM   616  C  CB  . GLU A 1 87  ? 16.076  9.683   3.969   1.00 45.04 ? 84  GLU A CB  1 
ATOM   617  C  CG  . GLU A 1 87  ? 16.546  9.171   2.612   1.00 47.53 ? 84  GLU A CG  1 
ATOM   618  C  CD  . GLU A 1 87  ? 18.025  8.898   2.548   1.00 52.08 ? 84  GLU A CD  1 
ATOM   619  O  OE1 . GLU A 1 87  ? 18.826  9.838   2.758   1.00 53.09 ? 84  GLU A OE1 1 
ATOM   620  O  OE2 . GLU A 1 87  ? 18.383  7.728   2.297   1.00 52.31 ? 84  GLU A OE2 1 
ATOM   621  N  N   . LYS A 1 88  ? 13.228  11.448  5.471   1.00 42.84 ? 85  LYS A N   1 
ATOM   622  C  CA  . LYS A 1 88  ? 12.596  11.813  6.737   1.00 42.89 ? 85  LYS A CA  1 
ATOM   623  C  C   . LYS A 1 88  ? 11.109  11.472  6.701   1.00 35.88 ? 85  LYS A C   1 
ATOM   624  O  O   . LYS A 1 88  ? 10.398  11.889  5.784   1.00 40.69 ? 85  LYS A O   1 
ATOM   625  C  CB  . LYS A 1 88  ? 12.741  13.310  7.030   1.00 45.39 ? 85  LYS A CB  1 
ATOM   626  C  CG  . LYS A 1 88  ? 14.103  13.919  6.790   1.00 51.32 ? 85  LYS A CG  1 
ATOM   627  C  CD  . LYS A 1 88  ? 15.173  13.261  7.621   1.00 53.48 ? 85  LYS A CD  1 
ATOM   628  C  CE  . LYS A 1 88  ? 16.256  14.271  7.936   1.00 56.23 ? 85  LYS A CE  1 
ATOM   629  N  NZ  . LYS A 1 88  ? 16.488  15.184  6.783   1.00 55.49 ? 85  LYS A NZ  1 
ATOM   630  N  N   . TRP A 1 89  ? 10.637  10.752  7.718   1.00 41.73 ? 86  TRP A N   1 
ATOM   631  C  CA  . TRP A 1 89  ? 9.211   10.497  7.877   1.00 40.48 ? 86  TRP A CA  1 
ATOM   632  C  C   . TRP A 1 89  ? 8.471   11.751  8.343   1.00 46.10 ? 86  TRP A C   1 
ATOM   633  O  O   . TRP A 1 89  ? 9.007   12.581  9.087   1.00 39.66 ? 86  TRP A O   1 
ATOM   634  C  CB  . TRP A 1 89  ? 8.993   9.357   8.871   1.00 38.77 ? 86  TRP A CB  1 
ATOM   635  C  CG  . TRP A 1 89  ? 9.352   8.026   8.278   1.00 43.35 ? 86  TRP A CG  1 
ATOM   636  C  CD1 . TRP A 1 89  ? 10.409  7.218   8.606   1.00 44.66 ? 86  TRP A CD1 1 
ATOM   637  C  CD2 . TRP A 1 89  ? 8.652   7.359   7.224   1.00 38.92 ? 86  TRP A CD2 1 
ATOM   638  N  NE1 . TRP A 1 89  ? 10.401  6.084   7.813   1.00 37.99 ? 86  TRP A NE1 1 
ATOM   639  C  CE2 . TRP A 1 89  ? 9.328   6.148   6.967   1.00 37.65 ? 86  TRP A CE2 1 
ATOM   640  C  CE3 . TRP A 1 89  ? 7.508   7.665   6.483   1.00 34.19 ? 86  TRP A CE3 1 
ATOM   641  C  CZ2 . TRP A 1 89  ? 8.906   5.253   5.982   1.00 37.31 ? 86  TRP A CZ2 1 
ATOM   642  C  CZ3 . TRP A 1 89  ? 7.094   6.777   5.511   1.00 36.19 ? 86  TRP A CZ3 1 
ATOM   643  C  CH2 . TRP A 1 89  ? 7.793   5.584   5.274   1.00 36.35 ? 86  TRP A CH2 1 
ATOM   644  N  N   . GLY A 1 90  ? 7.219   11.883  7.902   1.00 34.25 ? 87  GLY A N   1 
ATOM   645  C  CA  . GLY A 1 90  ? 6.362   12.978  8.308   1.00 35.89 ? 87  GLY A CA  1 
ATOM   646  C  C   . GLY A 1 90  ? 5.467   12.614  9.479   1.00 37.79 ? 87  GLY A C   1 
ATOM   647  O  O   . GLY A 1 90  ? 5.754   11.690  10.251  1.00 37.39 ? 87  GLY A O   1 
ATOM   648  N  N   . ARG A 1 91  ? 4.347   13.345  9.592   1.00 36.56 ? 88  ARG A N   1 
ATOM   649  C  CA  . ARG A 1 91  ? 3.365   13.129  10.655  1.00 39.56 ? 88  ARG A CA  1 
ATOM   650  C  C   . ARG A 1 91  ? 2.581   11.845  10.422  1.00 40.33 ? 88  ARG A C   1 
ATOM   651  O  O   . ARG A 1 91  ? 1.973   11.674  9.362   1.00 35.55 ? 88  ARG A O   1 
ATOM   652  C  CB  . ARG A 1 91  ? 2.390   14.304  10.708  1.00 39.02 ? 88  ARG A CB  1 
ATOM   653  C  CG  . ARG A 1 91  ? 1.418   14.255  11.870  1.00 42.47 ? 88  ARG A CG  1 
ATOM   654  C  CD  . ARG A 1 91  ? -0.039  14.130  11.423  1.00 42.52 ? 88  ARG A CD  1 
ATOM   655  N  NE  . ARG A 1 91  ? -0.889  14.024  12.602  1.00 47.68 ? 88  ARG A NE  1 
ATOM   656  C  CZ  . ARG A 1 91  ? -2.182  13.711  12.604  1.00 43.61 ? 88  ARG A CZ  1 
ATOM   657  N  NH1 . ARG A 1 91  ? -2.835  13.478  11.470  1.00 42.70 ? 88  ARG A NH1 1 
ATOM   658  N  NH2 . ARG A 1 91  ? -2.818  13.640  13.761  1.00 43.76 ? 88  ARG A NH2 1 
ATOM   659  N  N   . GLU A 1 92  ? 2.574   10.955  11.424  1.00 40.33 ? 89  GLU A N   1 
ATOM   660  C  CA  . GLU A 1 92  ? 1.853   9.683   11.328  1.00 42.53 ? 89  GLU A CA  1 
ATOM   661  C  C   . GLU A 1 92  ? 0.342   9.850   11.454  1.00 40.18 ? 89  GLU A C   1 
ATOM   662  O  O   . GLU A 1 92  ? -0.150  10.577  12.319  1.00 37.63 ? 89  GLU A O   1 
ATOM   663  C  CB  . GLU A 1 92  ? 2.310   8.721   12.418  1.00 37.80 ? 89  GLU A CB  1 
ATOM   664  C  CG  . GLU A 1 92  ? 3.700   8.199   12.239  1.00 41.12 ? 89  GLU A CG  1 
ATOM   665  C  CD  . GLU A 1 92  ? 4.025   7.113   13.236  1.00 45.29 ? 89  GLU A CD  1 
ATOM   666  O  OE1 . GLU A 1 92  ? 3.321   7.014   14.267  1.00 45.80 ? 89  GLU A OE1 1 
ATOM   667  O  OE2 . GLU A 1 92  ? 4.968   6.343   12.968  1.00 43.15 ? 89  GLU A OE2 1 
ATOM   668  N  N   . GLU A 1 93  ? -0.395  9.145   10.601  1.00 37.98 ? 90  GLU A N   1 
ATOM   669  C  CA  . GLU A 1 93  ? -1.851  9.039   10.692  1.00 34.93 ? 90  GLU A CA  1 
ATOM   670  C  C   . GLU A 1 93  ? -2.145  7.593   11.073  1.00 39.14 ? 90  GLU A C   1 
ATOM   671  O  O   . GLU A 1 93  ? -2.025  6.687   10.241  1.00 35.78 ? 90  GLU A O   1 
ATOM   672  C  CB  . GLU A 1 93  ? -2.526  9.428   9.380   1.00 35.39 ? 90  GLU A CB  1 
ATOM   673  C  CG  . GLU A 1 93  ? -2.111  10.782  8.891   1.00 37.87 ? 90  GLU A CG  1 
ATOM   674  C  CD  . GLU A 1 93  ? -2.859  11.222  7.671   1.00 38.63 ? 90  GLU A CD  1 
ATOM   675  O  OE1 . GLU A 1 93  ? -3.972  10.693  7.408   1.00 39.20 ? 90  GLU A OE1 1 
ATOM   676  O  OE2 . GLU A 1 93  ? -2.322  12.107  6.962   1.00 38.20 ? 90  GLU A OE2 1 
ATOM   677  N  N   . ILE A 1 94  ? -2.499  7.369   12.335  1.00 33.84 ? 91  ILE A N   1 
ATOM   678  C  CA  . ILE A 1 94  ? -2.659  6.021   12.866  1.00 42.29 ? 91  ILE A CA  1 
ATOM   679  C  C   . ILE A 1 94  ? -4.141  5.665   12.907  1.00 44.47 ? 91  ILE A C   1 
ATOM   680  O  O   . ILE A 1 94  ? -4.958  6.428   13.439  1.00 41.69 ? 91  ILE A O   1 
ATOM   681  C  CB  . ILE A 1 94  ? -2.008  5.893   14.256  1.00 44.07 ? 91  ILE A CB  1 
ATOM   682  C  CG1 . ILE A 1 94  ? -0.511  6.188   14.158  1.00 44.36 ? 91  ILE A CG1 1 
ATOM   683  C  CG2 . ILE A 1 94  ? -2.204  4.497   14.815  1.00 46.67 ? 91  ILE A CG2 1 
ATOM   684  C  CD1 . ILE A 1 94  ? 0.223   6.013   15.480  1.00 47.03 ? 91  ILE A CD1 1 
ATOM   685  N  N   . THR A 1 95  ? -4.477  4.509   12.335  1.00 42.21 ? 92  THR A N   1 
ATOM   686  C  CA  . THR A 1 95  ? -5.815  3.922   12.343  1.00 39.05 ? 92  THR A CA  1 
ATOM   687  C  C   . THR A 1 95  ? -5.772  2.721   13.270  1.00 46.95 ? 92  THR A C   1 
ATOM   688  O  O   . THR A 1 95  ? -5.032  1.768   13.006  1.00 46.40 ? 92  THR A O   1 
ATOM   689  C  CB  . THR A 1 95  ? -6.237  3.462   10.942  1.00 35.38 ? 92  THR A CB  1 
ATOM   690  O  OG1 . THR A 1 95  ? -6.460  4.597   10.100  1.00 38.72 ? 92  THR A OG1 1 
ATOM   691  C  CG2 . THR A 1 95  ? -7.496  2.625   11.007  1.00 38.12 ? 92  THR A CG2 1 
ATOM   692  N  N   . TYR A 1 96  ? -6.559  2.753   14.343  1.00 50.73 ? 93  TYR A N   1 
ATOM   693  C  CA  . TYR A 1 96  ? -6.485  1.654   15.302  1.00 49.95 ? 93  TYR A CA  1 
ATOM   694  C  C   . TYR A 1 96  ? -7.457  0.520   14.998  1.00 45.98 ? 93  TYR A C   1 
ATOM   695  O  O   . TYR A 1 96  ? -7.246  -0.606  15.466  1.00 49.03 ? 93  TYR A O   1 
ATOM   696  C  CB  . TYR A 1 96  ? -6.697  2.185   16.724  1.00 46.44 ? 93  TYR A CB  1 
ATOM   697  C  CG  . TYR A 1 96  ? -5.492  2.962   17.229  1.00 45.56 ? 93  TYR A CG  1 
ATOM   698  C  CD1 . TYR A 1 96  ? -4.363  2.299   17.697  1.00 45.40 ? 93  TYR A CD1 1 
ATOM   699  C  CD2 . TYR A 1 96  ? -5.465  4.349   17.195  1.00 44.56 ? 93  TYR A CD2 1 
ATOM   700  C  CE1 . TYR A 1 96  ? -3.255  2.987   18.151  1.00 46.42 ? 93  TYR A CE1 1 
ATOM   701  C  CE2 . TYR A 1 96  ? -4.351  5.052   17.640  1.00 52.35 ? 93  TYR A CE2 1 
ATOM   702  C  CZ  . TYR A 1 96  ? -3.247  4.359   18.115  1.00 47.52 ? 93  TYR A CZ  1 
ATOM   703  O  OH  . TYR A 1 96  ? -2.132  5.041   18.564  1.00 59.28 ? 93  TYR A OH  1 
ATOM   704  N  N   . ASP A 1 97  ? -8.493  0.777   14.208  1.00 46.76 ? 94  ASP A N   1 
ATOM   705  C  CA  . ASP A 1 97  ? -9.479  -0.246  13.869  1.00 51.49 ? 94  ASP A CA  1 
ATOM   706  C  C   . ASP A 1 97  ? -8.991  -1.048  12.661  1.00 45.30 ? 94  ASP A C   1 
ATOM   707  O  O   . ASP A 1 97  ? -9.481  -0.924  11.536  1.00 52.93 ? 94  ASP A O   1 
ATOM   708  C  CB  . ASP A 1 97  ? -10.827 0.405   13.607  1.00 50.92 ? 94  ASP A CB  1 
ATOM   709  C  CG  . ASP A 1 97  ? -11.960 -0.584  13.661  1.00 58.82 ? 94  ASP A CG  1 
ATOM   710  O  OD1 . ASP A 1 97  ? -11.686 -1.802  13.573  1.00 66.70 ? 94  ASP A OD1 1 
ATOM   711  O  OD2 . ASP A 1 97  ? -13.120 -0.148  13.802  1.00 62.14 ? 94  ASP A OD2 1 
ATOM   712  N  N   . THR A 1 98  ? -8.025  -1.900  12.912  1.00 48.25 ? 95  THR A N   1 
ATOM   713  C  CA  . THR A 1 98  ? -7.392  -2.571  11.786  1.00 45.14 ? 95  THR A CA  1 
ATOM   714  C  C   . THR A 1 98  ? -8.118  -3.870  11.464  1.00 49.33 ? 95  THR A C   1 
ATOM   715  O  O   . THR A 1 98  ? -8.432  -4.642  12.372  1.00 48.49 ? 95  THR A O   1 
ATOM   716  C  CB  . THR A 1 98  ? -5.924  -2.860  12.069  1.00 45.47 ? 95  THR A CB  1 
ATOM   717  O  OG1 . THR A 1 98  ? -5.391  -3.686  11.024  1.00 44.82 ? 95  THR A OG1 1 
ATOM   718  C  CG2 . THR A 1 98  ? -5.740  -3.565  13.415  1.00 48.81 ? 95  THR A CG2 1 
ATOM   719  N  N   . PRO A 1 99  ? -8.406  -4.141  10.195  1.00 45.16 ? 96  PRO A N   1 
ATOM   720  C  CA  . PRO A 1 99  ? -9.013  -5.423  9.817   1.00 43.37 ? 96  PRO A CA  1 
ATOM   721  C  C   . PRO A 1 99  ? -8.010  -6.542  9.596   1.00 47.77 ? 96  PRO A C   1 
ATOM   722  O  O   . PRO A 1 99  ? -8.433  -7.676  9.349   1.00 49.02 ? 96  PRO A O   1 
ATOM   723  C  CB  . PRO A 1 99  ? -9.720  -5.070  8.507   1.00 46.67 ? 96  PRO A CB  1 
ATOM   724  C  CG  . PRO A 1 99  ? -8.818  -4.034  7.891   1.00 44.88 ? 96  PRO A CG  1 
ATOM   725  C  CD  . PRO A 1 99  ? -8.245  -3.237  9.046   1.00 44.02 ? 96  PRO A CD  1 
ATOM   726  N  N   . PHE A 1 100 ? -6.709  -6.262  9.697   1.00 43.24 ? 97  PHE A N   1 
ATOM   727  C  CA  . PHE A 1 100 ? -5.695  -7.277  9.449   1.00 48.99 ? 97  PHE A CA  1 
ATOM   728  C  C   . PHE A 1 100 ? -5.456  -8.131  10.688  1.00 47.66 ? 97  PHE A C   1 
ATOM   729  O  O   . PHE A 1 100 ? -5.390  -7.626  11.809  1.00 48.89 ? 97  PHE A O   1 
ATOM   730  C  CB  . PHE A 1 100 ? -4.377  -6.630  9.004   1.00 43.26 ? 97  PHE A CB  1 
ATOM   731  C  CG  . PHE A 1 100 ? -4.488  -5.856  7.726   1.00 41.32 ? 97  PHE A CG  1 
ATOM   732  C  CD1 . PHE A 1 100 ? -4.488  -6.509  6.501   1.00 38.97 ? 97  PHE A CD1 1 
ATOM   733  C  CD2 . PHE A 1 100 ? -4.600  -4.476  7.746   1.00 41.15 ? 97  PHE A CD2 1 
ATOM   734  C  CE1 . PHE A 1 100 ? -4.593  -5.795  5.314   1.00 38.73 ? 97  PHE A CE1 1 
ATOM   735  C  CE2 . PHE A 1 100 ? -4.710  -3.753  6.560   1.00 43.23 ? 97  PHE A CE2 1 
ATOM   736  C  CZ  . PHE A 1 100 ? -4.706  -4.413  5.348   1.00 34.29 ? 97  PHE A CZ  1 
ATOM   737  N  N   . LYS A 1 101 ? -5.312  -9.435  10.469  1.00 52.17 ? 98  LYS A N   1 
ATOM   738  C  CA  . LYS A 1 101 ? -4.985  -10.380 11.527  1.00 56.05 ? 98  LYS A CA  1 
ATOM   739  C  C   . LYS A 1 101 ? -4.013  -11.411 10.978  1.00 53.65 ? 98  LYS A C   1 
ATOM   740  O  O   . LYS A 1 101 ? -4.133  -11.831 9.822   1.00 52.95 ? 98  LYS A O   1 
ATOM   741  C  CB  . LYS A 1 101 ? -6.246  -11.073 12.071  1.00 59.28 ? 98  LYS A CB  1 
ATOM   742  C  CG  . LYS A 1 101 ? -5.976  -12.113 13.156  1.00 63.94 ? 98  LYS A CG  1 
ATOM   743  C  CD  . LYS A 1 101 ? -5.029  -11.595 14.241  1.00 66.61 ? 98  LYS A CD  1 
ATOM   744  C  CE  . LYS A 1 101 ? -5.072  -12.486 15.488  1.00 70.67 ? 98  LYS A CE  1 
ATOM   745  N  NZ  . LYS A 1 101 ? -3.833  -12.369 16.313  1.00 59.91 ? 98  LYS A NZ  1 
ATOM   746  N  N   . ARG A 1 102 ? -3.040  -11.794 11.807  1.00 52.65 ? 99  ARG A N   1 
ATOM   747  C  CA  . ARG A 1 102 ? -2.162  -12.909 11.476  1.00 56.66 ? 99  ARG A CA  1 
ATOM   748  C  C   . ARG A 1 102 ? -2.972  -14.131 11.063  1.00 57.62 ? 99  ARG A C   1 
ATOM   749  O  O   . ARG A 1 102 ? -4.001  -14.447 11.668  1.00 56.06 ? 99  ARG A O   1 
ATOM   750  C  CB  . ARG A 1 102 ? -1.274  -13.260 12.672  1.00 52.18 ? 99  ARG A CB  1 
ATOM   751  C  CG  . ARG A 1 102 ? -0.376  -12.144 13.123  1.00 53.00 ? 99  ARG A CG  1 
ATOM   752  C  CD  . ARG A 1 102 ? 0.361   -12.518 14.386  1.00 52.26 ? 99  ARG A CD  1 
ATOM   753  N  NE  . ARG A 1 102 ? 1.240   -11.438 14.813  1.00 54.42 ? 99  ARG A NE  1 
ATOM   754  C  CZ  . ARG A 1 102 ? 1.853   -11.388 15.993  1.00 67.23 ? 99  ARG A CZ  1 
ATOM   755  N  NH1 . ARG A 1 102 ? 1.675   -12.362 16.882  1.00 69.51 ? 99  ARG A NH1 1 
ATOM   756  N  NH2 . ARG A 1 102 ? 2.637   -10.356 16.289  1.00 60.55 ? 99  ARG A NH2 1 
ATOM   757  N  N   . GLU A 1 103 ? -2.497  -14.808 10.014  1.00 53.36 ? 100 GLU A N   1 
ATOM   758  C  CA  . GLU A 1 103 ? -3.123  -16.017 9.475   1.00 57.02 ? 100 GLU A CA  1 
ATOM   759  C  C   . GLU A 1 103 ? -4.520  -15.744 8.922   1.00 60.29 ? 100 GLU A C   1 
ATOM   760  O  O   . GLU A 1 103 ? -5.419  -16.584 9.011   1.00 65.59 ? 100 GLU A O   1 
ATOM   761  C  CB  . GLU A 1 103 ? -3.162  -17.142 10.515  1.00 62.61 ? 100 GLU A CB  1 
ATOM   762  C  CG  . GLU A 1 103 ? -1.827  -17.843 10.696  1.00 66.93 ? 100 GLU A CG  1 
ATOM   763  C  CD  . GLU A 1 103 ? -1.914  -19.077 11.580  1.00 68.95 ? 100 GLU A CD  1 
ATOM   764  O  OE1 . GLU A 1 103 ? -1.716  -20.203 11.068  1.00 76.81 ? 100 GLU A OE1 1 
ATOM   765  O  OE2 . GLU A 1 103 ? -2.172  -18.918 12.789  1.00 70.20 ? 100 GLU A OE2 1 
ATOM   766  N  N   . LYS A 1 104 ? -4.711  -14.569 8.327   1.00 52.71 ? 101 LYS A N   1 
ATOM   767  C  CA  . LYS A 1 104 ? -5.968  -14.265 7.657   1.00 54.98 ? 101 LYS A CA  1 
ATOM   768  C  C   . LYS A 1 104 ? -5.679  -13.643 6.295   1.00 54.24 ? 101 LYS A C   1 
ATOM   769  O  O   . LYS A 1 104 ? -4.695  -12.918 6.115   1.00 50.62 ? 101 LYS A O   1 
ATOM   770  C  CB  . LYS A 1 104 ? -6.847  -13.331 8.511   1.00 55.77 ? 101 LYS A CB  1 
ATOM   771  C  CG  . LYS A 1 104 ? -8.343  -13.414 8.207   1.00 61.85 ? 101 LYS A CG  1 
ATOM   772  C  CD  . LYS A 1 104 ? -9.014  -12.027 8.245   1.00 63.94 ? 101 LYS A CD  1 
ATOM   773  C  CE  . LYS A 1 104 ? -9.023  -11.426 9.643   1.00 64.92 ? 101 LYS A CE  1 
ATOM   774  N  NZ  . LYS A 1 104 ? -10.044 -12.093 10.502  1.00 70.12 ? 101 LYS A NZ  1 
ATOM   775  N  N   . SER A 1 105 ? -6.543  -13.937 5.332   1.00 52.95 ? 102 SER A N   1 
ATOM   776  C  CA  . SER A 1 105 ? -6.376  -13.392 3.996   1.00 51.68 ? 102 SER A CA  1 
ATOM   777  C  C   . SER A 1 105 ? -6.964  -11.989 3.921   1.00 52.33 ? 102 SER A C   1 
ATOM   778  O  O   . SER A 1 105 ? -7.797  -11.584 4.745   1.00 50.77 ? 102 SER A O   1 
ATOM   779  C  CB  A SER A 1 105 ? -7.038  -14.295 2.955   0.65 48.27 ? 102 SER A CB  1 
ATOM   780  C  CB  B SER A 1 105 ? -7.031  -14.295 2.951   0.35 48.37 ? 102 SER A CB  1 
ATOM   781  O  OG  A SER A 1 105 ? -6.271  -15.467 2.741   0.65 52.55 ? 102 SER A OG  1 
ATOM   782  O  OG  B SER A 1 105 ? -8.436  -14.323 3.110   0.35 51.11 ? 102 SER A OG  1 
ATOM   783  N  N   . PHE A 1 106 ? -6.509  -11.233 2.925   1.00 46.26 ? 103 PHE A N   1 
ATOM   784  C  CA  . PHE A 1 106 ? -6.998  -9.878  2.744   1.00 42.65 ? 103 PHE A CA  1 
ATOM   785  C  C   . PHE A 1 106 ? -7.079  -9.567  1.262   1.00 41.69 ? 103 PHE A C   1 
ATOM   786  O  O   . PHE A 1 106 ? -6.390  -10.170 0.435   1.00 42.47 ? 103 PHE A O   1 
ATOM   787  C  CB  . PHE A 1 106 ? -6.111  -8.839  3.440   1.00 41.01 ? 103 PHE A CB  1 
ATOM   788  C  CG  . PHE A 1 106 ? -4.687  -8.854  2.979   1.00 43.54 ? 103 PHE A CG  1 
ATOM   789  C  CD1 . PHE A 1 106 ? -4.307  -8.199  1.806   1.00 42.77 ? 103 PHE A CD1 1 
ATOM   790  C  CD2 . PHE A 1 106 ? -3.726  -9.516  3.711   1.00 40.61 ? 103 PHE A CD2 1 
ATOM   791  C  CE1 . PHE A 1 106 ? -2.991  -8.227  1.383   1.00 39.93 ? 103 PHE A CE1 1 
ATOM   792  C  CE2 . PHE A 1 106 ? -2.408  -9.537  3.299   1.00 44.76 ? 103 PHE A CE2 1 
ATOM   793  C  CZ  . PHE A 1 106 ? -2.039  -8.896  2.133   1.00 38.44 ? 103 PHE A CZ  1 
ATOM   794  N  N   . GLU A 1 107 ? -7.941  -8.608  0.943   1.00 37.49 ? 104 GLU A N   1 
ATOM   795  C  CA  . GLU A 1 107 ? -7.909  -7.906  -0.330  1.00 44.55 ? 104 GLU A CA  1 
ATOM   796  C  C   . GLU A 1 107 ? -7.817  -6.418  -0.017  1.00 43.20 ? 104 GLU A C   1 
ATOM   797  O  O   . GLU A 1 107 ? -8.752  -5.839  0.544   1.00 38.67 ? 104 GLU A O   1 
ATOM   798  C  CB  . GLU A 1 107 ? -9.140  -8.209  -1.177  1.00 34.93 ? 104 GLU A CB  1 
ATOM   799  C  CG  . GLU A 1 107 ? -9.316  -7.230  -2.317  1.00 38.80 ? 104 GLU A CG  1 
ATOM   800  C  CD  . GLU A 1 107 ? -10.518 -7.539  -3.172  1.00 45.37 ? 104 GLU A CD  1 
ATOM   801  O  OE1 . GLU A 1 107 ? -10.428 -8.424  -4.049  1.00 41.31 ? 104 GLU A OE1 1 
ATOM   802  O  OE2 . GLU A 1 107 ? -11.558 -6.898  -2.957  1.00 51.40 ? 104 GLU A OE2 1 
ATOM   803  N  N   . ILE A 1 108 ? -6.697  -5.802  -0.363  1.00 40.98 ? 105 ILE A N   1 
ATOM   804  C  CA  . ILE A 1 108 ? -6.543  -4.364  -0.205  1.00 38.71 ? 105 ILE A CA  1 
ATOM   805  C  C   . ILE A 1 108 ? -6.948  -3.687  -1.503  1.00 37.48 ? 105 ILE A C   1 
ATOM   806  O  O   . ILE A 1 108 ? -6.457  -4.049  -2.577  1.00 35.92 ? 105 ILE A O   1 
ATOM   807  C  CB  . ILE A 1 108 ? -5.096  -4.005  0.155   1.00 39.85 ? 105 ILE A CB  1 
ATOM   808  C  CG1 . ILE A 1 108 ? -4.760  -4.472  1.559   1.00 33.74 ? 105 ILE A CG1 1 
ATOM   809  C  CG2 . ILE A 1 108 ? -4.906  -2.506  0.003   1.00 36.21 ? 105 ILE A CG2 1 
ATOM   810  C  CD1 . ILE A 1 108 ? -3.271  -4.526  1.814   1.00 36.84 ? 105 ILE A CD1 1 
ATOM   811  N  N   . VAL A 1 109 ? -7.835  -2.701  -1.416  1.00 37.83 ? 106 VAL A N   1 
ATOM   812  C  CA  . VAL A 1 109 ? -8.181  -1.857  -2.561  1.00 34.29 ? 106 VAL A CA  1 
ATOM   813  C  C   . VAL A 1 109 ? -7.849  -0.408  -2.209  1.00 38.75 ? 106 VAL A C   1 
ATOM   814  O  O   . VAL A 1 109 ? -8.482  0.194   -1.328  1.00 36.18 ? 106 VAL A O   1 
ATOM   815  C  CB  . VAL A 1 109 ? -9.649  -2.001  -2.966  1.00 33.63 ? 106 VAL A CB  1 
ATOM   816  C  CG1 . VAL A 1 109 ? -9.938  -1.150  -4.169  1.00 34.47 ? 106 VAL A CG1 1 
ATOM   817  C  CG2 . VAL A 1 109 ? -9.959  -3.450  -3.278  1.00 33.95 ? 106 VAL A CG2 1 
ATOM   818  N  N   . ILE A 1 110 ? -6.846  0.148   -2.887  1.00 38.59 ? 107 ILE A N   1 
ATOM   819  C  CA  . ILE A 1 110 ? -6.487  1.558   -2.768  1.00 33.25 ? 107 ILE A CA  1 
ATOM   820  C  C   . ILE A 1 110 ? -7.122  2.295   -3.935  1.00 37.79 ? 107 ILE A C   1 
ATOM   821  O  O   . ILE A 1 110 ? -6.810  2.017   -5.107  1.00 36.64 ? 107 ILE A O   1 
ATOM   822  C  CB  . ILE A 1 110 ? -4.962  1.746   -2.764  1.00 35.05 ? 107 ILE A CB  1 
ATOM   823  C  CG1 . ILE A 1 110 ? -4.328  0.857   -1.684  1.00 29.18 ? 107 ILE A CG1 1 
ATOM   824  C  CG2 . ILE A 1 110 ? -4.616  3.230   -2.582  1.00 33.84 ? 107 ILE A CG2 1 
ATOM   825  C  CD1 . ILE A 1 110 ? -2.804  0.830   -1.710  1.00 32.79 ? 107 ILE A CD1 1 
ATOM   826  N  N   . MET A 1 111 ? -8.038  3.208   -3.634  1.00 32.48 ? 108 MET A N   1 
ATOM   827  C  CA  . MET A 1 111 ? -8.659  4.026   -4.661  1.00 34.15 ? 108 MET A CA  1 
ATOM   828  C  C   . MET A 1 111 ? -8.036  5.410   -4.624  1.00 38.52 ? 108 MET A C   1 
ATOM   829  O  O   . MET A 1 111 ? -7.998  6.047   -3.563  1.00 36.72 ? 108 MET A O   1 
ATOM   830  C  CB  . MET A 1 111 ? -10.170 4.120   -4.471  1.00 35.98 ? 108 MET A CB  1 
ATOM   831  C  CG  . MET A 1 111 ? -10.852 4.883   -5.582  1.00 46.20 ? 108 MET A CG  1 
ATOM   832  S  SD  . MET A 1 111 ? -12.625 5.097   -5.309  1.00 57.06 ? 108 MET A SD  1 
ATOM   833  C  CE  . MET A 1 111 ? -12.839 4.351   -3.689  1.00 51.62 ? 108 MET A CE  1 
ATOM   834  N  N   . VAL A 1 112 ? -7.572  5.872   -5.783  1.00 38.23 ? 109 VAL A N   1 
ATOM   835  C  CA  . VAL A 1 112 ? -6.908  7.161   -5.898  1.00 38.31 ? 109 VAL A CA  1 
ATOM   836  C  C   . VAL A 1 112 ? -7.977  8.190   -6.216  1.00 37.85 ? 109 VAL A C   1 
ATOM   837  O  O   . VAL A 1 112 ? -8.596  8.134   -7.276  1.00 42.32 ? 109 VAL A O   1 
ATOM   838  C  CB  . VAL A 1 112 ? -5.825  7.143   -6.978  1.00 39.55 ? 109 VAL A CB  1 
ATOM   839  C  CG1 . VAL A 1 112 ? -5.179  8.513   -7.088  1.00 36.63 ? 109 VAL A CG1 1 
ATOM   840  C  CG2 . VAL A 1 112 ? -4.807  6.061   -6.687  1.00 34.25 ? 109 VAL A CG2 1 
ATOM   841  N  N   . LEU A 1 113 ? -8.223  9.108   -5.291  1.00 38.17 ? 110 LEU A N   1 
ATOM   842  C  CA  . LEU A 1 113 ? -9.125  10.213  -5.564  1.00 36.96 ? 110 LEU A CA  1 
ATOM   843  C  C   . LEU A 1 113 ? -8.294  11.466  -5.817  1.00 41.56 ? 110 LEU A C   1 
ATOM   844  O  O   . LEU A 1 113 ? -7.062  11.448  -5.752  1.00 39.86 ? 110 LEU A O   1 
ATOM   845  C  CB  . LEU A 1 113 ? -10.123 10.406  -4.425  1.00 39.90 ? 110 LEU A CB  1 
ATOM   846  C  CG  . LEU A 1 113 ? -10.953 9.168   -4.073  1.00 36.43 ? 110 LEU A CG  1 
ATOM   847  C  CD1 . LEU A 1 113 ? -11.849 9.435   -2.887  1.00 37.52 ? 110 LEU A CD1 1 
ATOM   848  C  CD2 . LEU A 1 113 ? -11.759 8.749   -5.265  1.00 43.91 ? 110 LEU A CD2 1 
ATOM   849  N  N   . LYS A 1 114 ? -8.986  12.555  -6.163  1.00 38.54 ? 111 LYS A N   1 
ATOM   850  C  CA  . LYS A 1 114 ? -8.306  13.802  -6.492  1.00 44.28 ? 111 LYS A CA  1 
ATOM   851  C  C   . LYS A 1 114 ? -7.522  14.339  -5.300  1.00 39.83 ? 111 LYS A C   1 
ATOM   852  O  O   . LYS A 1 114 ? -6.382  14.795  -5.455  1.00 37.52 ? 111 LYS A O   1 
ATOM   853  C  CB  . LYS A 1 114 ? -9.335  14.833  -6.964  1.00 49.15 ? 111 LYS A CB  1 
ATOM   854  C  CG  . LYS A 1 114 ? -8.796  16.232  -7.212  1.00 45.69 ? 111 LYS A CG  1 
ATOM   855  C  CD  . LYS A 1 114 ? -9.887  17.256  -6.911  1.00 54.65 ? 111 LYS A CD  1 
ATOM   856  C  CE  . LYS A 1 114 ? -9.458  18.679  -7.254  1.00 66.71 ? 111 LYS A CE  1 
ATOM   857  N  NZ  . LYS A 1 114 ? -10.537 19.681  -6.949  1.00 65.22 ? 111 LYS A NZ  1 
ATOM   858  N  N   . ASP A 1 115 ? -8.111  14.269  -4.102  1.00 35.93 ? 112 ASP A N   1 
ATOM   859  C  CA  . ASP A 1 115 ? -7.546  14.870  -2.897  1.00 45.37 ? 112 ASP A CA  1 
ATOM   860  C  C   . ASP A 1 115 ? -6.898  13.878  -1.940  1.00 40.45 ? 112 ASP A C   1 
ATOM   861  O  O   . ASP A 1 115 ? -6.243  14.316  -0.989  1.00 38.64 ? 112 ASP A O   1 
ATOM   862  C  CB  . ASP A 1 115 ? -8.631  15.629  -2.115  1.00 44.16 ? 112 ASP A CB  1 
ATOM   863  C  CG  . ASP A 1 115 ? -9.067  16.901  -2.803  1.00 50.45 ? 112 ASP A CG  1 
ATOM   864  O  OD1 . ASP A 1 115 ? -10.217 17.337  -2.584  1.00 56.71 ? 112 ASP A OD1 1 
ATOM   865  O  OD2 . ASP A 1 115 ? -8.267  17.457  -3.578  1.00 49.01 ? 112 ASP A OD2 1 
ATOM   866  N  N   . LYS A 1 116 ? -7.080  12.573  -2.134  1.00 37.98 ? 113 LYS A N   1 
ATOM   867  C  CA  . LYS A 1 116 ? -6.727  11.617  -1.089  1.00 34.24 ? 113 LYS A CA  1 
ATOM   868  C  C   . LYS A 1 116 ? -6.750  10.204  -1.662  1.00 34.27 ? 113 LYS A C   1 
ATOM   869  O  O   . LYS A 1 116 ? -7.282  9.961   -2.747  1.00 36.70 ? 113 LYS A O   1 
ATOM   870  C  CB  . LYS A 1 116 ? -7.704  11.722  0.085   1.00 39.59 ? 113 LYS A CB  1 
ATOM   871  C  CG  . LYS A 1 116 ? -9.093  11.129  -0.242  1.00 39.27 ? 113 LYS A CG  1 
ATOM   872  C  CD  . LYS A 1 116 ? -10.199 11.672  0.674   1.00 45.00 ? 113 LYS A CD  1 
ATOM   873  C  CE  . LYS A 1 116 ? -10.781 12.956  0.095   1.00 52.61 ? 113 LYS A CE  1 
ATOM   874  N  NZ  . LYS A 1 116 ? -12.110 13.340  0.676   1.00 63.69 ? 113 LYS A NZ  1 
ATOM   875  N  N   . PHE A 1 117 ? -6.168  9.277   -0.913  1.00 37.63 ? 114 PHE A N   1 
ATOM   876  C  CA  . PHE A 1 117 ? -6.398  7.857   -1.124  1.00 37.70 ? 114 PHE A CA  1 
ATOM   877  C  C   . PHE A 1 117 ? -7.570  7.414   -0.260  1.00 39.05 ? 114 PHE A C   1 
ATOM   878  O  O   . PHE A 1 117 ? -7.687  7.821   0.899   1.00 31.86 ? 114 PHE A O   1 
ATOM   879  C  CB  . PHE A 1 117 ? -5.162  7.025   -0.757  1.00 32.45 ? 114 PHE A CB  1 
ATOM   880  C  CG  . PHE A 1 117 ? -3.931  7.396   -1.525  1.00 37.21 ? 114 PHE A CG  1 
ATOM   881  C  CD1 . PHE A 1 117 ? -3.735  6.911   -2.820  1.00 34.11 ? 114 PHE A CD1 1 
ATOM   882  C  CD2 . PHE A 1 117 ? -2.961  8.211   -0.954  1.00 33.47 ? 114 PHE A CD2 1 
ATOM   883  C  CE1 . PHE A 1 117 ? -2.591  7.248   -3.532  1.00 40.56 ? 114 PHE A CE1 1 
ATOM   884  C  CE2 . PHE A 1 117 ? -1.815  8.566   -1.666  1.00 38.25 ? 114 PHE A CE2 1 
ATOM   885  C  CZ  . PHE A 1 117 ? -1.627  8.081   -2.958  1.00 37.25 ? 114 PHE A CZ  1 
ATOM   886  N  N   . GLN A 1 118 ? -8.418  6.554   -0.815  1.00 33.56 ? 115 GLN A N   1 
ATOM   887  C  CA  . GLN A 1 118 ? -9.430  5.855   -0.031  1.00 36.47 ? 115 GLN A CA  1 
ATOM   888  C  C   . GLN A 1 118 ? -9.129  4.363   -0.072  1.00 39.03 ? 115 GLN A C   1 
ATOM   889  O  O   . GLN A 1 118 ? -9.054  3.780   -1.159  1.00 37.78 ? 115 GLN A O   1 
ATOM   890  C  CB  . GLN A 1 118 ? -10.826 6.147   -0.572  1.00 39.12 ? 115 GLN A CB  1 
ATOM   891  C  CG  . GLN A 1 118 ? -11.938 5.410   0.156   1.00 43.75 ? 115 GLN A CG  1 
ATOM   892  C  CD  . GLN A 1 118 ? -13.290 5.750   -0.436  1.00 46.67 ? 115 GLN A CD  1 
ATOM   893  O  OE1 . GLN A 1 118 ? -13.566 6.912   -0.744  1.00 51.53 ? 115 GLN A OE1 1 
ATOM   894  N  NE2 . GLN A 1 118 ? -14.125 4.740   -0.632  1.00 55.90 ? 115 GLN A NE2 1 
ATOM   895  N  N   . VAL A 1 119 ? -8.967  3.742   1.102   1.00 39.13 ? 116 VAL A N   1 
ATOM   896  C  CA  . VAL A 1 119 ? -8.546  2.346   1.198   1.00 33.89 ? 116 VAL A CA  1 
ATOM   897  C  C   . VAL A 1 119 ? -9.645  1.519   1.851   1.00 40.48 ? 116 VAL A C   1 
ATOM   898  O  O   . VAL A 1 119 ? -10.121 1.856   2.944   1.00 36.17 ? 116 VAL A O   1 
ATOM   899  C  CB  . VAL A 1 119 ? -7.230  2.188   1.979   1.00 39.49 ? 116 VAL A CB  1 
ATOM   900  C  CG1 . VAL A 1 119 ? -6.863  0.701   2.097   1.00 34.97 ? 116 VAL A CG1 1 
ATOM   901  C  CG2 . VAL A 1 119 ? -6.100  2.986   1.316   1.00 35.28 ? 116 VAL A CG2 1 
ATOM   902  N  N   . ALA A 1 120 ? -10.018 0.420   1.190   1.00 37.22 ? 117 ALA A N   1 
ATOM   903  C  CA  . ALA A 1 120 ? -10.939 -0.584  1.709   1.00 36.67 ? 117 ALA A CA  1 
ATOM   904  C  C   . ALA A 1 120 ? -10.230 -1.930  1.769   1.00 39.82 ? 117 ALA A C   1 
ATOM   905  O  O   . ALA A 1 120 ? -9.416  -2.256  0.898   1.00 42.12 ? 117 ALA A O   1 
ATOM   906  C  CB  . ALA A 1 120 ? -12.176 -0.705  0.829   1.00 36.22 ? 117 ALA A CB  1 
ATOM   907  N  N   . VAL A 1 121 ? -10.548 -2.720  2.790   1.00 41.13 ? 118 VAL A N   1 
ATOM   908  C  CA  . VAL A 1 121 ? -9.962  -4.039  2.980   1.00 36.93 ? 118 VAL A CA  1 
ATOM   909  C  C   . VAL A 1 121 ? -11.099 -5.038  3.149   1.00 44.44 ? 118 VAL A C   1 
ATOM   910  O  O   . VAL A 1 121 ? -11.982 -4.838  3.989   1.00 44.33 ? 118 VAL A O   1 
ATOM   911  C  CB  . VAL A 1 121 ? -9.015  -4.061  4.195   1.00 41.36 ? 118 VAL A CB  1 
ATOM   912  C  CG1 . VAL A 1 121 ? -8.452  -5.453  4.419   1.00 35.59 ? 118 VAL A CG1 1 
ATOM   913  C  CG2 . VAL A 1 121 ? -7.886  -3.031  4.006   1.00 36.31 ? 118 VAL A CG2 1 
ATOM   914  N  N   . ASN A 1 122 ? -11.087 -6.094  2.336   1.00 40.51 ? 119 ASN A N   1 
ATOM   915  C  CA  . ASN A 1 122 ? -12.111 -7.140  2.347   1.00 40.51 ? 119 ASN A CA  1 
ATOM   916  C  C   . ASN A 1 122 ? -13.510 -6.551  2.259   1.00 42.85 ? 119 ASN A C   1 
ATOM   917  O  O   . ASN A 1 122 ? -14.417 -6.935  2.997   1.00 45.00 ? 119 ASN A O   1 
ATOM   918  C  CB  . ASN A 1 122 ? -11.981 -8.029  3.580   1.00 45.01 ? 119 ASN A CB  1 
ATOM   919  C  CG  . ASN A 1 122 ? -10.620 -8.685  3.672   1.00 49.62 ? 119 ASN A CG  1 
ATOM   920  O  OD1 . ASN A 1 122 ? -9.954  -8.882  2.655   1.00 45.04 ? 119 ASN A OD1 1 
ATOM   921  N  ND2 . ASN A 1 122 ? -10.195 -9.019  4.892   1.00 43.53 ? 119 ASN A ND2 1 
ATOM   922  N  N   . GLY A 1 123 ? -13.676 -5.587  1.358   1.00 40.92 ? 120 GLY A N   1 
ATOM   923  C  CA  . GLY A 1 123 ? -14.982 -5.050  1.036   1.00 43.30 ? 120 GLY A CA  1 
ATOM   924  C  C   . GLY A 1 123 ? -15.527 -4.006  1.986   1.00 51.21 ? 120 GLY A C   1 
ATOM   925  O  O   . GLY A 1 123 ? -16.672 -3.572  1.801   1.00 51.51 ? 120 GLY A O   1 
ATOM   926  N  N   . LYS A 1 124 ? -14.745 -3.576  2.981   1.00 48.41 ? 121 LYS A N   1 
ATOM   927  C  CA  . LYS A 1 124 ? -15.179 -2.655  4.020   1.00 46.05 ? 121 LYS A CA  1 
ATOM   928  C  C   . LYS A 1 124 ? -14.190 -1.504  4.136   1.00 50.83 ? 121 LYS A C   1 
ATOM   929  O  O   . LYS A 1 124 ? -12.975 -1.723  4.150   1.00 47.42 ? 121 LYS A O   1 
ATOM   930  C  CB  . LYS A 1 124 ? -15.297 -3.371  5.382   1.00 45.92 ? 121 LYS A CB  1 
ATOM   931  C  CG  . LYS A 1 124 ? -15.467 -2.417  6.572   1.00 54.19 ? 121 LYS A CG  1 
ATOM   932  C  CD  . LYS A 1 124 ? -15.707 -3.155  7.887   1.00 52.22 ? 121 LYS A CD  1 
ATOM   933  C  CE  . LYS A 1 124 ? -15.676 -2.205  9.070   1.00 58.68 ? 121 LYS A CE  1 
ATOM   934  N  NZ  . LYS A 1 124 ? -16.355 -0.904  8.777   1.00 62.67 ? 121 LYS A NZ  1 
ATOM   935  N  N   . HIS A 1 125 ? -14.716 -0.282  4.256   1.00 44.44 ? 122 HIS A N   1 
ATOM   936  C  CA  . HIS A 1 125 ? -13.867 0.901   4.287   1.00 40.21 ? 122 HIS A CA  1 
ATOM   937  C  C   . HIS A 1 125 ? -12.902 0.857   5.462   1.00 43.35 ? 122 HIS A C   1 
ATOM   938  O  O   . HIS A 1 125 ? -13.265 0.453   6.571   1.00 47.39 ? 122 HIS A O   1 
ATOM   939  C  CB  . HIS A 1 125 ? -14.710 2.162   4.372   1.00 39.89 ? 122 HIS A CB  1 
ATOM   940  C  CG  . HIS A 1 125 ? -13.904 3.396   4.622   1.00 41.54 ? 122 HIS A CG  1 
ATOM   941  N  ND1 . HIS A 1 125 ? -13.161 4.011   3.636   1.00 43.11 ? 122 HIS A ND1 1 
ATOM   942  C  CD2 . HIS A 1 125 ? -13.710 4.123   5.749   1.00 45.37 ? 122 HIS A CD2 1 
ATOM   943  C  CE1 . HIS A 1 125 ? -12.550 5.068   4.144   1.00 45.59 ? 122 HIS A CE1 1 
ATOM   944  N  NE2 . HIS A 1 125 ? -12.865 5.158   5.424   1.00 45.53 ? 122 HIS A NE2 1 
ATOM   945  N  N   . THR A 1 126 ? -11.661 1.286   5.222   1.00 38.79 ? 123 THR A N   1 
ATOM   946  C  CA  . THR A 1 126 ? -10.647 1.226   6.269   1.00 41.24 ? 123 THR A CA  1 
ATOM   947  C  C   . THR A 1 126 ? -10.058 2.581   6.620   1.00 42.99 ? 123 THR A C   1 
ATOM   948  O  O   . THR A 1 126 ? -9.912  2.884   7.807   1.00 44.35 ? 123 THR A O   1 
ATOM   949  C  CB  . THR A 1 126 ? -9.519  0.250   5.876   1.00 43.15 ? 123 THR A CB  1 
ATOM   950  O  OG1 . THR A 1 126 ? -10.060 -1.073  5.769   1.00 44.92 ? 123 THR A OG1 1 
ATOM   951  C  CG2 . THR A 1 126 ? -8.433  0.240   6.933   1.00 37.35 ? 123 THR A CG2 1 
ATOM   952  N  N   . LEU A 1 127 ? -9.694  3.406   5.640   1.00 39.14 ? 124 LEU A N   1 
ATOM   953  C  CA  . LEU A 1 127 ? -9.082  4.686   5.989   1.00 37.16 ? 124 LEU A CA  1 
ATOM   954  C  C   . LEU A 1 127 ? -9.011  5.590   4.770   1.00 42.42 ? 124 LEU A C   1 
ATOM   955  O  O   . LEU A 1 127 ? -9.236  5.171   3.625   1.00 37.95 ? 124 LEU A O   1 
ATOM   956  C  CB  . LEU A 1 127 ? -7.683  4.513   6.610   1.00 39.14 ? 124 LEU A CB  1 
ATOM   957  C  CG  . LEU A 1 127 ? -6.522  3.871   5.838   1.00 39.96 ? 124 LEU A CG  1 
ATOM   958  C  CD1 . LEU A 1 127 ? -5.821  4.857   4.912   1.00 35.50 ? 124 LEU A CD1 1 
ATOM   959  C  CD2 . LEU A 1 127 ? -5.509  3.241   6.809   1.00 36.39 ? 124 LEU A CD2 1 
ATOM   960  N  N   . LEU A 1 128 ? -8.695  6.850   5.052   1.00 39.63 ? 125 LEU A N   1 
ATOM   961  C  CA  . LEU A 1 128 ? -8.410  7.880   4.072   1.00 34.41 ? 125 LEU A CA  1 
ATOM   962  C  C   . LEU A 1 128 ? -7.037  8.462   4.380   1.00 38.39 ? 125 LEU A C   1 
ATOM   963  O  O   . LEU A 1 128 ? -6.580  8.435   5.528   1.00 36.62 ? 125 LEU A O   1 
ATOM   964  C  CB  . LEU A 1 128 ? -9.461  9.001   4.113   1.00 45.14 ? 125 LEU A CB  1 
ATOM   965  C  CG  . LEU A 1 128 ? -10.935 8.667   3.893   1.00 39.36 ? 125 LEU A CG  1 
ATOM   966  C  CD1 . LEU A 1 128 ? -11.791 9.894   4.207   1.00 44.45 ? 125 LEU A CD1 1 
ATOM   967  C  CD2 . LEU A 1 128 ? -11.151 8.205   2.455   1.00 38.74 ? 125 LEU A CD2 1 
ATOM   968  N  N   . TYR A 1 129 ? -6.379  8.986   3.352   1.00 33.67 ? 126 TYR A N   1 
ATOM   969  C  CA  . TYR A 1 129 ? -5.058  9.596   3.525   1.00 39.00 ? 126 TYR A CA  1 
ATOM   970  C  C   . TYR A 1 129 ? -4.915  10.683  2.467   1.00 35.58 ? 126 TYR A C   1 
ATOM   971  O  O   . TYR A 1 129 ? -4.871  10.385  1.269   1.00 32.70 ? 126 TYR A O   1 
ATOM   972  C  CB  . TYR A 1 129 ? -3.944  8.549   3.404   1.00 38.34 ? 126 TYR A CB  1 
ATOM   973  C  CG  . TYR A 1 129 ? -2.550  9.049   3.744   1.00 35.53 ? 126 TYR A CG  1 
ATOM   974  C  CD1 . TYR A 1 129 ? -2.082  9.024   5.062   1.00 37.52 ? 126 TYR A CD1 1 
ATOM   975  C  CD2 . TYR A 1 129 ? -1.708  9.553   2.757   1.00 33.80 ? 126 TYR A CD2 1 
ATOM   976  C  CE1 . TYR A 1 129 ? -0.814  9.470   5.381   1.00 37.65 ? 126 TYR A CE1 1 
ATOM   977  C  CE2 . TYR A 1 129 ? -0.427  10.008  3.068   1.00 33.51 ? 126 TYR A CE2 1 
ATOM   978  C  CZ  . TYR A 1 129 ? 0.012   9.967   4.379   1.00 34.12 ? 126 TYR A CZ  1 
ATOM   979  O  OH  . TYR A 1 129 ? 1.279   10.397  4.702   1.00 34.03 ? 126 TYR A OH  1 
ATOM   980  N  N   . GLY A 1 130 ? -4.863  11.938  2.907   1.00 33.97 ? 127 GLY A N   1 
ATOM   981  C  CA  . GLY A 1 130 ? -4.763  13.040  1.970   1.00 29.46 ? 127 GLY A CA  1 
ATOM   982  C  C   . GLY A 1 130 ? -3.405  13.090  1.298   1.00 35.30 ? 127 GLY A C   1 
ATOM   983  O  O   . GLY A 1 130 ? -2.379  12.752  1.893   1.00 33.89 ? 127 GLY A O   1 
ATOM   984  N  N   . HIS A 1 131 ? -3.402  13.525  0.031   1.00 31.92 ? 128 HIS A N   1 
ATOM   985  C  CA  . HIS A 1 131 ? -2.164  13.557  -0.738  1.00 34.34 ? 128 HIS A CA  1 
ATOM   986  C  C   . HIS A 1 131 ? -1.167  14.560  -0.157  1.00 33.56 ? 128 HIS A C   1 
ATOM   987  O  O   . HIS A 1 131 ? -1.491  15.733  0.047   1.00 41.14 ? 128 HIS A O   1 
ATOM   988  C  CB  . HIS A 1 131 ? -2.459  13.905  -2.196  1.00 35.52 ? 128 HIS A CB  1 
ATOM   989  C  CG  . HIS A 1 131 ? -3.179  12.824  -2.938  1.00 33.86 ? 128 HIS A CG  1 
ATOM   990  N  ND1 . HIS A 1 131 ? -2.771  11.506  -2.912  1.00 32.98 ? 128 HIS A ND1 1 
ATOM   991  C  CD2 . HIS A 1 131 ? -4.262  12.870  -3.751  1.00 38.04 ? 128 HIS A CD2 1 
ATOM   992  C  CE1 . HIS A 1 131 ? -3.586  10.782  -3.667  1.00 34.97 ? 128 HIS A CE1 1 
ATOM   993  N  NE2 . HIS A 1 131 ? -4.499  11.585  -4.185  1.00 36.50 ? 128 HIS A NE2 1 
ATOM   994  N  N   . ARG A 1 132 ? 0.054   14.093  0.101   1.00 30.49 ? 129 ARG A N   1 
ATOM   995  C  CA  . ARG A 1 132 ? 1.159   14.978  0.468   1.00 35.67 ? 129 ARG A CA  1 
ATOM   996  C  C   . ARG A 1 132 ? 2.158   15.186  -0.666  1.00 36.67 ? 129 ARG A C   1 
ATOM   997  O  O   . ARG A 1 132 ? 2.839   16.223  -0.711  1.00 32.35 ? 129 ARG A O   1 
ATOM   998  C  CB  . ARG A 1 132 ? 1.882   14.416  1.691   1.00 33.77 ? 129 ARG A CB  1 
ATOM   999  C  CG  . ARG A 1 132 ? 0.945   14.097  2.827   1.00 33.65 ? 129 ARG A CG  1 
ATOM   1000 C  CD  . ARG A 1 132 ? 1.738   13.875  4.094   1.00 31.09 ? 129 ARG A CD  1 
ATOM   1001 N  NE  . ARG A 1 132 ? 0.879   13.352  5.150   1.00 36.36 ? 129 ARG A NE  1 
ATOM   1002 C  CZ  . ARG A 1 132 ? 1.319   12.886  6.311   1.00 34.76 ? 129 ARG A CZ  1 
ATOM   1003 N  NH1 . ARG A 1 132 ? 2.623   12.879  6.572   1.00 33.97 ? 129 ARG A NH1 1 
ATOM   1004 N  NH2 . ARG A 1 132 ? 0.453   12.413  7.200   1.00 30.45 ? 129 ARG A NH2 1 
ATOM   1005 N  N   . ILE A 1 133 ? 2.261   14.217  -1.574  1.00 36.22 ? 130 ILE A N   1 
ATOM   1006 C  CA  . ILE A 1 133 ? 2.957   14.351  -2.850  1.00 32.58 ? 130 ILE A CA  1 
ATOM   1007 C  C   . ILE A 1 133 ? 1.917   14.190  -3.958  1.00 34.01 ? 130 ILE A C   1 
ATOM   1008 O  O   . ILE A 1 133 ? 1.002   13.359  -3.850  1.00 34.25 ? 130 ILE A O   1 
ATOM   1009 C  CB  . ILE A 1 133 ? 4.081   13.295  -2.996  1.00 32.03 ? 130 ILE A CB  1 
ATOM   1010 C  CG1 . ILE A 1 133 ? 5.047   13.345  -1.803  1.00 33.95 ? 130 ILE A CG1 1 
ATOM   1011 C  CG2 . ILE A 1 133 ? 4.821   13.446  -4.324  1.00 35.47 ? 130 ILE A CG2 1 
ATOM   1012 C  CD1 . ILE A 1 133 ? 6.157   12.281  -1.848  1.00 37.16 ? 130 ILE A CD1 1 
ATOM   1013 N  N   . GLY A 1 134 ? 2.027   15.016  -4.997  1.00 30.32 ? 131 GLY A N   1 
ATOM   1014 C  CA  . GLY A 1 134 ? 1.187   14.892  -6.167  1.00 33.54 ? 131 GLY A CA  1 
ATOM   1015 C  C   . GLY A 1 134 ? 1.245   13.477  -6.721  1.00 36.27 ? 131 GLY A C   1 
ATOM   1016 O  O   . GLY A 1 134 ? 2.318   12.942  -7.009  1.00 35.37 ? 131 GLY A O   1 
ATOM   1017 N  N   . PRO A 1 135 ? 0.087   12.830  -6.850  1.00 32.81 ? 132 PRO A N   1 
ATOM   1018 C  CA  . PRO A 1 135 ? 0.081   11.417  -7.262  1.00 36.25 ? 132 PRO A CA  1 
ATOM   1019 C  C   . PRO A 1 135 ? 0.722   11.174  -8.626  1.00 33.00 ? 132 PRO A C   1 
ATOM   1020 O  O   . PRO A 1 135 ? 1.142   10.050  -8.896  1.00 32.07 ? 132 PRO A O   1 
ATOM   1021 C  CB  . PRO A 1 135 ? -1.412  11.058  -7.260  1.00 40.03 ? 132 PRO A CB  1 
ATOM   1022 C  CG  . PRO A 1 135 ? -2.130  12.366  -7.306  1.00 43.95 ? 132 PRO A CG  1 
ATOM   1023 C  CD  . PRO A 1 135 ? -1.263  13.347  -6.595  1.00 35.73 ? 132 PRO A CD  1 
ATOM   1024 N  N   . GLU A 1 136 ? 0.849   12.198  -9.474  1.00 34.85 ? 133 GLU A N   1 
ATOM   1025 C  CA  . GLU A 1 136 ? 1.518   12.015  -10.756 1.00 36.13 ? 133 GLU A CA  1 
ATOM   1026 C  C   . GLU A 1 136 ? 2.986   11.652  -10.583 1.00 36.70 ? 133 GLU A C   1 
ATOM   1027 O  O   . GLU A 1 136 ? 3.583   11.075  -11.501 1.00 37.40 ? 133 GLU A O   1 
ATOM   1028 C  CB  . GLU A 1 136 ? 1.383   13.274  -11.608 1.00 37.03 ? 133 GLU A CB  1 
ATOM   1029 C  CG  . GLU A 1 136 ? 2.239   14.437  -11.111 1.00 39.68 ? 133 GLU A CG  1 
ATOM   1030 C  CD  . GLU A 1 136 ? 1.572   15.227  -9.988  1.00 44.29 ? 133 GLU A CD  1 
ATOM   1031 O  OE1 . GLU A 1 136 ? 0.439   14.880  -9.579  1.00 37.33 ? 133 GLU A OE1 1 
ATOM   1032 O  OE2 . GLU A 1 136 ? 2.181   16.209  -9.528  1.00 40.55 ? 133 GLU A OE2 1 
ATOM   1033 N  N   . LYS A 1 137 ? 3.569   11.947  -9.424  1.00 34.65 ? 134 LYS A N   1 
ATOM   1034 C  CA  . LYS A 1 137 ? 4.956   11.607  -9.135  1.00 36.02 ? 134 LYS A CA  1 
ATOM   1035 C  C   . LYS A 1 137 ? 5.122   10.172  -8.652  1.00 31.09 ? 134 LYS A C   1 
ATOM   1036 O  O   . LYS A 1 137 ? 6.250   9.764   -8.364  1.00 32.44 ? 134 LYS A O   1 
ATOM   1037 C  CB  . LYS A 1 137 ? 5.522   12.592  -8.094  1.00 32.23 ? 134 LYS A CB  1 
ATOM   1038 C  CG  . LYS A 1 137 ? 5.472   14.011  -8.620  1.00 37.53 ? 134 LYS A CG  1 
ATOM   1039 C  CD  . LYS A 1 137 ? 6.267   15.030  -7.795  1.00 37.22 ? 134 LYS A CD  1 
ATOM   1040 C  CE  . LYS A 1 137 ? 5.989   16.436  -8.347  1.00 40.23 ? 134 LYS A CE  1 
ATOM   1041 N  NZ  . LYS A 1 137 ? 6.742   17.478  -7.640  1.00 39.15 ? 134 LYS A NZ  1 
ATOM   1042 N  N   . ILE A 1 138 ? 4.039   9.403   -8.569  1.00 30.49 ? 135 ILE A N   1 
ATOM   1043 C  CA  . ILE A 1 138 ? 4.097   8.018   -8.106  1.00 33.17 ? 135 ILE A CA  1 
ATOM   1044 C  C   . ILE A 1 138 ? 4.241   7.095   -9.314  1.00 29.69 ? 135 ILE A C   1 
ATOM   1045 O  O   . ILE A 1 138 ? 3.336   7.006   -10.148 1.00 27.13 ? 135 ILE A O   1 
ATOM   1046 C  CB  . ILE A 1 138 ? 2.846   7.647   -7.299  1.00 33.67 ? 135 ILE A CB  1 
ATOM   1047 C  CG1 . ILE A 1 138 ? 2.641   8.595   -6.104  1.00 30.76 ? 135 ILE A CG1 1 
ATOM   1048 C  CG2 . ILE A 1 138 ? 2.963   6.191   -6.827  1.00 32.81 ? 135 ILE A CG2 1 
ATOM   1049 C  CD1 . ILE A 1 138 ? 1.288   8.384   -5.412  1.00 30.95 ? 135 ILE A CD1 1 
ATOM   1050 N  N   . ASP A 1 139 ? 5.355   6.374   -9.382  1.00 36.93 ? 136 ASP A N   1 
ATOM   1051 C  CA  . ASP A 1 139 ? 5.584   5.466   -10.493 1.00 35.56 ? 136 ASP A CA  1 
ATOM   1052 C  C   . ASP A 1 139 ? 6.023   4.082   -10.059 1.00 32.80 ? 136 ASP A C   1 
ATOM   1053 O  O   . ASP A 1 139 ? 6.224   3.232   -10.931 1.00 31.52 ? 136 ASP A O   1 
ATOM   1054 C  CB  . ASP A 1 139 ? 6.632   6.050   -11.461 1.00 33.62 ? 136 ASP A CB  1 
ATOM   1055 C  CG  . ASP A 1 139 ? 8.047   6.054   -10.879 1.00 35.78 ? 136 ASP A CG  1 
ATOM   1056 O  OD1 . ASP A 1 139 ? 8.246   5.742   -9.675  1.00 36.66 ? 136 ASP A OD1 1 
ATOM   1057 O  OD2 . ASP A 1 139 ? 8.972   6.406   -11.638 1.00 35.96 ? 136 ASP A OD2 1 
ATOM   1058 N  N   . THR A 1 140 ? 6.136   3.823   -8.746  1.00 32.58 ? 137 THR A N   1 
ATOM   1059 C  CA  . THR A 1 140 ? 6.695   2.580   -8.218  1.00 30.16 ? 137 THR A CA  1 
ATOM   1060 C  C   . THR A 1 140 ? 5.894   2.060   -7.027  1.00 35.82 ? 137 THR A C   1 
ATOM   1061 O  O   . THR A 1 140 ? 5.573   2.820   -6.103  1.00 30.52 ? 137 THR A O   1 
ATOM   1062 C  CB  . THR A 1 140 ? 8.145   2.779   -7.787  1.00 34.61 ? 137 THR A CB  1 
ATOM   1063 O  OG1 . THR A 1 140 ? 8.917   3.244   -8.903  1.00 32.53 ? 137 THR A OG1 1 
ATOM   1064 C  CG2 . THR A 1 140 ? 8.730   1.470   -7.276  1.00 33.49 ? 137 THR A CG2 1 
ATOM   1065 N  N   . LEU A 1 141 ? 5.608   0.758   -7.042  1.00 33.43 ? 138 LEU A N   1 
ATOM   1066 C  CA  . LEU A 1 141 ? 4.923   0.061   -5.960  1.00 37.42 ? 138 LEU A CA  1 
ATOM   1067 C  C   . LEU A 1 141 ? 5.901   -0.880  -5.275  1.00 38.53 ? 138 LEU A C   1 
ATOM   1068 O  O   . LEU A 1 141 ? 6.415   -1.802  -5.905  1.00 38.45 ? 138 LEU A O   1 
ATOM   1069 C  CB  . LEU A 1 141 ? 3.732   -0.733  -6.485  1.00 34.87 ? 138 LEU A CB  1 
ATOM   1070 C  CG  . LEU A 1 141 ? 3.127   -1.717  -5.475  1.00 42.03 ? 138 LEU A CG  1 
ATOM   1071 C  CD1 . LEU A 1 141 ? 2.491   -0.986  -4.333  1.00 39.95 ? 138 LEU A CD1 1 
ATOM   1072 C  CD2 . LEU A 1 141 ? 2.102   -2.613  -6.156  1.00 41.21 ? 138 LEU A CD2 1 
ATOM   1073 N  N   . GLY A 1 142 ? 6.150   -0.664  -3.986  1.00 33.39 ? 139 GLY A N   1 
ATOM   1074 C  CA  . GLY A 1 142 ? 6.952   -1.574  -3.194  1.00 30.64 ? 139 GLY A CA  1 
ATOM   1075 C  C   . GLY A 1 142 ? 6.084   -2.280  -2.169  1.00 39.12 ? 139 GLY A C   1 
ATOM   1076 O  O   . GLY A 1 142 ? 5.115   -1.708  -1.659  1.00 34.59 ? 139 GLY A O   1 
ATOM   1077 N  N   . ILE A 1 143 ? 6.432   -3.530  -1.866  1.00 34.31 ? 140 ILE A N   1 
ATOM   1078 C  CA  . ILE A 1 143 ? 5.794   -4.300  -0.801  1.00 30.71 ? 140 ILE A CA  1 
ATOM   1079 C  C   . ILE A 1 143 ? 6.900   -4.977  -0.008  1.00 33.98 ? 140 ILE A C   1 
ATOM   1080 O  O   . ILE A 1 143 ? 7.711   -5.706  -0.582  1.00 35.33 ? 140 ILE A O   1 
ATOM   1081 C  CB  . ILE A 1 143 ? 4.805   -5.347  -1.345  1.00 32.76 ? 140 ILE A CB  1 
ATOM   1082 C  CG1 . ILE A 1 143 ? 3.737   -4.683  -2.215  1.00 34.71 ? 140 ILE A CG1 1 
ATOM   1083 C  CG2 . ILE A 1 143 ? 4.186   -6.137  -0.195  1.00 34.87 ? 140 ILE A CG2 1 
ATOM   1084 C  CD1 . ILE A 1 143 ? 2.723   -5.675  -2.796  1.00 40.14 ? 140 ILE A CD1 1 
ATOM   1085 N  N   . TYR A 1 144 ? 6.949   -4.728  1.303   1.00 35.29 ? 141 TYR A N   1 
ATOM   1086 C  CA  . TYR A 1 144 ? 8.048   -5.192  2.142   1.00 39.97 ? 141 TYR A CA  1 
ATOM   1087 C  C   . TYR A 1 144 ? 7.502   -5.794  3.431   1.00 41.18 ? 141 TYR A C   1 
ATOM   1088 O  O   . TYR A 1 144 ? 6.382   -5.498  3.844   1.00 39.38 ? 141 TYR A O   1 
ATOM   1089 C  CB  . TYR A 1 144 ? 9.011   -4.045  2.485   1.00 36.71 ? 141 TYR A CB  1 
ATOM   1090 C  CG  . TYR A 1 144 ? 9.377   -3.145  1.318   1.00 38.69 ? 141 TYR A CG  1 
ATOM   1091 C  CD1 . TYR A 1 144 ? 10.532  -3.364  0.567   1.00 42.60 ? 141 TYR A CD1 1 
ATOM   1092 C  CD2 . TYR A 1 144 ? 8.578   -2.068  0.981   1.00 39.57 ? 141 TYR A CD2 1 
ATOM   1093 C  CE1 . TYR A 1 144 ? 10.867  -2.524  -0.507  1.00 41.88 ? 141 TYR A CE1 1 
ATOM   1094 C  CE2 . TYR A 1 144 ? 8.906   -1.225  -0.072  1.00 38.04 ? 141 TYR A CE2 1 
ATOM   1095 C  CZ  . TYR A 1 144 ? 10.044  -1.454  -0.809  1.00 38.72 ? 141 TYR A CZ  1 
ATOM   1096 O  OH  . TYR A 1 144 ? 10.335  -0.599  -1.856  1.00 41.82 ? 141 TYR A OH  1 
ATOM   1097 N  N   . GLY A 1 145 ? 8.310   -6.637  4.066   1.00 42.25 ? 142 GLY A N   1 
ATOM   1098 C  CA  . GLY A 1 145 ? 8.002   -7.142  5.395   1.00 41.21 ? 142 GLY A CA  1 
ATOM   1099 C  C   . GLY A 1 145 ? 7.458   -8.558  5.391   1.00 43.36 ? 142 GLY A C   1 
ATOM   1100 O  O   . GLY A 1 145 ? 7.597   -9.310  4.428   1.00 43.84 ? 142 GLY A O   1 
ATOM   1101 N  N   . LYS A 1 146 ? 6.813   -8.919  6.503   1.00 44.59 ? 143 LYS A N   1 
ATOM   1102 C  CA  . LYS A 1 146 ? 6.233   -10.255 6.660   1.00 47.41 ? 143 LYS A CA  1 
ATOM   1103 C  C   . LYS A 1 146 ? 4.824   -10.253 6.077   1.00 43.65 ? 143 LYS A C   1 
ATOM   1104 O  O   . LYS A 1 146 ? 3.846   -9.957  6.766   1.00 42.64 ? 143 LYS A O   1 
ATOM   1105 C  CB  . LYS A 1 146 ? 6.227   -10.670 8.128   1.00 45.33 ? 143 LYS A CB  1 
ATOM   1106 C  CG  . LYS A 1 146 ? 7.608   -10.939 8.717   1.00 53.98 ? 143 LYS A CG  1 
ATOM   1107 C  CD  . LYS A 1 146 ? 8.028   -12.383 8.482   1.00 59.66 ? 143 LYS A CD  1 
ATOM   1108 C  CE  . LYS A 1 146 ? 9.448   -12.662 8.976   1.00 66.57 ? 143 LYS A CE  1 
ATOM   1109 N  NZ  . LYS A 1 146 ? 9.878   -14.054 8.611   1.00 67.24 ? 143 LYS A NZ  1 
ATOM   1110 N  N   . VAL A 1 147 ? 4.715   -10.601 4.793   1.00 44.39 ? 144 VAL A N   1 
ATOM   1111 C  CA  . VAL A 1 147 ? 3.420   -10.745 4.132   1.00 40.97 ? 144 VAL A CA  1 
ATOM   1112 C  C   . VAL A 1 147 ? 3.618   -11.624 2.901   1.00 43.67 ? 144 VAL A C   1 
ATOM   1113 O  O   . VAL A 1 147 ? 4.707   -11.663 2.318   1.00 40.62 ? 144 VAL A O   1 
ATOM   1114 C  CB  . VAL A 1 147 ? 2.812   -9.361  3.774   1.00 37.78 ? 144 VAL A CB  1 
ATOM   1115 C  CG1 . VAL A 1 147 ? 3.600   -8.683  2.653   1.00 41.05 ? 144 VAL A CG1 1 
ATOM   1116 C  CG2 . VAL A 1 147 ? 1.349   -9.480  3.388   1.00 36.46 ? 144 VAL A CG2 1 
ATOM   1117 N  N   . ASN A 1 148 ? 2.562   -12.354 2.522   1.00 44.27 ? 145 ASN A N   1 
ATOM   1118 C  CA  . ASN A 1 148 ? 2.520   -13.162 1.300   1.00 43.21 ? 145 ASN A CA  1 
ATOM   1119 C  C   . ASN A 1 148 ? 1.524   -12.550 0.324   1.00 40.43 ? 145 ASN A C   1 
ATOM   1120 O  O   . ASN A 1 148 ? 0.380   -12.271 0.690   1.00 42.60 ? 145 ASN A O   1 
ATOM   1121 C  CB  . ASN A 1 148 ? 2.106   -14.609 1.585   1.00 47.26 ? 145 ASN A CB  1 
ATOM   1122 C  CG  . ASN A 1 148 ? 2.999   -15.280 2.589   1.00 53.56 ? 145 ASN A CG  1 
ATOM   1123 O  OD1 . ASN A 1 148 ? 2.551   -15.694 3.657   1.00 55.44 ? 145 ASN A OD1 1 
ATOM   1124 N  ND2 . ASN A 1 148 ? 4.276   -15.404 2.250   1.00 59.94 ? 145 ASN A ND2 1 
ATOM   1125 N  N   . ILE A 1 149 ? 1.939   -12.379 -0.924  1.00 39.47 ? 146 ILE A N   1 
ATOM   1126 C  CA  . ILE A 1 149 ? 1.122   -11.693 -1.910  1.00 40.42 ? 146 ILE A CA  1 
ATOM   1127 C  C   . ILE A 1 149 ? 0.785   -12.681 -3.014  1.00 43.35 ? 146 ILE A C   1 
ATOM   1128 O  O   . ILE A 1 149 ? 1.688   -13.298 -3.599  1.00 40.94 ? 146 ILE A O   1 
ATOM   1129 C  CB  . ILE A 1 149 ? 1.834   -10.452 -2.471  1.00 40.79 ? 146 ILE A CB  1 
ATOM   1130 C  CG1 . ILE A 1 149 ? 2.188   -9.479  -1.329  1.00 40.14 ? 146 ILE A CG1 1 
ATOM   1131 C  CG2 . ILE A 1 149 ? 1.001   -9.821  -3.592  1.00 33.84 ? 146 ILE A CG2 1 
ATOM   1132 C  CD1 . ILE A 1 149 ? 0.990   -8.914  -0.580  1.00 32.26 ? 146 ILE A CD1 1 
ATOM   1133 N  N   . HIS A 1 150 ? -0.510  -12.842 -3.284  1.00 37.48 ? 147 HIS A N   1 
ATOM   1134 C  CA  . HIS A 1 150 ? -0.955  -13.654 -4.404  1.00 35.30 ? 147 HIS A CA  1 
ATOM   1135 C  C   . HIS A 1 150 ? -0.986  -12.856 -5.692  1.00 38.84 ? 147 HIS A C   1 
ATOM   1136 O  O   . HIS A 1 150 ? -0.529  -13.355 -6.724  1.00 37.77 ? 147 HIS A O   1 
ATOM   1137 C  CB  . HIS A 1 150 ? -2.339  -14.242 -4.134  1.00 38.88 ? 147 HIS A CB  1 
ATOM   1138 C  CG  . HIS A 1 150 ? -2.317  -15.448 -3.243  1.00 42.25 ? 147 HIS A CG  1 
ATOM   1139 N  ND1 . HIS A 1 150 ? -1.351  -16.429 -3.338  1.00 45.19 ? 147 HIS A ND1 1 
ATOM   1140 C  CD2 . HIS A 1 150 ? -3.148  -15.832 -2.244  1.00 39.98 ? 147 HIS A CD2 1 
ATOM   1141 C  CE1 . HIS A 1 150 ? -1.590  -17.368 -2.438  1.00 44.04 ? 147 HIS A CE1 1 
ATOM   1142 N  NE2 . HIS A 1 150 ? -2.676  -17.031 -1.767  1.00 41.64 ? 147 HIS A NE2 1 
ATOM   1143 N  N   . SER A 1 151 ? -1.525  -11.632 -5.660  1.00 35.68 ? 148 SER A N   1 
ATOM   1144 C  CA  . SER A 1 151 ? -1.664  -10.866 -6.892  1.00 37.42 ? 148 SER A CA  1 
ATOM   1145 C  C   . SER A 1 151 ? -1.612  -9.367  -6.629  1.00 38.22 ? 148 SER A C   1 
ATOM   1146 O  O   . SER A 1 151 ? -2.047  -8.877  -5.581  1.00 32.82 ? 148 SER A O   1 
ATOM   1147 C  CB  . SER A 1 151 ? -2.972  -11.196 -7.643  1.00 41.06 ? 148 SER A CB  1 
ATOM   1148 O  OG  . SER A 1 151 ? -4.119  -10.794 -6.915  1.00 38.64 ? 148 SER A OG  1 
ATOM   1149 N  N   . ILE A 1 152 ? -1.090  -8.654  -7.627  1.00 37.80 ? 149 ILE A N   1 
ATOM   1150 C  CA  . ILE A 1 152 ? -1.117  -7.203  -7.729  1.00 38.45 ? 149 ILE A CA  1 
ATOM   1151 C  C   . ILE A 1 152 ? -1.808  -6.857  -9.037  1.00 38.26 ? 149 ILE A C   1 
ATOM   1152 O  O   . ILE A 1 152 ? -1.446  -7.389  -10.090 1.00 37.71 ? 149 ILE A O   1 
ATOM   1153 C  CB  . ILE A 1 152 ? 0.304   -6.602  -7.713  1.00 35.98 ? 149 ILE A CB  1 
ATOM   1154 C  CG1 . ILE A 1 152 ? 1.055   -6.949  -6.436  1.00 33.19 ? 149 ILE A CG1 1 
ATOM   1155 C  CG2 . ILE A 1 152 ? 0.263   -5.091  -7.956  1.00 36.16 ? 149 ILE A CG2 1 
ATOM   1156 C  CD1 . ILE A 1 152 ? 2.502   -6.424  -6.448  1.00 34.18 ? 149 ILE A CD1 1 
ATOM   1157 N  N   . GLY A 1 153 ? -2.799  -5.980  -8.979  1.00 35.49 ? 150 GLY A N   1 
ATOM   1158 C  CA  . GLY A 1 153 ? -3.473  -5.538  -10.178 1.00 36.73 ? 150 GLY A CA  1 
ATOM   1159 C  C   . GLY A 1 153 ? -3.792  -4.060  -10.089 1.00 36.42 ? 150 GLY A C   1 
ATOM   1160 O  O   . GLY A 1 153 ? -3.730  -3.448  -9.013  1.00 34.94 ? 150 GLY A O   1 
ATOM   1161 N  N   . PHE A 1 154 ? -4.161  -3.503  -11.234 1.00 34.93 ? 151 PHE A N   1 
ATOM   1162 C  CA  . PHE A 1 154 ? -4.535  -2.099  -11.324 1.00 36.50 ? 151 PHE A CA  1 
ATOM   1163 C  C   . PHE A 1 154 ? -5.794  -1.964  -12.155 1.00 36.75 ? 151 PHE A C   1 
ATOM   1164 O  O   . PHE A 1 154 ? -6.032  -2.740  -13.083 1.00 38.42 ? 151 PHE A O   1 
ATOM   1165 C  CB  . PHE A 1 154 ? -3.429  -1.248  -11.969 1.00 35.25 ? 151 PHE A CB  1 
ATOM   1166 C  CG  . PHE A 1 154 ? -2.136  -1.285  -11.231 1.00 38.28 ? 151 PHE A CG  1 
ATOM   1167 C  CD1 . PHE A 1 154 ? -1.184  -2.246  -11.528 1.00 36.18 ? 151 PHE A CD1 1 
ATOM   1168 C  CD2 . PHE A 1 154 ? -1.860  -0.347  -10.238 1.00 38.19 ? 151 PHE A CD2 1 
ATOM   1169 C  CE1 . PHE A 1 154 ? 0.017   -2.284  -10.844 1.00 35.62 ? 151 PHE A CE1 1 
ATOM   1170 C  CE2 . PHE A 1 154 ? -0.648  -0.380  -9.552  1.00 36.66 ? 151 PHE A CE2 1 
ATOM   1171 C  CZ  . PHE A 1 154 ? 0.287   -1.353  -9.851  1.00 34.44 ? 151 PHE A CZ  1 
ATOM   1172 N  N   . SER A 1 155 ? -6.585  -0.951  -11.846 1.00 37.32 ? 152 SER A N   1 
ATOM   1173 C  CA  . SER A 1 155 ? -7.725  -0.590  -12.680 1.00 40.16 ? 152 SER A CA  1 
ATOM   1174 C  C   . SER A 1 155 ? -7.606  0.895   -12.994 1.00 47.43 ? 152 SER A C   1 
ATOM   1175 O  O   . SER A 1 155 ? -7.814  1.732   -12.106 1.00 39.61 ? 152 SER A O   1 
ATOM   1176 C  CB  . SER A 1 155 ? -9.045  -0.905  -11.973 1.00 40.35 ? 152 SER A CB  1 
ATOM   1177 O  OG  . SER A 1 155 ? -10.132 -0.329  -12.673 1.00 45.23 ? 152 SER A OG  1 
ATOM   1178 N  N   . PHE A 1 156 ? -7.272  1.228   -14.246 1.00 37.17 ? 153 PHE A N   1 
ATOM   1179 C  CA  . PHE A 1 156 ? -7.052  2.635   -14.605 1.00 40.84 ? 153 PHE A CA  1 
ATOM   1180 C  C   . PHE A 1 156 ? -8.279  3.326   -15.188 1.00 38.83 ? 153 PHE A C   1 
ATOM   1181 O  O   . PHE A 1 156 ? -8.925  2.802   -16.089 1.00 51.65 ? 153 PHE A O   1 
ATOM   1182 C  CB  . PHE A 1 156 ? -5.875  2.747   -15.570 1.00 39.06 ? 153 PHE A CB  1 
ATOM   1183 C  CG  . PHE A 1 156 ? -4.562  2.394   -14.933 1.00 45.47 ? 153 PHE A CG  1 
ATOM   1184 C  CD1 . PHE A 1 156 ? -3.962  3.265   -14.029 1.00 41.98 ? 153 PHE A CD1 1 
ATOM   1185 C  CD2 . PHE A 1 156 ? -3.950  1.184   -15.202 1.00 40.03 ? 153 PHE A CD2 1 
ATOM   1186 C  CE1 . PHE A 1 156 ? -2.763  2.940   -13.419 1.00 36.34 ? 153 PHE A CE1 1 
ATOM   1187 C  CE2 . PHE A 1 156 ? -2.752  0.849   -14.595 1.00 42.88 ? 153 PHE A CE2 1 
ATOM   1188 C  CZ  . PHE A 1 156 ? -2.155  1.736   -13.690 1.00 37.92 ? 153 PHE A CZ  1 
HETATM 1189 C  C2  . BGC B 2 .   ? 6.292   5.588   15.972  1.00 57.66 ? 1   BGC B C2  1 
HETATM 1190 C  C3  . BGC B 2 .   ? 6.889   4.655   14.988  1.00 53.51 ? 1   BGC B C3  1 
HETATM 1191 C  C4  . BGC B 2 .   ? 8.107   5.142   14.350  1.00 52.95 ? 1   BGC B C4  1 
HETATM 1192 C  C5  . BGC B 2 .   ? 9.104   5.570   15.383  1.00 55.46 ? 1   BGC B C5  1 
HETATM 1193 C  C6  . BGC B 2 .   ? 9.989   6.692   14.873  1.00 58.23 ? 1   BGC B C6  1 
HETATM 1194 C  C1  . BGC B 2 .   ? 7.238   5.533   17.161  1.00 57.10 ? 1   BGC B C1  1 
HETATM 1195 O  O1  . BGC B 2 .   ? 6.722   6.273   18.109  1.00 82.18 ? 1   BGC B O1  1 
HETATM 1196 O  O2  . BGC B 2 .   ? 4.970   5.185   16.415  1.00 65.17 ? 1   BGC B O2  1 
HETATM 1197 O  O3  . BGC B 2 .   ? 5.870   4.232   14.019  1.00 46.22 ? 1   BGC B O3  1 
HETATM 1198 O  O4  . BGC B 2 .   ? 8.672   4.006   13.487  1.00 47.97 ? 1   BGC B O4  1 
HETATM 1199 O  O5  . BGC B 2 .   ? 8.551   6.132   16.637  1.00 59.78 ? 1   BGC B O5  1 
HETATM 1200 O  O6  . BGC B 2 .   ? 10.426  6.454   13.559  1.00 51.15 ? 1   BGC B O6  1 
HETATM 1201 C  C1  . GAL B 2 .   ? 8.742   4.251   12.096  1.00 47.19 ? 2   GAL B C1  1 
HETATM 1202 C  C2  . GAL B 2 .   ? 9.304   3.050   11.319  1.00 42.74 ? 2   GAL B C2  1 
HETATM 1203 C  C3  . GAL B 2 .   ? 9.259   3.167   9.839   1.00 43.14 ? 2   GAL B C3  1 
HETATM 1204 C  C4  . GAL B 2 .   ? 8.021   3.784   9.287   1.00 38.71 ? 2   GAL B C4  1 
HETATM 1205 C  C5  . GAL B 2 .   ? 7.519   4.981   10.096  1.00 39.42 ? 2   GAL B C5  1 
HETATM 1206 C  C6  . GAL B 2 .   ? 6.146   5.427   9.670   1.00 40.41 ? 2   GAL B C6  1 
HETATM 1207 O  O2  . GAL B 2 .   ? 10.674  2.713   11.695  1.00 44.10 ? 2   GAL B O2  1 
HETATM 1208 O  O3  . GAL B 2 .   ? 9.466   1.836   9.302   1.00 37.70 ? 2   GAL B O3  1 
HETATM 1209 O  O4  . GAL B 2 .   ? 7.021   2.742   9.336   1.00 38.11 ? 2   GAL B O4  1 
HETATM 1210 O  O5  . GAL B 2 .   ? 7.454   4.657   11.540  1.00 42.77 ? 2   GAL B O5  1 
HETATM 1211 O  O6  . GAL B 2 .   ? 5.862   6.667   10.262  1.00 36.42 ? 2   GAL B O6  1 
HETATM 1212 NA NA  . NA  C 3 .   ? 10.198  1.700   6.191   1.00 39.67 ? 202 NA  A NA  1 
HETATM 1213 NI NI  . NI  D 4 .   ? -3.292  -18.589 -0.225  1.00 52.37 ? 203 NI  A NI  1 
HETATM 1214 O  O   . HOH E 5 .   ? -1.779  14.898  -10.477 1.00 46.61 ? 301 HOH A O   1 
HETATM 1215 O  O   . HOH E 5 .   ? 12.007  14.828  -2.481  1.00 46.96 ? 302 HOH A O   1 
HETATM 1216 O  O   . HOH E 5 .   ? 10.135  -9.701  -6.080  1.00 40.16 ? 303 HOH A O   1 
HETATM 1217 O  O   . HOH E 5 .   ? 3.002   10.471  -14.220 1.00 37.28 ? 304 HOH A O   1 
HETATM 1218 O  O   . HOH E 5 .   ? -8.570  6.038   9.893   1.00 44.75 ? 305 HOH A O   1 
HETATM 1219 O  O   . HOH E 5 .   ? -6.175  -12.708 -12.178 1.00 37.32 ? 306 HOH A O   1 
HETATM 1220 O  O   . HOH E 5 .   ? -8.764  4.094   14.361  1.00 52.21 ? 307 HOH A O   1 
HETATM 1221 O  O   . HOH E 5 .   ? 4.816   -3.412  -11.573 1.00 40.61 ? 308 HOH A O   1 
HETATM 1222 O  O   . HOH E 5 .   ? 8.495   -13.672 -0.770  1.00 46.13 ? 309 HOH A O   1 
HETATM 1223 O  O   . HOH E 5 .   ? -3.701  17.127  0.065   1.00 41.49 ? 310 HOH A O   1 
HETATM 1224 O  O   . HOH E 5 .   ? 9.930   2.087   0.796   1.00 38.58 ? 311 HOH A O   1 
HETATM 1225 O  O   . HOH E 5 .   ? -0.202  10.991  -2.987  1.00 33.04 ? 312 HOH A O   1 
HETATM 1226 O  O   . HOH E 5 .   ? -4.856  -8.291  -7.235  1.00 36.56 ? 313 HOH A O   1 
HETATM 1227 O  O   . HOH E 5 .   ? -4.152  5.926   8.891   1.00 37.05 ? 314 HOH A O   1 
HETATM 1228 O  O   . HOH E 5 .   ? -2.934  -4.581  11.381  1.00 43.26 ? 315 HOH A O   1 
HETATM 1229 O  O   . HOH E 5 .   ? -11.754 -1.815  7.657   1.00 51.74 ? 316 HOH A O   1 
HETATM 1230 O  O   . HOH E 5 .   ? 12.369  4.285   7.932   1.00 42.47 ? 317 HOH A O   1 
HETATM 1231 O  O   . HOH E 5 .   ? 11.374  4.227   -0.543  1.00 37.10 ? 318 HOH A O   1 
HETATM 1232 O  O   . HOH E 5 .   ? 1.111   8.361   -10.974 1.00 37.90 ? 319 HOH A O   1 
HETATM 1233 O  O   . HOH E 5 .   ? 14.953  17.342  4.803   1.00 50.75 ? 320 HOH A O   1 
HETATM 1234 O  O   . HOH E 5 .   ? -1.947  13.248  4.501   1.00 35.13 ? 321 HOH A O   1 
HETATM 1235 O  O   . HOH E 5 .   ? 3.528   -12.436 -12.328 1.00 45.10 ? 322 HOH A O   1 
HETATM 1236 O  O   . HOH E 5 .   ? -5.407  12.175  5.670   1.00 34.37 ? 323 HOH A O   1 
HETATM 1237 O  O   . HOH E 5 .   ? 4.390   -13.494 -2.030  1.00 43.70 ? 324 HOH A O   1 
HETATM 1238 O  O   . HOH E 5 .   ? 7.083   -3.600  7.238   1.00 40.43 ? 325 HOH A O   1 
HETATM 1239 O  O   . HOH E 5 .   ? 1.107   11.542  -0.646  1.00 29.01 ? 326 HOH A O   1 
HETATM 1240 O  O   . HOH E 5 .   ? 8.768   13.311  -4.346  1.00 41.53 ? 327 HOH A O   1 
HETATM 1241 O  O   . HOH E 5 .   ? -4.943  7.858   7.641   1.00 41.65 ? 328 HOH A O   1 
HETATM 1242 O  O   . HOH E 5 .   ? -12.098 6.850   7.433   1.00 47.29 ? 329 HOH A O   1 
HETATM 1243 O  O   . HOH E 5 .   ? 12.443  0.321   -10.721 1.00 45.93 ? 330 HOH A O   1 
HETATM 1244 O  O   . HOH E 5 .   ? 12.255  0.607   -3.404  1.00 37.48 ? 331 HOH A O   1 
HETATM 1245 O  O   . HOH E 5 .   ? 3.157   9.208   15.921  1.00 51.96 ? 332 HOH A O   1 
HETATM 1246 O  O   . HOH E 5 .   ? 5.666   9.292   -11.815 1.00 34.47 ? 333 HOH A O   1 
HETATM 1247 O  O   . HOH E 5 .   ? 13.039  9.858   0.758   1.00 37.84 ? 334 HOH A O   1 
HETATM 1248 O  O   . HOH E 5 .   ? 7.475   13.494  4.896   1.00 35.03 ? 335 HOH A O   1 
HETATM 1249 O  O   . HOH E 5 .   ? 10.062  1.981   -11.102 1.00 33.47 ? 336 HOH A O   1 
HETATM 1250 O  O   . HOH E 5 .   ? -3.903  -11.688 -15.938 1.00 34.68 ? 337 HOH A O   1 
HETATM 1251 O  O   . HOH E 5 .   ? -2.704  -3.605  -14.591 1.00 42.70 ? 338 HOH A O   1 
HETATM 1252 O  O   . HOH E 5 .   ? 2.757   -15.883 -2.924  1.00 45.53 ? 339 HOH A O   1 
HETATM 1253 O  O   . HOH E 5 .   ? 10.155  -6.395  -10.185 1.00 51.87 ? 340 HOH A O   1 
HETATM 1254 O  O   . HOH E 5 .   ? 6.012   -12.949 -9.926  1.00 50.95 ? 341 HOH A O   1 
HETATM 1255 O  O   . HOH E 5 .   ? -6.203  -12.574 -7.557  1.00 33.85 ? 342 HOH A O   1 
HETATM 1256 O  O   . HOH E 5 .   ? 2.693   6.068   -12.730 1.00 37.03 ? 343 HOH A O   1 
HETATM 1257 O  O   . HOH E 5 .   ? 14.210  13.036  -1.699  1.00 45.02 ? 344 HOH A O   1 
HETATM 1258 O  O   . HOH E 5 .   ? 15.702  10.640  -1.385  1.00 46.43 ? 345 HOH A O   1 
HETATM 1259 O  O   . HOH E 5 .   ? 5.014   -1.300  -15.491 1.00 42.51 ? 346 HOH A O   1 
HETATM 1260 O  O   . HOH E 5 .   ? 9.861   -0.068  -15.724 1.00 47.17 ? 347 HOH A O   1 
HETATM 1261 O  O   . HOH E 5 .   ? 4.826   14.265  5.430   1.00 33.74 ? 348 HOH A O   1 
HETATM 1262 O  O   . HOH E 5 .   ? -10.890 2.430   -12.247 1.00 46.62 ? 349 HOH A O   1 
HETATM 1263 O  O   . HOH E 5 .   ? 1.943   -17.529 -9.875  1.00 37.35 ? 350 HOH A O   1 
HETATM 1264 O  O   . HOH E 5 .   ? -7.030  -2.435  17.680  1.00 54.22 ? 351 HOH A O   1 
HETATM 1265 O  O   . HOH E 5 .   ? -11.788 -4.417  -0.483  1.00 46.74 ? 352 HOH A O   1 
HETATM 1266 O  O   . HOH E 5 .   ? 10.483  -7.105  -7.226  1.00 44.54 ? 353 HOH A O   1 
HETATM 1267 O  O   . HOH E 5 .   ? 3.847   11.536  13.978  1.00 41.78 ? 354 HOH A O   1 
HETATM 1268 O  O   . HOH E 5 .   ? 13.807  7.223   -6.457  1.00 40.20 ? 355 HOH A O   1 
HETATM 1269 O  O   . HOH E 5 .   ? 13.005  4.989   -10.360 1.00 40.08 ? 356 HOH A O   1 
HETATM 1270 O  O   . HOH E 5 .   ? 9.159   -7.577  9.057   1.00 55.44 ? 357 HOH A O   1 
HETATM 1271 O  O   . HOH E 5 .   ? -7.691  -0.743  -16.379 1.00 47.61 ? 358 HOH A O   1 
HETATM 1272 O  O   . HOH E 5 .   ? 10.899  4.235   -12.059 1.00 40.38 ? 359 HOH A O   1 
HETATM 1273 O  O   . HOH E 5 .   ? 11.688  10.206  -10.206 1.00 40.56 ? 360 HOH A O   1 
HETATM 1274 O  O   . HOH E 5 .   ? 11.520  7.622   -10.818 1.00 44.66 ? 361 HOH A O   1 
HETATM 1275 O  O   . HOH E 5 .   ? 4.015   17.182  -5.268  1.00 37.11 ? 362 HOH A O   1 
HETATM 1276 O  O   . HOH E 5 .   ? -9.160  7.389   7.921   1.00 40.95 ? 363 HOH A O   1 
HETATM 1277 O  O   . HOH E 5 .   ? 13.406  2.647   -1.898  1.00 39.98 ? 364 HOH A O   1 
HETATM 1278 O  O   . HOH E 5 .   ? 8.622   -3.354  -12.945 1.00 47.88 ? 365 HOH A O   1 
HETATM 1279 O  O   . HOH E 5 .   ? -5.267  11.795  10.971  1.00 50.61 ? 366 HOH A O   1 
HETATM 1280 O  O   . HOH E 5 .   ? 13.474  -9.752  -3.422  1.00 53.35 ? 367 HOH A O   1 
HETATM 1281 O  O   . HOH E 5 .   ? -5.267  -10.218 7.438   1.00 45.92 ? 368 HOH A O   1 
HETATM 1282 O  O   . HOH E 5 .   ? 20.003  3.462   -5.687  1.00 50.74 ? 369 HOH A O   1 
HETATM 1283 O  O   . HOH E 5 .   ? 12.267  10.294  -4.691  1.00 33.98 ? 370 HOH A O   1 
HETATM 1284 O  O   . HOH E 5 .   ? -11.034 13.798  -3.090  1.00 48.11 ? 371 HOH A O   1 
HETATM 1285 O  O   . HOH E 5 .   ? -11.950 12.234  -7.114  1.00 45.20 ? 372 HOH A O   1 
HETATM 1286 O  O   . HOH E 5 .   ? 9.838   14.980  5.730   1.00 48.79 ? 373 HOH A O   1 
HETATM 1287 O  O   . HOH E 5 .   ? -12.033 -3.650  11.050  1.00 55.80 ? 374 HOH A O   1 
HETATM 1288 O  O   . HOH E 5 .   ? -4.111  11.967  -18.034 1.00 51.19 ? 375 HOH A O   1 
HETATM 1289 O  O   . HOH E 5 .   ? -2.774  -8.619  14.986  1.00 59.71 ? 376 HOH A O   1 
HETATM 1290 O  O   . HOH E 5 .   ? 11.940  0.045   1.750   1.00 41.82 ? 377 HOH A O   1 
HETATM 1291 O  O   . HOH E 5 .   ? 12.887  -10.114 -5.774  1.00 54.47 ? 378 HOH A O   1 
HETATM 1292 O  O   . HOH E 5 .   ? -3.437  15.689  4.555   0.50 45.28 ? 379 HOH A O   1 
HETATM 1293 O  O   . HOH E 5 .   ? 3.681   7.624   -14.547 1.00 36.57 ? 380 HOH A O   1 
HETATM 1294 O  O   . HOH E 5 .   ? 7.208   -10.839 -9.493  1.00 44.17 ? 381 HOH A O   1 
# 
